data_4ADL
#
_entry.id   4ADL
#
_cell.length_a   271.530
_cell.length_b   98.130
_cell.length_c   90.000
_cell.angle_alpha   90.00
_cell.angle_beta   101.34
_cell.angle_gamma   90.00
#
_symmetry.space_group_name_H-M   'C 1 2 1'
#
loop_
_entity.id
_entity.type
_entity.pdbx_description
1 polymer 'FUMARATE HYDRATASE CLASS II'
2 non-polymer '(2S)-2-hydroxybutanedioic acid'
3 water water
#
_entity_poly.entity_id   1
_entity_poly.type   'polypeptide(L)'
_entity_poly.pdbx_seq_one_letter_code
;MSYYHHHHHHLESTSLYKKAGSMAVDADSANYRIEHDTMGEVRVPAKALWRAQTQRAVENFPISGRGLERTQIRALGLLK
GACAQVNSDLGLLAPEKADAIIAAAAEIADGQHDDQFPIDVFQTGSGTSSNMNTNEVIASIAAKGGVTLHPNDDVNMSQS
SNDTFPTATHIAATEAAVAHLIPALQQLHDALAAKALDWHTVVKSGRTHLMDAVPVTLGQEFSGYARQIEAGIERVRACL
PRLGELAIGGTAVGTGLNAPDDFGVRVVAVLVAQTGLSELRTAANSFEAQAARDGLVEASGALRTIAVSLTKIANDIRWM
GSGPLTGLAEIQLPDLQPGSSIMPGKVNPVLPEAVTQVAAQVIGNDAAIAWGGANGAFELNVYIPMMARNILESFKLLTN
VSRLFAQRCIAGLTANVEHLRRLAESSPSIVTPLNSAIGYEEAAAVAKQALKERKTIRQTVIDRGLIGDRLSIEDLDRRL
DVLAMAKAEQLDSDR
;
_entity_poly.pdbx_strand_id   A,B,C,D
#
loop_
_chem_comp.id
_chem_comp.type
_chem_comp.name
_chem_comp.formula
LMR non-polymer '(2S)-2-hydroxybutanedioic acid' 'C4 H6 O5'
#
# COMPACT_ATOMS: atom_id res chain seq x y z
N ASN A 31 -14.02 -17.10 -43.07
CA ASN A 31 -13.17 -16.98 -41.90
C ASN A 31 -13.30 -15.56 -41.33
N TYR A 32 -13.00 -14.54 -42.16
CA TYR A 32 -13.08 -13.13 -41.76
C TYR A 32 -13.91 -12.29 -42.76
N ARG A 33 -14.24 -11.06 -42.36
CA ARG A 33 -14.94 -10.05 -43.18
C ARG A 33 -14.22 -8.72 -43.03
N ILE A 34 -14.42 -7.80 -43.98
CA ILE A 34 -13.76 -6.50 -43.95
C ILE A 34 -14.69 -5.45 -43.32
N GLU A 35 -14.15 -4.72 -42.33
CA GLU A 35 -14.80 -3.61 -41.64
C GLU A 35 -13.87 -2.39 -41.74
N HIS A 36 -14.39 -1.18 -41.47
CA HIS A 36 -13.55 0.02 -41.54
C HIS A 36 -13.89 1.08 -40.50
N ASP A 37 -12.88 1.88 -40.15
CA ASP A 37 -12.97 3.05 -39.27
C ASP A 37 -12.23 4.21 -39.96
N THR A 38 -12.07 5.37 -39.28
CA THR A 38 -11.40 6.54 -39.86
C THR A 38 -9.89 6.31 -40.08
N MET A 39 -9.32 5.21 -39.57
CA MET A 39 -7.92 4.86 -39.72
C MET A 39 -7.67 3.84 -40.88
N GLY A 40 -8.75 3.24 -41.40
CA GLY A 40 -8.65 2.28 -42.50
C GLY A 40 -9.41 0.98 -42.32
N GLU A 41 -9.03 -0.04 -43.12
CA GLU A 41 -9.64 -1.38 -43.14
C GLU A 41 -9.07 -2.29 -42.08
N VAL A 42 -9.93 -3.19 -41.54
CA VAL A 42 -9.59 -4.18 -40.51
C VAL A 42 -10.30 -5.51 -40.83
N ARG A 43 -9.57 -6.64 -40.73
CA ARG A 43 -10.12 -7.99 -40.91
C ARG A 43 -10.76 -8.41 -39.58
N VAL A 44 -12.07 -8.67 -39.59
CA VAL A 44 -12.85 -9.04 -38.39
C VAL A 44 -13.38 -10.49 -38.53
N PRO A 45 -13.36 -11.36 -37.47
CA PRO A 45 -13.95 -12.71 -37.63
C PRO A 45 -15.40 -12.67 -38.14
N ALA A 46 -15.72 -13.49 -39.15
CA ALA A 46 -17.00 -13.57 -39.84
C ALA A 46 -18.25 -13.58 -38.93
N LYS A 47 -18.26 -14.38 -37.83
CA LYS A 47 -19.42 -14.51 -36.93
C LYS A 47 -19.42 -13.48 -35.76
N ALA A 48 -18.39 -12.63 -35.65
CA ALA A 48 -18.32 -11.62 -34.59
C ALA A 48 -19.32 -10.48 -34.81
N LEU A 49 -20.01 -10.05 -33.73
CA LEU A 49 -20.97 -8.95 -33.77
C LEU A 49 -20.24 -7.60 -33.61
N TRP A 50 -18.95 -7.64 -33.21
CA TRP A 50 -18.15 -6.43 -33.10
C TRP A 50 -17.59 -6.05 -34.48
N ARG A 51 -17.02 -4.84 -34.62
CA ARG A 51 -16.49 -4.39 -35.92
C ARG A 51 -14.99 -3.97 -35.82
N ALA A 52 -14.54 -3.05 -36.74
CA ALA A 52 -13.17 -2.57 -36.92
C ALA A 52 -12.45 -2.10 -35.65
N GLN A 53 -13.04 -1.18 -34.87
CA GLN A 53 -12.40 -0.61 -33.69
C GLN A 53 -12.24 -1.62 -32.54
N THR A 54 -13.16 -2.59 -32.41
CA THR A 54 -13.04 -3.63 -31.37
C THR A 54 -11.90 -4.56 -31.76
N GLN A 55 -11.82 -4.92 -33.07
CA GLN A 55 -10.77 -5.81 -33.59
C GLN A 55 -9.39 -5.19 -33.40
N ARG A 56 -9.24 -3.86 -33.64
CA ARG A 56 -7.99 -3.16 -33.39
C ARG A 56 -7.59 -3.30 -31.92
N ALA A 57 -8.58 -3.13 -30.99
CA ALA A 57 -8.37 -3.23 -29.55
C ALA A 57 -8.02 -4.68 -29.12
N VAL A 58 -8.57 -5.68 -29.81
CA VAL A 58 -8.24 -7.10 -29.55
C VAL A 58 -6.73 -7.34 -29.82
N GLU A 59 -6.23 -6.76 -30.93
CA GLU A 59 -4.84 -6.92 -31.35
C GLU A 59 -3.88 -5.98 -30.60
N ASN A 60 -4.37 -4.81 -30.15
CA ASN A 60 -3.53 -3.84 -29.44
C ASN A 60 -3.28 -4.21 -28.00
N PHE A 61 -4.28 -4.81 -27.30
CA PHE A 61 -4.14 -5.05 -25.87
C PHE A 61 -4.20 -6.55 -25.41
N PRO A 62 -3.48 -7.54 -26.01
CA PRO A 62 -3.50 -8.90 -25.43
C PRO A 62 -2.56 -8.95 -24.20
N ILE A 63 -3.04 -8.46 -23.04
CA ILE A 63 -2.23 -8.30 -21.83
C ILE A 63 -2.61 -9.27 -20.70
N SER A 64 -3.86 -9.26 -20.23
CA SER A 64 -4.31 -10.11 -19.11
C SER A 64 -5.11 -11.32 -19.57
N GLY A 65 -5.74 -11.23 -20.73
CA GLY A 65 -6.59 -12.29 -21.24
C GLY A 65 -7.97 -12.27 -20.61
N ARG A 66 -8.29 -11.18 -19.90
CA ARG A 66 -9.59 -10.99 -19.23
C ARG A 66 -10.23 -9.68 -19.66
N GLY A 67 -11.53 -9.73 -19.91
CA GLY A 67 -12.31 -8.56 -20.32
C GLY A 67 -13.23 -8.07 -19.25
N LEU A 68 -14.25 -7.28 -19.65
CA LEU A 68 -15.24 -6.73 -18.73
C LEU A 68 -16.07 -7.83 -18.09
N GLU A 69 -16.45 -7.61 -16.83
CA GLU A 69 -17.30 -8.55 -16.09
C GLU A 69 -18.76 -8.39 -16.53
N ARG A 70 -19.61 -9.34 -16.10
CA ARG A 70 -21.05 -9.37 -16.37
C ARG A 70 -21.73 -8.05 -15.92
N THR A 71 -21.37 -7.53 -14.74
CA THR A 71 -21.95 -6.29 -14.18
C THR A 71 -21.58 -5.05 -15.01
N GLN A 72 -20.37 -5.03 -15.59
CA GLN A 72 -19.90 -3.91 -16.42
C GLN A 72 -20.63 -3.88 -17.77
N ILE A 73 -20.84 -5.06 -18.37
CA ILE A 73 -21.55 -5.22 -19.65
C ILE A 73 -23.02 -4.83 -19.42
N ARG A 74 -23.60 -5.24 -18.28
CA ARG A 74 -24.98 -4.91 -17.91
C ARG A 74 -25.16 -3.38 -17.83
N ALA A 75 -24.25 -2.68 -17.10
CA ALA A 75 -24.30 -1.23 -16.92
C ALA A 75 -24.13 -0.48 -18.25
N LEU A 76 -23.26 -0.97 -19.15
CA LEU A 76 -23.07 -0.37 -20.49
C LEU A 76 -24.33 -0.55 -21.33
N GLY A 77 -24.97 -1.71 -21.20
CA GLY A 77 -26.23 -2.03 -21.86
C GLY A 77 -27.34 -1.10 -21.40
N LEU A 78 -27.54 -0.98 -20.06
CA LEU A 78 -28.53 -0.08 -19.46
C LEU A 78 -28.35 1.37 -19.90
N LEU A 79 -27.09 1.86 -19.90
CA LEU A 79 -26.76 3.24 -20.27
C LEU A 79 -27.06 3.55 -21.74
N LYS A 80 -26.64 2.68 -22.68
CA LYS A 80 -26.89 2.86 -24.11
C LYS A 80 -28.39 2.90 -24.43
N GLY A 81 -29.18 2.08 -23.76
CA GLY A 81 -30.63 2.04 -23.89
C GLY A 81 -31.26 3.33 -23.41
N ALA A 82 -30.82 3.81 -22.22
CA ALA A 82 -31.28 5.07 -21.60
C ALA A 82 -30.92 6.28 -22.48
N CYS A 83 -29.70 6.31 -23.07
CA CYS A 83 -29.24 7.39 -23.97
C CYS A 83 -30.12 7.44 -25.24
N ALA A 84 -30.45 6.27 -25.82
CA ALA A 84 -31.31 6.16 -27.01
C ALA A 84 -32.73 6.64 -26.73
N GLN A 85 -33.25 6.33 -25.52
CA GLN A 85 -34.58 6.74 -25.06
C GLN A 85 -34.68 8.27 -25.00
N VAL A 86 -33.66 8.94 -24.43
CA VAL A 86 -33.61 10.39 -24.26
C VAL A 86 -33.41 11.10 -25.61
N ASN A 87 -32.53 10.58 -26.49
CA ASN A 87 -32.32 11.13 -27.84
C ASN A 87 -33.63 11.07 -28.65
N SER A 88 -34.42 10.00 -28.46
CA SER A 88 -35.73 9.78 -29.06
C SER A 88 -36.74 10.77 -28.50
N ASP A 89 -36.78 10.95 -27.16
CA ASP A 89 -37.70 11.89 -26.49
C ASP A 89 -37.48 13.33 -26.95
N LEU A 90 -36.21 13.71 -27.21
CA LEU A 90 -35.84 15.05 -27.64
C LEU A 90 -35.90 15.23 -29.18
N GLY A 91 -36.35 14.18 -29.89
CA GLY A 91 -36.51 14.19 -31.33
C GLY A 91 -35.23 14.31 -32.12
N LEU A 92 -34.12 13.80 -31.56
CA LEU A 92 -32.79 13.87 -32.18
C LEU A 92 -32.45 12.60 -32.95
N LEU A 93 -33.14 11.50 -32.62
CA LEU A 93 -32.95 10.20 -33.24
C LEU A 93 -34.31 9.65 -33.67
N ALA A 94 -34.40 9.12 -34.91
CA ALA A 94 -35.61 8.56 -35.49
C ALA A 94 -36.17 7.44 -34.58
N PRO A 95 -37.52 7.38 -34.37
CA PRO A 95 -38.10 6.38 -33.45
C PRO A 95 -37.71 4.92 -33.70
N GLU A 96 -37.66 4.47 -34.97
CA GLU A 96 -37.32 3.08 -35.30
C GLU A 96 -35.85 2.78 -35.01
N LYS A 97 -34.97 3.77 -35.23
CA LYS A 97 -33.54 3.67 -34.93
C LYS A 97 -33.36 3.55 -33.42
N ALA A 98 -34.12 4.36 -32.65
CA ALA A 98 -34.08 4.36 -31.18
C ALA A 98 -34.63 3.05 -30.63
N ASP A 99 -35.76 2.54 -31.21
CA ASP A 99 -36.39 1.26 -30.82
C ASP A 99 -35.42 0.10 -30.98
N ALA A 100 -34.63 0.09 -32.08
CA ALA A 100 -33.64 -0.94 -32.37
C ALA A 100 -32.48 -0.89 -31.35
N ILE A 101 -32.06 0.32 -30.94
CA ILE A 101 -30.98 0.46 -29.95
C ILE A 101 -31.49 -0.04 -28.59
N ILE A 102 -32.70 0.40 -28.17
CA ILE A 102 -33.30 -0.01 -26.89
C ILE A 102 -33.46 -1.55 -26.85
N ALA A 103 -33.89 -2.17 -27.96
CA ALA A 103 -34.04 -3.63 -28.04
C ALA A 103 -32.69 -4.35 -27.94
N ALA A 104 -31.68 -3.87 -28.70
CA ALA A 104 -30.32 -4.43 -28.70
C ALA A 104 -29.63 -4.24 -27.34
N ALA A 105 -29.78 -3.05 -26.73
CA ALA A 105 -29.18 -2.71 -25.43
C ALA A 105 -29.79 -3.54 -24.28
N ALA A 106 -31.09 -3.90 -24.40
CA ALA A 106 -31.78 -4.75 -23.42
C ALA A 106 -31.21 -6.18 -23.45
N GLU A 107 -30.87 -6.69 -24.66
CA GLU A 107 -30.26 -8.02 -24.85
C GLU A 107 -28.85 -8.06 -24.24
N ILE A 108 -28.09 -6.95 -24.39
CA ILE A 108 -26.74 -6.81 -23.85
C ILE A 108 -26.80 -6.80 -22.32
N ALA A 109 -27.71 -5.98 -21.75
CA ALA A 109 -27.90 -5.87 -20.30
C ALA A 109 -28.38 -7.19 -19.69
N ASP A 110 -29.14 -7.99 -20.46
CA ASP A 110 -29.68 -9.30 -20.05
C ASP A 110 -28.60 -10.40 -20.01
N GLY A 111 -27.49 -10.20 -20.71
CA GLY A 111 -26.37 -11.14 -20.75
C GLY A 111 -26.36 -12.14 -21.90
N GLN A 112 -27.02 -11.79 -23.00
CA GLN A 112 -27.13 -12.61 -24.20
C GLN A 112 -25.90 -12.50 -25.10
N HIS A 113 -25.12 -11.40 -24.99
CA HIS A 113 -23.99 -11.18 -25.88
C HIS A 113 -22.64 -10.92 -25.15
N ASP A 114 -22.43 -11.52 -23.96
CA ASP A 114 -21.19 -11.36 -23.18
C ASP A 114 -19.94 -11.85 -23.93
N ASP A 115 -20.09 -12.88 -24.80
CA ASP A 115 -18.99 -13.41 -25.62
C ASP A 115 -18.64 -12.44 -26.79
N GLN A 116 -19.42 -11.34 -26.94
CA GLN A 116 -19.20 -10.33 -27.97
C GLN A 116 -18.38 -9.13 -27.44
N PHE A 117 -17.83 -9.24 -26.20
CA PHE A 117 -17.02 -8.21 -25.55
C PHE A 117 -15.59 -8.77 -25.25
N PRO A 118 -14.72 -8.88 -26.28
CA PRO A 118 -13.42 -9.54 -26.07
C PRO A 118 -12.24 -8.64 -25.68
N ILE A 119 -12.46 -7.32 -25.56
CA ILE A 119 -11.38 -6.39 -25.25
C ILE A 119 -10.88 -6.56 -23.81
N ASP A 120 -9.55 -6.56 -23.66
CA ASP A 120 -8.87 -6.65 -22.37
C ASP A 120 -9.22 -5.48 -21.46
N VAL A 121 -9.10 -5.71 -20.15
CA VAL A 121 -9.26 -4.68 -19.11
C VAL A 121 -8.18 -3.60 -19.33
N PHE A 122 -6.94 -4.01 -19.67
CA PHE A 122 -5.82 -3.10 -19.82
C PHE A 122 -5.80 -2.53 -21.26
N GLN A 123 -6.79 -1.67 -21.52
CA GLN A 123 -7.02 -0.99 -22.79
C GLN A 123 -6.74 0.52 -22.58
N THR A 124 -7.05 1.35 -23.60
CA THR A 124 -6.98 2.82 -23.50
C THR A 124 -7.73 3.25 -22.22
N GLY A 125 -7.08 4.06 -21.39
CA GLY A 125 -7.55 4.50 -20.08
C GLY A 125 -8.89 5.18 -19.96
N SER A 126 -9.49 5.59 -21.06
CA SER A 126 -10.80 6.21 -21.03
C SER A 126 -11.93 5.18 -21.17
N GLY A 127 -11.57 3.97 -21.62
CA GLY A 127 -12.54 2.92 -21.90
C GLY A 127 -13.20 3.13 -23.26
N THR A 128 -12.54 3.89 -24.18
CA THR A 128 -13.01 4.17 -25.54
C THR A 128 -13.29 2.87 -26.29
N SER A 129 -12.37 1.92 -26.21
CA SER A 129 -12.46 0.63 -26.90
C SER A 129 -13.71 -0.14 -26.47
N SER A 130 -13.98 -0.25 -25.16
CA SER A 130 -15.17 -0.94 -24.65
C SER A 130 -16.47 -0.16 -25.00
N ASN A 131 -16.39 1.20 -25.10
CA ASN A 131 -17.53 2.01 -25.51
C ASN A 131 -17.87 1.71 -26.99
N MET A 132 -16.84 1.66 -27.87
CA MET A 132 -16.99 1.36 -29.29
C MET A 132 -17.45 -0.07 -29.48
N ASN A 133 -17.07 -0.97 -28.56
CA ASN A 133 -17.47 -2.37 -28.55
C ASN A 133 -18.99 -2.46 -28.35
N THR A 134 -19.56 -1.68 -27.41
CA THR A 134 -21.01 -1.65 -27.19
C THR A 134 -21.73 -1.07 -28.42
N ASN A 135 -21.22 0.04 -28.97
CA ASN A 135 -21.77 0.73 -30.15
C ASN A 135 -21.80 -0.18 -31.39
N GLU A 136 -20.70 -0.90 -31.65
CA GLU A 136 -20.57 -1.81 -32.80
C GLU A 136 -21.47 -3.06 -32.66
N VAL A 137 -21.52 -3.66 -31.44
CA VAL A 137 -22.36 -4.84 -31.18
C VAL A 137 -23.85 -4.45 -31.35
N ILE A 138 -24.27 -3.26 -30.83
CA ILE A 138 -25.65 -2.77 -30.98
C ILE A 138 -25.97 -2.57 -32.47
N ALA A 139 -25.04 -1.97 -33.25
CA ALA A 139 -25.20 -1.74 -34.70
C ALA A 139 -25.39 -3.05 -35.46
N SER A 140 -24.66 -4.10 -35.07
CA SER A 140 -24.75 -5.42 -35.73
C SER A 140 -26.05 -6.14 -35.36
N ILE A 141 -26.50 -6.09 -34.08
CA ILE A 141 -27.77 -6.72 -33.65
C ILE A 141 -28.94 -6.08 -34.43
N ALA A 142 -28.98 -4.73 -34.49
CA ALA A 142 -30.02 -3.96 -35.18
C ALA A 142 -30.05 -4.26 -36.69
N ALA A 143 -28.87 -4.51 -37.30
CA ALA A 143 -28.73 -4.85 -38.72
C ALA A 143 -29.41 -6.18 -39.05
N LYS A 144 -29.49 -7.10 -38.05
CA LYS A 144 -30.16 -8.40 -38.19
C LYS A 144 -31.69 -8.22 -38.31
N GLY A 145 -32.18 -7.09 -37.79
CA GLY A 145 -33.60 -6.72 -37.83
C GLY A 145 -33.93 -5.73 -38.93
N GLY A 146 -32.98 -5.49 -39.83
CA GLY A 146 -33.12 -4.60 -40.98
C GLY A 146 -33.01 -3.11 -40.71
N VAL A 147 -32.39 -2.73 -39.58
CA VAL A 147 -32.20 -1.33 -39.19
C VAL A 147 -30.71 -0.98 -39.32
N THR A 148 -30.38 0.08 -40.08
CA THR A 148 -29.00 0.52 -40.30
C THR A 148 -28.64 1.64 -39.32
N LEU A 149 -27.71 1.34 -38.40
CA LEU A 149 -27.22 2.29 -37.40
C LEU A 149 -25.75 2.57 -37.56
N HIS A 150 -25.35 3.84 -37.51
CA HIS A 150 -23.94 4.21 -37.52
C HIS A 150 -23.46 4.10 -36.07
N PRO A 151 -22.37 3.33 -35.79
CA PRO A 151 -21.92 3.17 -34.39
C PRO A 151 -21.61 4.49 -33.67
N ASN A 152 -21.02 5.49 -34.37
CA ASN A 152 -20.73 6.80 -33.79
C ASN A 152 -21.95 7.73 -33.84
N ASP A 153 -22.44 8.05 -35.05
CA ASP A 153 -23.53 9.00 -35.30
C ASP A 153 -24.88 8.64 -34.66
N ASP A 154 -25.23 7.34 -34.51
CA ASP A 154 -26.53 6.95 -33.97
C ASP A 154 -26.46 6.37 -32.55
N VAL A 155 -25.68 5.29 -32.34
CA VAL A 155 -25.58 4.60 -31.05
C VAL A 155 -24.82 5.48 -30.02
N ASN A 156 -23.85 6.28 -30.48
CA ASN A 156 -23.06 7.14 -29.59
C ASN A 156 -23.55 8.60 -29.63
N MET A 157 -24.79 8.84 -30.11
CA MET A 157 -25.37 10.19 -30.22
C MET A 157 -25.43 10.86 -28.84
N SER A 158 -24.96 12.14 -28.78
CA SER A 158 -24.92 13.01 -27.59
C SER A 158 -23.96 12.48 -26.53
N GLN A 159 -23.08 11.54 -26.91
CA GLN A 159 -22.18 10.88 -25.96
C GLN A 159 -20.69 10.99 -26.31
N SER A 160 -19.88 10.60 -25.33
CA SER A 160 -18.43 10.47 -25.37
C SER A 160 -18.07 9.27 -24.49
N SER A 161 -16.89 8.66 -24.70
CA SER A 161 -16.45 7.55 -23.82
C SER A 161 -16.05 8.11 -22.47
N ASN A 162 -15.64 9.41 -22.48
CA ASN A 162 -15.17 10.17 -21.33
C ASN A 162 -16.27 10.40 -20.30
N ASP A 163 -17.55 10.37 -20.72
CA ASP A 163 -18.63 10.51 -19.76
C ASP A 163 -19.38 9.17 -19.61
N THR A 164 -19.47 8.33 -20.69
CA THR A 164 -20.22 7.05 -20.63
C THR A 164 -19.47 5.92 -19.90
N PHE A 165 -18.17 5.69 -20.19
CA PHE A 165 -17.46 4.60 -19.51
C PHE A 165 -17.36 4.86 -17.97
N PRO A 166 -17.02 6.06 -17.45
CA PRO A 166 -17.07 6.24 -15.98
C PRO A 166 -18.50 6.18 -15.43
N THR A 167 -19.54 6.55 -16.25
CA THR A 167 -20.95 6.48 -15.84
C THR A 167 -21.33 5.01 -15.62
N ALA A 168 -21.03 4.14 -16.59
CA ALA A 168 -21.31 2.69 -16.50
C ALA A 168 -20.55 2.09 -15.30
N THR A 169 -19.32 2.56 -15.03
CA THR A 169 -18.51 2.10 -13.89
C THR A 169 -19.22 2.47 -12.57
N HIS A 170 -19.65 3.74 -12.43
CA HIS A 170 -20.32 4.22 -11.23
C HIS A 170 -21.72 3.62 -11.07
N ILE A 171 -22.40 3.24 -12.18
CA ILE A 171 -23.70 2.53 -12.11
C ILE A 171 -23.45 1.15 -11.50
N ALA A 172 -22.42 0.44 -12.02
CA ALA A 172 -22.07 -0.91 -11.58
C ALA A 172 -21.65 -0.95 -10.10
N ALA A 173 -20.82 0.01 -9.66
CA ALA A 173 -20.33 0.12 -8.29
C ALA A 173 -21.46 0.48 -7.32
N THR A 174 -22.38 1.41 -7.70
CA THR A 174 -23.53 1.80 -6.89
C THR A 174 -24.47 0.61 -6.71
N GLU A 175 -24.76 -0.13 -7.81
CA GLU A 175 -25.60 -1.32 -7.75
C GLU A 175 -24.98 -2.39 -6.85
N ALA A 176 -23.66 -2.63 -7.01
CA ALA A 176 -22.94 -3.61 -6.19
C ALA A 176 -23.01 -3.25 -4.69
N ALA A 177 -22.90 -1.96 -4.36
CA ALA A 177 -22.98 -1.47 -2.99
C ALA A 177 -24.38 -1.66 -2.36
N VAL A 178 -25.42 -1.19 -3.06
CA VAL A 178 -26.81 -1.12 -2.58
C VAL A 178 -27.55 -2.46 -2.71
N ALA A 179 -27.54 -3.08 -3.89
CA ALA A 179 -28.33 -4.29 -4.11
C ALA A 179 -27.62 -5.58 -3.66
N HIS A 180 -26.29 -5.55 -3.47
CA HIS A 180 -25.57 -6.79 -3.14
C HIS A 180 -24.74 -6.75 -1.85
N LEU A 181 -23.80 -5.80 -1.70
CA LEU A 181 -22.94 -5.78 -0.52
C LEU A 181 -23.71 -5.47 0.80
N ILE A 182 -24.51 -4.39 0.85
CA ILE A 182 -25.23 -4.03 2.08
C ILE A 182 -26.14 -5.21 2.53
N PRO A 183 -26.97 -5.86 1.68
CA PRO A 183 -27.76 -7.02 2.17
C PRO A 183 -26.90 -8.18 2.67
N ALA A 184 -25.73 -8.45 2.04
CA ALA A 184 -24.81 -9.51 2.47
C ALA A 184 -24.22 -9.19 3.87
N LEU A 185 -23.78 -7.93 4.09
CA LEU A 185 -23.25 -7.46 5.38
C LEU A 185 -24.35 -7.50 6.45
N GLN A 186 -25.62 -7.20 6.07
CA GLN A 186 -26.76 -7.23 6.98
C GLN A 186 -27.00 -8.68 7.45
N GLN A 187 -26.88 -9.65 6.54
CA GLN A 187 -27.00 -11.07 6.81
C GLN A 187 -25.89 -11.54 7.80
N LEU A 188 -24.66 -11.03 7.62
CA LEU A 188 -23.52 -11.33 8.50
C LEU A 188 -23.73 -10.70 9.88
N HIS A 189 -24.15 -9.42 9.93
CA HIS A 189 -24.46 -8.73 11.17
C HIS A 189 -25.49 -9.51 11.99
N ASP A 190 -26.58 -9.95 11.34
CA ASP A 190 -27.69 -10.67 11.97
C ASP A 190 -27.23 -12.01 12.55
N ALA A 191 -26.33 -12.72 11.87
CA ALA A 191 -25.79 -13.99 12.35
C ALA A 191 -24.91 -13.75 13.59
N LEU A 192 -24.10 -12.68 13.58
CA LEU A 192 -23.22 -12.32 14.69
C LEU A 192 -24.01 -11.85 15.91
N ALA A 193 -25.06 -11.03 15.69
CA ALA A 193 -25.93 -10.50 16.75
C ALA A 193 -26.75 -11.63 17.39
N ALA A 194 -27.15 -12.66 16.61
CA ALA A 194 -27.89 -13.82 17.14
C ALA A 194 -27.01 -14.64 18.10
N LYS A 195 -25.71 -14.80 17.76
CA LYS A 195 -24.74 -15.49 18.62
C LYS A 195 -24.49 -14.68 19.89
N ALA A 196 -24.43 -13.33 19.78
CA ALA A 196 -24.25 -12.41 20.91
C ALA A 196 -25.41 -12.54 21.91
N LEU A 197 -26.62 -12.81 21.41
CA LEU A 197 -27.81 -13.01 22.23
C LEU A 197 -27.77 -14.41 22.89
N ASP A 198 -27.54 -15.48 22.08
CA ASP A 198 -27.46 -16.85 22.58
C ASP A 198 -26.38 -17.05 23.66
N TRP A 199 -25.23 -16.36 23.49
CA TRP A 199 -24.07 -16.49 24.36
C TRP A 199 -23.93 -15.33 25.35
N HIS A 200 -25.05 -14.64 25.66
CA HIS A 200 -25.11 -13.51 26.58
C HIS A 200 -24.49 -13.81 27.96
N THR A 201 -24.69 -15.03 28.52
CA THR A 201 -24.18 -15.39 29.85
C THR A 201 -23.06 -16.44 29.78
N VAL A 202 -22.48 -16.65 28.60
CA VAL A 202 -21.40 -17.62 28.44
C VAL A 202 -20.09 -16.90 28.84
N VAL A 203 -19.78 -16.96 30.13
CA VAL A 203 -18.61 -16.31 30.73
C VAL A 203 -17.32 -17.03 30.27
N LYS A 204 -16.26 -16.24 30.10
CA LYS A 204 -14.95 -16.68 29.68
C LYS A 204 -13.92 -15.66 30.14
N SER A 205 -12.64 -15.97 29.94
CA SER A 205 -11.59 -15.03 30.31
C SER A 205 -11.33 -14.08 29.15
N GLY A 206 -11.24 -12.80 29.48
CA GLY A 206 -10.86 -11.78 28.52
C GLY A 206 -9.36 -11.91 28.26
N ARG A 207 -8.90 -11.42 27.10
CA ARG A 207 -7.49 -11.47 26.72
C ARG A 207 -7.05 -10.16 26.13
N THR A 208 -6.01 -9.56 26.71
CA THR A 208 -5.41 -8.31 26.20
C THR A 208 -3.92 -8.58 26.08
N HIS A 209 -3.32 -8.20 24.92
CA HIS A 209 -1.90 -8.46 24.62
C HIS A 209 -1.65 -9.97 24.55
N LEU A 210 -2.74 -10.78 24.40
CA LEU A 210 -2.77 -12.26 24.36
C LEU A 210 -2.60 -12.83 25.78
N MET A 211 -2.63 -11.96 26.79
CA MET A 211 -2.43 -12.40 28.18
C MET A 211 -3.74 -12.43 28.95
N ASP A 212 -3.82 -13.28 30.01
CA ASP A 212 -4.99 -13.47 30.90
C ASP A 212 -5.49 -12.13 31.44
N ALA A 213 -6.74 -11.80 31.16
CA ALA A 213 -7.33 -10.54 31.63
C ALA A 213 -8.59 -10.81 32.47
N VAL A 214 -9.43 -9.81 32.69
CA VAL A 214 -10.63 -9.97 33.50
C VAL A 214 -11.75 -10.68 32.69
N PRO A 215 -12.79 -11.26 33.35
CA PRO A 215 -13.84 -11.97 32.60
C PRO A 215 -14.68 -11.10 31.65
N VAL A 216 -15.13 -11.75 30.58
CA VAL A 216 -16.04 -11.26 29.53
C VAL A 216 -17.00 -12.40 29.21
N THR A 217 -18.00 -12.13 28.39
CA THR A 217 -18.85 -13.19 27.89
C THR A 217 -18.56 -13.31 26.41
N LEU A 218 -18.77 -14.51 25.85
CA LEU A 218 -18.62 -14.75 24.44
C LEU A 218 -19.64 -13.87 23.67
N GLY A 219 -20.81 -13.62 24.28
CA GLY A 219 -21.84 -12.74 23.75
C GLY A 219 -21.38 -11.31 23.58
N GLN A 220 -20.63 -10.78 24.58
CA GLN A 220 -20.05 -9.43 24.55
C GLN A 220 -19.05 -9.27 23.39
N GLU A 221 -18.22 -10.28 23.13
CA GLU A 221 -17.26 -10.25 22.02
C GLU A 221 -17.96 -10.25 20.67
N PHE A 222 -19.04 -11.04 20.56
CA PHE A 222 -19.83 -11.16 19.33
C PHE A 222 -20.66 -9.89 19.06
N SER A 223 -21.04 -9.14 20.13
CA SER A 223 -21.72 -7.85 19.99
C SER A 223 -20.72 -6.83 19.41
N GLY A 224 -19.45 -6.99 19.76
CA GLY A 224 -18.33 -6.20 19.25
C GLY A 224 -18.14 -6.42 17.77
N TYR A 225 -18.15 -7.71 17.34
CA TYR A 225 -18.03 -8.09 15.94
C TYR A 225 -19.24 -7.59 15.14
N ALA A 226 -20.47 -7.72 15.72
CA ALA A 226 -21.70 -7.25 15.08
C ALA A 226 -21.65 -5.73 14.85
N ARG A 227 -21.12 -4.96 15.84
CA ARG A 227 -20.99 -3.51 15.70
C ARG A 227 -20.02 -3.16 14.55
N GLN A 228 -18.90 -3.89 14.44
CA GLN A 228 -17.91 -3.70 13.36
C GLN A 228 -18.57 -3.80 11.98
N ILE A 229 -19.46 -4.79 11.79
CA ILE A 229 -20.17 -5.01 10.53
C ILE A 229 -21.25 -3.92 10.34
N GLU A 230 -21.98 -3.57 11.40
CA GLU A 230 -22.97 -2.49 11.39
C GLU A 230 -22.31 -1.15 11.00
N ALA A 231 -21.11 -0.84 11.55
CA ALA A 231 -20.33 0.36 11.22
C ALA A 231 -19.83 0.28 9.77
N GLY A 232 -19.60 -0.95 9.27
CA GLY A 232 -19.21 -1.22 7.89
C GLY A 232 -20.29 -0.79 6.91
N ILE A 233 -21.57 -1.11 7.23
CA ILE A 233 -22.74 -0.73 6.42
C ILE A 233 -22.85 0.82 6.43
N GLU A 234 -22.69 1.44 7.61
CA GLU A 234 -22.70 2.89 7.80
C GLU A 234 -21.66 3.58 6.89
N ARG A 235 -20.47 2.98 6.78
CA ARG A 235 -19.35 3.45 5.96
C ARG A 235 -19.71 3.40 4.48
N VAL A 236 -20.35 2.31 4.02
CA VAL A 236 -20.77 2.16 2.61
C VAL A 236 -21.84 3.22 2.30
N ARG A 237 -22.84 3.36 3.18
CA ARG A 237 -23.93 4.33 3.01
C ARG A 237 -23.39 5.78 2.97
N ALA A 238 -22.38 6.12 3.79
CA ALA A 238 -21.78 7.46 3.83
C ALA A 238 -21.04 7.84 2.52
N CYS A 239 -20.55 6.84 1.75
CA CYS A 239 -19.84 7.13 0.50
C CYS A 239 -20.81 7.26 -0.72
N LEU A 240 -22.05 6.70 -0.63
CA LEU A 240 -23.06 6.68 -1.69
C LEU A 240 -23.38 8.05 -2.32
N PRO A 241 -23.47 9.21 -1.58
CA PRO A 241 -23.74 10.49 -2.26
C PRO A 241 -22.70 10.88 -3.32
N ARG A 242 -21.46 10.36 -3.23
CA ARG A 242 -20.42 10.67 -4.21
C ARG A 242 -20.16 9.49 -5.15
N LEU A 243 -20.35 8.23 -4.67
CA LEU A 243 -20.21 7.04 -5.53
C LEU A 243 -21.29 7.03 -6.62
N GLY A 244 -22.51 7.47 -6.27
CA GLY A 244 -23.63 7.50 -7.19
C GLY A 244 -23.59 8.60 -8.25
N GLU A 245 -22.62 9.54 -8.14
CA GLU A 245 -22.47 10.66 -9.08
C GLU A 245 -22.04 10.17 -10.47
N LEU A 246 -22.82 10.53 -11.49
CA LEU A 246 -22.61 10.10 -12.88
C LEU A 246 -22.17 11.27 -13.75
N ALA A 247 -21.20 11.02 -14.65
CA ALA A 247 -20.62 12.03 -15.55
C ALA A 247 -21.45 12.27 -16.82
N ILE A 248 -22.42 11.37 -17.12
CA ILE A 248 -23.27 11.44 -18.32
C ILE A 248 -23.79 12.87 -18.58
N GLY A 249 -23.58 13.33 -19.82
CA GLY A 249 -23.94 14.69 -20.24
C GLY A 249 -22.76 15.61 -20.43
N GLY A 250 -21.65 15.34 -19.75
CA GLY A 250 -20.44 16.16 -19.83
C GLY A 250 -19.64 16.03 -21.12
N THR A 251 -19.89 14.97 -21.90
CA THR A 251 -19.26 14.62 -23.18
C THR A 251 -17.72 14.59 -23.06
N ALA A 252 -16.98 15.10 -24.09
CA ALA A 252 -15.51 15.00 -24.20
C ALA A 252 -14.68 15.56 -23.03
N VAL A 253 -14.98 16.77 -22.54
CA VAL A 253 -14.14 17.41 -21.51
C VAL A 253 -14.92 17.88 -20.27
N GLY A 254 -16.24 17.71 -20.29
CA GLY A 254 -17.13 18.11 -19.19
C GLY A 254 -17.99 19.32 -19.52
N THR A 255 -17.76 19.96 -20.68
CA THR A 255 -18.52 21.15 -21.11
C THR A 255 -19.93 20.81 -21.67
N GLY A 256 -20.15 19.53 -21.98
CA GLY A 256 -21.42 19.08 -22.55
C GLY A 256 -21.62 19.38 -24.03
N LEU A 257 -20.53 19.79 -24.74
CA LEU A 257 -20.53 20.07 -26.17
C LEU A 257 -21.03 18.84 -26.96
N ASN A 258 -21.96 19.05 -27.93
CA ASN A 258 -22.57 18.04 -28.81
C ASN A 258 -23.63 17.19 -28.08
N ALA A 259 -24.14 17.69 -26.96
CA ALA A 259 -25.21 17.04 -26.21
C ALA A 259 -26.22 18.08 -25.77
N PRO A 260 -27.54 17.75 -25.68
CA PRO A 260 -28.52 18.73 -25.17
C PRO A 260 -28.19 19.13 -23.73
N ASP A 261 -28.56 20.35 -23.33
CA ASP A 261 -28.26 20.90 -22.00
C ASP A 261 -28.78 20.04 -20.83
N ASP A 262 -29.95 19.39 -21.00
CA ASP A 262 -30.55 18.55 -19.94
C ASP A 262 -30.36 17.04 -20.22
N PHE A 263 -29.42 16.66 -21.11
CA PHE A 263 -29.19 15.26 -21.48
C PHE A 263 -28.87 14.39 -20.24
N GLY A 264 -27.96 14.89 -19.40
CA GLY A 264 -27.54 14.22 -18.18
C GLY A 264 -28.66 13.94 -17.18
N VAL A 265 -29.46 14.98 -16.83
CA VAL A 265 -30.55 14.84 -15.86
C VAL A 265 -31.63 13.87 -16.39
N ARG A 266 -31.93 13.90 -17.71
CA ARG A 266 -32.91 13.05 -18.36
C ARG A 266 -32.46 11.59 -18.40
N VAL A 267 -31.16 11.32 -18.68
CA VAL A 267 -30.60 9.97 -18.73
C VAL A 267 -30.63 9.36 -17.30
N VAL A 268 -30.17 10.13 -16.30
CA VAL A 268 -30.15 9.70 -14.89
C VAL A 268 -31.59 9.33 -14.45
N ALA A 269 -32.60 10.15 -14.80
CA ALA A 269 -34.01 9.89 -14.45
C ALA A 269 -34.49 8.55 -15.02
N VAL A 270 -34.13 8.22 -16.28
CA VAL A 270 -34.48 6.94 -16.92
C VAL A 270 -33.79 5.80 -16.15
N LEU A 271 -32.48 5.95 -15.83
CA LEU A 271 -31.69 4.94 -15.10
C LEU A 271 -32.24 4.67 -13.69
N VAL A 272 -32.63 5.72 -12.96
CA VAL A 272 -33.19 5.60 -11.61
C VAL A 272 -34.52 4.84 -11.68
N ALA A 273 -35.38 5.18 -12.66
CA ALA A 273 -36.70 4.54 -12.86
C ALA A 273 -36.56 3.05 -13.20
N GLN A 274 -35.58 2.68 -14.04
CA GLN A 274 -35.35 1.30 -14.48
C GLN A 274 -34.65 0.41 -13.44
N THR A 275 -33.70 0.95 -12.67
CA THR A 275 -32.92 0.17 -11.70
C THR A 275 -33.48 0.23 -10.27
N GLY A 276 -34.24 1.26 -9.96
CA GLY A 276 -34.74 1.48 -8.60
C GLY A 276 -33.65 2.05 -7.70
N LEU A 277 -32.49 2.44 -8.28
CA LEU A 277 -31.35 2.99 -7.54
C LEU A 277 -31.44 4.51 -7.43
N SER A 278 -32.09 5.00 -6.37
CA SER A 278 -32.27 6.43 -6.09
C SER A 278 -30.93 7.12 -5.76
N GLU A 279 -29.88 6.34 -5.44
CA GLU A 279 -28.53 6.83 -5.15
C GLU A 279 -27.84 7.37 -6.42
N LEU A 280 -28.33 7.00 -7.63
CA LEU A 280 -27.76 7.49 -8.89
C LEU A 280 -28.14 8.96 -9.07
N ARG A 281 -27.15 9.82 -9.32
CA ARG A 281 -27.42 11.26 -9.49
C ARG A 281 -26.46 11.89 -10.47
N THR A 282 -26.80 13.09 -10.98
CA THR A 282 -25.88 13.84 -11.84
C THR A 282 -24.75 14.38 -10.97
N ALA A 283 -23.55 14.48 -11.53
CA ALA A 283 -22.41 14.99 -10.78
C ALA A 283 -22.63 16.45 -10.39
N ALA A 284 -22.13 16.83 -9.20
CA ALA A 284 -22.18 18.20 -8.67
C ALA A 284 -21.39 19.15 -9.58
N ASN A 285 -20.25 18.67 -10.11
CA ASN A 285 -19.37 19.41 -11.02
C ASN A 285 -18.97 18.47 -12.14
N SER A 286 -19.32 18.84 -13.37
CA SER A 286 -19.10 18.03 -14.57
C SER A 286 -17.61 17.87 -14.95
N PHE A 287 -16.73 18.77 -14.47
CA PHE A 287 -15.29 18.72 -14.74
C PHE A 287 -14.59 17.76 -13.77
N GLU A 288 -14.92 17.84 -12.46
CA GLU A 288 -14.43 16.93 -11.42
C GLU A 288 -14.84 15.47 -11.75
N ALA A 289 -16.05 15.28 -12.30
CA ALA A 289 -16.62 13.96 -12.64
C ALA A 289 -15.87 13.22 -13.75
N GLN A 290 -15.04 13.94 -14.54
CA GLN A 290 -14.30 13.34 -15.66
C GLN A 290 -12.79 13.42 -15.46
N ALA A 291 -12.29 14.51 -14.84
CA ALA A 291 -10.87 14.73 -14.54
C ALA A 291 -10.38 13.82 -13.41
N ALA A 292 -11.31 13.37 -12.54
CA ALA A 292 -10.98 12.54 -11.40
C ALA A 292 -11.97 11.38 -11.24
N ARG A 293 -11.57 10.34 -10.52
CA ARG A 293 -12.39 9.18 -10.17
C ARG A 293 -12.35 9.03 -8.63
N ASP A 294 -12.38 10.18 -7.93
CA ASP A 294 -12.27 10.30 -6.46
C ASP A 294 -13.37 9.54 -5.71
N GLY A 295 -14.55 9.39 -6.32
CA GLY A 295 -15.68 8.63 -5.77
C GLY A 295 -15.37 7.14 -5.64
N LEU A 296 -14.56 6.59 -6.57
CA LEU A 296 -14.13 5.18 -6.50
C LEU A 296 -13.05 5.00 -5.43
N VAL A 297 -12.11 5.98 -5.29
CA VAL A 297 -11.04 5.95 -4.26
C VAL A 297 -11.72 5.99 -2.86
N GLU A 298 -12.73 6.86 -2.70
CA GLU A 298 -13.51 7.00 -1.47
C GLU A 298 -14.24 5.69 -1.11
N ALA A 299 -14.97 5.10 -2.08
CA ALA A 299 -15.71 3.85 -1.90
C ALA A 299 -14.77 2.68 -1.56
N SER A 300 -13.58 2.64 -2.17
CA SER A 300 -12.59 1.59 -1.90
C SER A 300 -12.10 1.65 -0.45
N GLY A 301 -11.94 2.87 0.09
CA GLY A 301 -11.56 3.13 1.47
C GLY A 301 -12.54 2.53 2.46
N ALA A 302 -13.85 2.58 2.14
CA ALA A 302 -14.88 1.96 2.97
C ALA A 302 -14.76 0.43 2.90
N LEU A 303 -14.49 -0.13 1.69
CA LEU A 303 -14.32 -1.57 1.46
C LEU A 303 -13.08 -2.10 2.18
N ARG A 304 -12.01 -1.30 2.18
CA ARG A 304 -10.75 -1.59 2.85
C ARG A 304 -10.96 -1.66 4.39
N THR A 305 -11.76 -0.75 4.98
CA THR A 305 -12.08 -0.74 6.41
C THR A 305 -12.88 -2.02 6.78
N ILE A 306 -13.83 -2.44 5.91
CA ILE A 306 -14.62 -3.66 6.10
C ILE A 306 -13.66 -4.86 6.11
N ALA A 307 -12.69 -4.90 5.16
CA ALA A 307 -11.65 -5.93 5.08
C ALA A 307 -10.83 -5.97 6.39
N VAL A 308 -10.51 -4.79 6.95
CA VAL A 308 -9.79 -4.63 8.23
C VAL A 308 -10.66 -5.21 9.39
N SER A 309 -11.97 -4.89 9.43
CA SER A 309 -12.91 -5.42 10.44
C SER A 309 -13.06 -6.94 10.31
N LEU A 310 -13.20 -7.45 9.06
CA LEU A 310 -13.35 -8.87 8.79
C LEU A 310 -12.12 -9.67 9.17
N THR A 311 -10.89 -9.09 9.03
CA THR A 311 -9.65 -9.75 9.41
C THR A 311 -9.68 -10.04 10.93
N LYS A 312 -10.03 -9.04 11.75
CA LYS A 312 -10.09 -9.16 13.21
C LYS A 312 -11.11 -10.23 13.62
N ILE A 313 -12.32 -10.19 13.05
CA ILE A 313 -13.41 -11.13 13.36
C ILE A 313 -12.99 -12.57 12.96
N ALA A 314 -12.50 -12.77 11.72
CA ALA A 314 -12.08 -14.10 11.23
C ALA A 314 -10.90 -14.65 12.03
N ASN A 315 -9.91 -13.80 12.39
CA ASN A 315 -8.74 -14.22 13.18
C ASN A 315 -9.12 -14.67 14.58
N ASP A 316 -10.00 -13.91 15.25
CA ASP A 316 -10.50 -14.26 16.58
C ASP A 316 -11.26 -15.59 16.55
N ILE A 317 -12.11 -15.82 15.53
CA ILE A 317 -12.90 -17.04 15.41
C ILE A 317 -11.98 -18.28 15.16
N ARG A 318 -11.01 -18.19 14.24
CA ARG A 318 -10.11 -19.32 14.00
C ARG A 318 -9.23 -19.60 15.24
N TRP A 319 -8.87 -18.55 16.02
CA TRP A 319 -8.09 -18.73 17.25
C TRP A 319 -8.98 -19.33 18.34
N MET A 320 -10.27 -18.93 18.41
CA MET A 320 -11.19 -19.50 19.41
C MET A 320 -11.43 -21.01 19.14
N GLY A 321 -11.40 -21.41 17.87
CA GLY A 321 -11.58 -22.80 17.47
C GLY A 321 -10.28 -23.59 17.35
N SER A 322 -9.13 -22.95 17.67
CA SER A 322 -7.80 -23.56 17.53
C SER A 322 -7.60 -24.78 18.45
N GLY A 323 -6.72 -25.67 17.99
CA GLY A 323 -6.34 -26.87 18.71
C GLY A 323 -7.00 -28.13 18.19
N PRO A 324 -7.79 -28.85 19.02
CA PRO A 324 -8.24 -28.50 20.39
C PRO A 324 -7.15 -28.57 21.46
N LEU A 325 -6.32 -29.63 21.45
CA LEU A 325 -5.29 -29.91 22.45
C LEU A 325 -4.22 -28.81 22.58
N THR A 326 -3.68 -28.29 21.47
CA THR A 326 -2.60 -27.31 21.48
C THR A 326 -3.07 -25.86 21.37
N GLY A 327 -4.39 -25.65 21.30
CA GLY A 327 -4.97 -24.32 21.15
C GLY A 327 -5.83 -23.83 22.30
N LEU A 328 -6.77 -22.91 21.99
CA LEU A 328 -7.66 -22.30 22.97
C LEU A 328 -8.91 -23.15 23.19
N ALA A 329 -9.34 -23.89 22.14
CA ALA A 329 -10.47 -24.84 22.17
C ALA A 329 -11.74 -24.24 22.85
N GLU A 330 -12.02 -22.96 22.55
CA GLU A 330 -13.15 -22.22 23.13
C GLU A 330 -14.45 -22.55 22.44
N ILE A 331 -14.42 -22.62 21.10
CA ILE A 331 -15.59 -22.89 20.27
C ILE A 331 -15.26 -23.99 19.26
N GLN A 332 -16.31 -24.49 18.60
CA GLN A 332 -16.20 -25.49 17.55
C GLN A 332 -16.83 -24.93 16.29
N LEU A 333 -16.05 -24.92 15.21
CA LEU A 333 -16.49 -24.45 13.89
C LEU A 333 -17.16 -25.62 13.13
N PRO A 334 -18.23 -25.39 12.34
CA PRO A 334 -18.82 -26.51 11.58
C PRO A 334 -17.81 -27.07 10.57
N ASP A 335 -17.77 -28.41 10.43
CA ASP A 335 -16.90 -29.12 9.49
C ASP A 335 -17.40 -28.90 8.07
N LEU A 336 -16.55 -28.40 7.17
CA LEU A 336 -17.00 -28.12 5.81
C LEU A 336 -16.34 -29.04 4.77
N GLN A 337 -15.21 -29.65 5.10
CA GLN A 337 -14.47 -30.57 4.20
C GLN A 337 -13.30 -31.24 4.92
N PRO A 338 -12.86 -32.45 4.53
CA PRO A 338 -11.67 -33.04 5.18
C PRO A 338 -10.43 -32.13 5.05
N GLY A 339 -9.66 -32.04 6.14
CA GLY A 339 -8.46 -31.23 6.21
C GLY A 339 -7.18 -32.01 5.99
N SER A 340 -7.16 -33.27 6.49
CA SER A 340 -5.99 -34.16 6.41
C SER A 340 -6.37 -35.65 6.39
N SER A 341 -5.59 -36.45 5.64
CA SER A 341 -5.70 -37.90 5.56
C SER A 341 -4.60 -38.52 6.45
N ILE A 342 -3.40 -37.90 6.47
CA ILE A 342 -2.24 -38.29 7.27
C ILE A 342 -2.56 -38.14 8.77
N MET A 343 -3.25 -37.04 9.14
CA MET A 343 -3.70 -36.74 10.50
C MET A 343 -5.23 -36.94 10.53
N PRO A 344 -5.71 -38.16 10.91
CA PRO A 344 -7.16 -38.45 10.84
C PRO A 344 -8.04 -37.54 11.68
N GLY A 345 -9.14 -37.08 11.08
CA GLY A 345 -10.13 -36.22 11.72
C GLY A 345 -9.77 -34.76 11.87
N LYS A 346 -8.60 -34.32 11.32
CA LYS A 346 -8.18 -32.91 11.41
C LYS A 346 -9.02 -32.05 10.47
N VAL A 347 -9.79 -31.11 11.05
CA VAL A 347 -10.66 -30.20 10.30
C VAL A 347 -10.15 -28.76 10.52
N ASN A 348 -9.94 -28.04 9.42
CA ASN A 348 -9.37 -26.71 9.46
C ASN A 348 -10.39 -25.56 9.33
N PRO A 349 -10.08 -24.35 9.89
CA PRO A 349 -11.01 -23.21 9.75
C PRO A 349 -10.95 -22.62 8.34
N VAL A 350 -11.52 -23.33 7.35
CA VAL A 350 -11.44 -22.97 5.94
C VAL A 350 -12.16 -21.65 5.58
N LEU A 351 -13.30 -21.32 6.21
CA LEU A 351 -14.01 -20.08 5.91
C LEU A 351 -13.27 -18.87 6.50
N PRO A 352 -12.81 -18.84 7.79
CA PRO A 352 -11.96 -17.71 8.23
C PRO A 352 -10.74 -17.49 7.31
N GLU A 353 -10.15 -18.58 6.76
CA GLU A 353 -9.00 -18.52 5.83
C GLU A 353 -9.40 -17.83 4.52
N ALA A 354 -10.61 -18.14 4.00
CA ALA A 354 -11.14 -17.54 2.79
C ALA A 354 -11.43 -16.05 3.03
N VAL A 355 -11.95 -15.69 4.21
CA VAL A 355 -12.26 -14.31 4.62
C VAL A 355 -10.96 -13.47 4.68
N THR A 356 -9.91 -13.96 5.40
CA THR A 356 -8.65 -13.20 5.56
C THR A 356 -7.86 -13.06 4.24
N GLN A 357 -7.98 -14.03 3.33
CA GLN A 357 -7.36 -13.98 2.01
C GLN A 357 -8.10 -12.97 1.12
N VAL A 358 -9.44 -12.94 1.20
CA VAL A 358 -10.27 -11.96 0.49
C VAL A 358 -9.91 -10.55 0.98
N ALA A 359 -9.73 -10.37 2.31
CA ALA A 359 -9.38 -9.11 2.94
C ALA A 359 -8.04 -8.60 2.42
N ALA A 360 -7.05 -9.52 2.26
CA ALA A 360 -5.74 -9.20 1.68
C ALA A 360 -5.91 -8.69 0.23
N GLN A 361 -6.77 -9.37 -0.57
CA GLN A 361 -7.04 -8.97 -1.95
C GLN A 361 -7.67 -7.55 -2.04
N VAL A 362 -8.63 -7.22 -1.12
CA VAL A 362 -9.32 -5.93 -1.03
C VAL A 362 -8.28 -4.84 -0.70
N ILE A 363 -7.33 -5.13 0.22
CA ILE A 363 -6.23 -4.22 0.59
C ILE A 363 -5.40 -3.91 -0.67
N GLY A 364 -5.02 -4.95 -1.41
CA GLY A 364 -4.26 -4.83 -2.64
C GLY A 364 -4.97 -4.02 -3.71
N ASN A 365 -6.24 -4.37 -3.98
CA ASN A 365 -7.07 -3.67 -4.96
C ASN A 365 -7.21 -2.21 -4.60
N ASP A 366 -7.33 -1.90 -3.29
CA ASP A 366 -7.45 -0.53 -2.77
C ASP A 366 -6.22 0.30 -3.14
N ALA A 367 -4.99 -0.26 -3.00
CA ALA A 367 -3.74 0.44 -3.33
C ALA A 367 -3.68 0.75 -4.85
N ALA A 368 -4.14 -0.19 -5.70
CA ALA A 368 -4.20 -0.04 -7.17
C ALA A 368 -5.16 1.10 -7.56
N ILE A 369 -6.34 1.16 -6.92
CA ILE A 369 -7.38 2.17 -7.16
C ILE A 369 -6.86 3.58 -6.81
N ALA A 370 -6.26 3.75 -5.64
CA ALA A 370 -5.72 5.05 -5.20
C ALA A 370 -4.62 5.55 -6.14
N TRP A 371 -3.75 4.62 -6.61
CA TRP A 371 -2.66 4.90 -7.53
C TRP A 371 -3.21 5.46 -8.85
N GLY A 372 -4.22 4.81 -9.41
CA GLY A 372 -4.85 5.26 -10.64
C GLY A 372 -5.61 6.57 -10.49
N GLY A 373 -6.30 6.73 -9.36
CA GLY A 373 -7.08 7.92 -9.03
C GLY A 373 -6.27 9.20 -8.92
N ALA A 374 -5.03 9.10 -8.43
CA ALA A 374 -4.16 10.26 -8.26
C ALA A 374 -3.54 10.75 -9.56
N ASN A 375 -3.42 9.87 -10.56
CA ASN A 375 -2.69 10.16 -11.78
C ASN A 375 -3.52 10.63 -12.99
N GLY A 376 -4.58 11.36 -12.72
CA GLY A 376 -5.34 12.01 -13.78
C GLY A 376 -4.56 13.20 -14.33
N ALA A 377 -4.93 13.67 -15.52
CA ALA A 377 -4.28 14.83 -16.12
C ALA A 377 -5.30 15.67 -16.84
N PHE A 378 -5.36 16.94 -16.46
CA PHE A 378 -6.25 17.95 -17.01
C PHE A 378 -7.70 17.47 -17.06
N GLU A 379 -8.30 17.33 -18.25
CA GLU A 379 -9.73 17.02 -18.40
C GLU A 379 -10.10 15.56 -18.24
N LEU A 380 -9.12 14.64 -18.07
CA LEU A 380 -9.46 13.23 -17.97
C LEU A 380 -8.51 12.37 -17.17
N ASN A 381 -9.08 11.53 -16.30
CA ASN A 381 -8.33 10.49 -15.60
C ASN A 381 -8.37 9.26 -16.52
N VAL A 382 -7.20 8.79 -16.98
CA VAL A 382 -7.14 7.67 -17.94
C VAL A 382 -6.68 6.35 -17.24
N TYR A 383 -7.32 6.02 -16.11
CA TYR A 383 -7.06 4.78 -15.36
C TYR A 383 -8.37 4.06 -15.03
N ILE A 384 -9.47 4.44 -15.71
CA ILE A 384 -10.82 3.94 -15.43
C ILE A 384 -10.94 2.39 -15.59
N PRO A 385 -10.53 1.73 -16.70
CA PRO A 385 -10.76 0.27 -16.79
C PRO A 385 -10.08 -0.51 -15.65
N MET A 386 -8.86 -0.11 -15.27
CA MET A 386 -8.12 -0.72 -14.16
C MET A 386 -8.86 -0.43 -12.82
N MET A 387 -9.25 0.84 -12.58
CA MET A 387 -9.95 1.21 -11.33
C MET A 387 -11.28 0.47 -11.21
N ALA A 388 -12.03 0.34 -12.34
CA ALA A 388 -13.31 -0.36 -12.40
C ALA A 388 -13.13 -1.84 -12.05
N ARG A 389 -12.10 -2.50 -12.62
CA ARG A 389 -11.81 -3.92 -12.37
C ARG A 389 -11.65 -4.18 -10.87
N ASN A 390 -10.80 -3.39 -10.23
CA ASN A 390 -10.44 -3.52 -8.82
C ASN A 390 -11.59 -3.18 -7.85
N ILE A 391 -12.35 -2.09 -8.09
CA ILE A 391 -13.46 -1.75 -7.18
C ILE A 391 -14.59 -2.79 -7.26
N LEU A 392 -14.93 -3.23 -8.48
CA LEU A 392 -16.02 -4.19 -8.67
C LEU A 392 -15.66 -5.56 -8.16
N GLU A 393 -14.37 -5.92 -8.23
CA GLU A 393 -13.90 -7.18 -7.68
C GLU A 393 -13.99 -7.14 -6.15
N SER A 394 -13.53 -6.04 -5.53
CA SER A 394 -13.59 -5.88 -4.07
C SER A 394 -15.04 -6.01 -3.59
N PHE A 395 -16.01 -5.36 -4.30
CA PHE A 395 -17.45 -5.48 -3.97
C PHE A 395 -17.92 -6.93 -4.04
N LYS A 396 -17.60 -7.64 -5.14
CA LYS A 396 -18.00 -9.02 -5.38
C LYS A 396 -17.41 -9.97 -4.32
N LEU A 397 -16.10 -9.85 -4.02
CA LEU A 397 -15.41 -10.71 -3.04
C LEU A 397 -16.00 -10.58 -1.65
N LEU A 398 -16.22 -9.34 -1.18
CA LEU A 398 -16.77 -9.06 0.15
C LEU A 398 -18.21 -9.53 0.28
N THR A 399 -19.02 -9.36 -0.79
CA THR A 399 -20.42 -9.79 -0.83
C THR A 399 -20.53 -11.29 -0.67
N ASN A 400 -19.83 -12.04 -1.53
CA ASN A 400 -19.88 -13.50 -1.58
C ASN A 400 -19.28 -14.15 -0.33
N VAL A 401 -18.13 -13.65 0.17
CA VAL A 401 -17.49 -14.25 1.34
C VAL A 401 -18.28 -13.92 2.63
N SER A 402 -18.96 -12.76 2.71
CA SER A 402 -19.74 -12.38 3.90
C SER A 402 -20.92 -13.32 4.10
N ARG A 403 -21.62 -13.69 3.00
CA ARG A 403 -22.77 -14.60 3.02
C ARG A 403 -22.33 -16.01 3.42
N LEU A 404 -21.22 -16.51 2.84
CA LEU A 404 -20.66 -17.82 3.16
C LEU A 404 -20.19 -17.87 4.62
N PHE A 405 -19.53 -16.81 5.10
CA PHE A 405 -19.04 -16.72 6.47
C PHE A 405 -20.22 -16.77 7.46
N ALA A 406 -21.32 -16.03 7.16
CA ALA A 406 -22.52 -15.99 7.99
C ALA A 406 -23.23 -17.35 8.04
N GLN A 407 -23.45 -17.99 6.86
CA GLN A 407 -24.21 -19.23 6.71
C GLN A 407 -23.45 -20.49 7.02
N ARG A 408 -22.18 -20.60 6.56
CA ARG A 408 -21.43 -21.85 6.69
C ARG A 408 -20.44 -21.85 7.86
N CYS A 409 -20.34 -20.73 8.60
CA CYS A 409 -19.43 -20.70 9.74
C CYS A 409 -20.14 -20.16 10.99
N ILE A 410 -20.49 -18.86 11.03
CA ILE A 410 -21.12 -18.18 12.19
C ILE A 410 -22.37 -18.90 12.72
N ALA A 411 -23.36 -19.18 11.85
CA ALA A 411 -24.65 -19.78 12.24
C ALA A 411 -24.51 -21.10 13.02
N GLY A 412 -23.55 -21.95 12.65
CA GLY A 412 -23.36 -23.25 13.26
C GLY A 412 -22.32 -23.37 14.35
N LEU A 413 -21.70 -22.25 14.79
CA LEU A 413 -20.70 -22.26 15.85
C LEU A 413 -21.29 -22.78 17.17
N THR A 414 -20.54 -23.63 17.91
CA THR A 414 -20.98 -24.12 19.22
C THR A 414 -19.91 -23.76 20.26
N ALA A 415 -20.35 -23.39 21.47
CA ALA A 415 -19.44 -22.98 22.55
C ALA A 415 -19.15 -24.11 23.53
N ASN A 416 -17.89 -24.19 24.00
CA ASN A 416 -17.49 -25.17 25.04
C ASN A 416 -17.64 -24.44 26.37
N VAL A 417 -18.92 -24.31 26.80
CA VAL A 417 -19.40 -23.55 27.96
C VAL A 417 -18.60 -23.85 29.26
N GLU A 418 -18.48 -25.14 29.64
CA GLU A 418 -17.80 -25.58 30.87
C GLU A 418 -16.30 -25.24 30.86
N HIS A 419 -15.62 -25.47 29.73
CA HIS A 419 -14.20 -25.12 29.54
C HIS A 419 -14.00 -23.60 29.69
N LEU A 420 -14.89 -22.81 29.06
CA LEU A 420 -14.85 -21.35 29.08
C LEU A 420 -14.99 -20.78 30.50
N ARG A 421 -15.91 -21.34 31.32
CA ARG A 421 -16.11 -20.92 32.72
C ARG A 421 -14.84 -21.20 33.55
N ARG A 422 -14.22 -22.38 33.34
CA ARG A 422 -12.98 -22.78 34.01
C ARG A 422 -11.83 -21.81 33.68
N LEU A 423 -11.76 -21.33 32.42
CA LEU A 423 -10.74 -20.36 31.98
C LEU A 423 -10.94 -19.01 32.68
N ALA A 424 -12.22 -18.57 32.82
CA ALA A 424 -12.59 -17.32 33.48
C ALA A 424 -12.16 -17.33 34.95
N GLU A 425 -12.40 -18.47 35.62
CA GLU A 425 -12.06 -18.68 37.02
C GLU A 425 -10.54 -18.85 37.24
N SER A 426 -9.78 -19.27 36.21
CA SER A 426 -8.33 -19.51 36.34
C SER A 426 -7.46 -18.26 36.14
N SER A 427 -7.99 -17.20 35.50
CA SER A 427 -7.21 -15.98 35.25
C SER A 427 -6.81 -15.28 36.57
N PRO A 428 -5.50 -14.97 36.77
CA PRO A 428 -5.09 -14.29 38.02
C PRO A 428 -5.53 -12.82 38.07
N SER A 429 -5.89 -12.24 36.91
CA SER A 429 -6.36 -10.87 36.79
C SER A 429 -7.73 -10.66 37.43
N ILE A 430 -8.37 -11.73 37.99
CA ILE A 430 -9.68 -11.60 38.66
C ILE A 430 -9.50 -10.86 40.03
N VAL A 431 -8.25 -10.50 40.39
CA VAL A 431 -7.89 -9.75 41.61
C VAL A 431 -8.21 -8.23 41.44
N THR A 432 -8.42 -7.78 40.17
CA THR A 432 -8.71 -6.40 39.74
C THR A 432 -9.88 -5.74 40.55
N PRO A 433 -11.08 -6.34 40.75
CA PRO A 433 -12.12 -5.64 41.54
C PRO A 433 -11.78 -5.42 43.03
N LEU A 434 -10.63 -5.93 43.52
CA LEU A 434 -10.20 -5.76 44.91
C LEU A 434 -9.33 -4.50 45.11
N ASN A 435 -9.00 -3.79 44.00
CA ASN A 435 -8.18 -2.56 43.97
C ASN A 435 -8.69 -1.47 44.94
N SER A 436 -10.02 -1.28 45.02
CA SER A 436 -10.64 -0.29 45.90
C SER A 436 -10.52 -0.68 47.39
N ALA A 437 -10.34 -1.98 47.67
CA ALA A 437 -10.24 -2.53 49.04
C ALA A 437 -8.79 -2.69 49.54
N ILE A 438 -7.86 -3.16 48.68
CA ILE A 438 -6.48 -3.43 49.11
C ILE A 438 -5.40 -2.59 48.35
N GLY A 439 -5.80 -1.88 47.30
CA GLY A 439 -4.86 -1.09 46.51
C GLY A 439 -4.20 -1.89 45.41
N TYR A 440 -3.65 -1.20 44.39
CA TYR A 440 -2.99 -1.82 43.23
C TYR A 440 -1.75 -2.65 43.63
N GLU A 441 -0.83 -2.07 44.46
CA GLU A 441 0.43 -2.71 44.88
C GLU A 441 0.21 -4.02 45.64
N GLU A 442 -0.75 -4.02 46.60
CA GLU A 442 -1.08 -5.23 47.36
C GLU A 442 -1.75 -6.29 46.47
N ALA A 443 -2.64 -5.86 45.53
CA ALA A 443 -3.33 -6.76 44.60
C ALA A 443 -2.33 -7.44 43.65
N ALA A 444 -1.21 -6.74 43.30
CA ALA A 444 -0.14 -7.27 42.43
C ALA A 444 0.63 -8.37 43.14
N ALA A 445 0.87 -8.18 44.46
CA ALA A 445 1.56 -9.15 45.33
C ALA A 445 0.69 -10.41 45.51
N VAL A 446 -0.66 -10.25 45.44
CA VAL A 446 -1.62 -11.35 45.55
C VAL A 446 -1.54 -12.20 44.27
N ALA A 447 -1.69 -11.57 43.08
CA ALA A 447 -1.64 -12.24 41.77
C ALA A 447 -0.35 -13.03 41.56
N LYS A 448 0.81 -12.44 41.95
CA LYS A 448 2.13 -13.04 41.81
C LYS A 448 2.34 -14.24 42.77
N GLN A 449 1.88 -14.11 44.03
CA GLN A 449 1.98 -15.19 45.03
C GLN A 449 1.06 -16.38 44.65
N ALA A 450 -0.16 -16.09 44.15
CA ALA A 450 -1.14 -17.10 43.70
C ALA A 450 -0.56 -17.97 42.57
N LEU A 451 0.17 -17.34 41.62
CA LEU A 451 0.80 -18.01 40.48
C LEU A 451 2.02 -18.83 40.89
N LYS A 452 2.86 -18.29 41.81
CA LYS A 452 4.07 -18.93 42.32
C LYS A 452 3.75 -20.18 43.17
N GLU A 453 2.75 -20.08 44.05
CA GLU A 453 2.36 -21.16 44.98
C GLU A 453 1.28 -22.07 44.39
N ARG A 454 0.79 -21.77 43.15
CA ARG A 454 -0.25 -22.51 42.42
C ARG A 454 -1.54 -22.59 43.27
N LYS A 455 -1.92 -21.44 43.86
CA LYS A 455 -3.11 -21.27 44.70
C LYS A 455 -4.08 -20.27 44.07
N THR A 456 -5.37 -20.31 44.48
CA THR A 456 -6.40 -19.41 43.97
C THR A 456 -6.21 -17.98 44.54
N ILE A 457 -6.84 -16.98 43.88
CA ILE A 457 -6.80 -15.56 44.31
C ILE A 457 -7.46 -15.45 45.70
N ARG A 458 -8.62 -16.14 45.88
CA ARG A 458 -9.40 -16.21 47.12
C ARG A 458 -8.54 -16.68 48.30
N GLN A 459 -7.80 -17.80 48.12
CA GLN A 459 -6.95 -18.39 49.15
C GLN A 459 -5.74 -17.50 49.46
N THR A 460 -5.12 -16.89 48.43
CA THR A 460 -3.96 -16.01 48.57
C THR A 460 -4.32 -14.75 49.38
N VAL A 461 -5.56 -14.21 49.18
CA VAL A 461 -6.08 -13.04 49.92
C VAL A 461 -6.22 -13.42 51.41
N ILE A 462 -6.72 -14.64 51.69
CA ILE A 462 -6.88 -15.19 53.04
C ILE A 462 -5.48 -15.42 53.67
N ASP A 463 -4.56 -16.10 52.92
CA ASP A 463 -3.20 -16.45 53.34
C ASP A 463 -2.33 -15.22 53.65
N ARG A 464 -2.60 -14.08 52.98
CA ARG A 464 -1.86 -12.83 53.18
C ARG A 464 -2.50 -11.94 54.27
N GLY A 465 -3.46 -12.50 55.02
CA GLY A 465 -4.18 -11.84 56.12
C GLY A 465 -4.85 -10.54 55.72
N LEU A 466 -5.51 -10.52 54.54
CA LEU A 466 -6.17 -9.33 54.01
C LEU A 466 -7.65 -9.22 54.41
N ILE A 467 -8.24 -10.27 55.00
CA ILE A 467 -9.63 -10.25 55.45
C ILE A 467 -9.71 -9.46 56.77
N GLY A 468 -10.52 -8.41 56.76
CA GLY A 468 -10.73 -7.52 57.91
C GLY A 468 -11.87 -6.53 57.72
N ASP A 469 -11.66 -5.28 58.17
CA ASP A 469 -12.65 -4.19 58.08
C ASP A 469 -12.84 -3.69 56.64
N ARG A 470 -11.72 -3.55 55.88
CA ARG A 470 -11.74 -3.08 54.50
C ARG A 470 -12.32 -4.11 53.53
N LEU A 471 -12.22 -5.42 53.87
CA LEU A 471 -12.71 -6.51 53.02
C LEU A 471 -13.13 -7.75 53.83
N SER A 472 -14.44 -8.04 53.84
CA SER A 472 -15.00 -9.23 54.51
C SER A 472 -14.95 -10.43 53.55
N ILE A 473 -15.14 -11.66 54.09
CA ILE A 473 -15.11 -12.90 53.29
C ILE A 473 -16.33 -12.94 52.31
N GLU A 474 -17.47 -12.36 52.72
CA GLU A 474 -18.70 -12.28 51.92
C GLU A 474 -18.51 -11.27 50.77
N ASP A 475 -17.78 -10.17 51.04
CA ASP A 475 -17.47 -9.13 50.05
C ASP A 475 -16.48 -9.66 49.01
N LEU A 476 -15.51 -10.51 49.44
CA LEU A 476 -14.51 -11.13 48.57
C LEU A 476 -15.18 -12.13 47.60
N ASP A 477 -16.09 -12.99 48.11
CA ASP A 477 -16.82 -13.99 47.29
C ASP A 477 -17.74 -13.30 46.28
N ARG A 478 -18.33 -12.17 46.66
CA ARG A 478 -19.22 -11.35 45.82
C ARG A 478 -18.40 -10.72 44.68
N ARG A 479 -17.22 -10.16 45.00
CA ARG A 479 -16.32 -9.50 44.06
C ARG A 479 -15.62 -10.51 43.12
N LEU A 480 -15.44 -11.79 43.56
CA LEU A 480 -14.75 -12.79 42.74
C LEU A 480 -15.67 -13.62 41.81
N ASP A 481 -17.01 -13.39 41.85
CA ASP A 481 -18.00 -14.08 40.97
C ASP A 481 -17.70 -13.64 39.52
N VAL A 482 -17.22 -14.58 38.66
CA VAL A 482 -16.77 -14.31 37.29
C VAL A 482 -17.89 -13.80 36.36
N LEU A 483 -19.12 -14.34 36.44
CA LEU A 483 -20.22 -13.85 35.59
C LEU A 483 -20.60 -12.41 35.99
N ALA A 484 -20.67 -12.13 37.31
CA ALA A 484 -20.97 -10.79 37.84
C ALA A 484 -19.85 -9.81 37.43
N MET A 485 -18.59 -10.29 37.41
CA MET A 485 -17.41 -9.50 37.03
C MET A 485 -17.46 -9.08 35.55
N ALA A 486 -18.07 -9.94 34.68
CA ALA A 486 -18.23 -9.67 33.24
C ALA A 486 -19.24 -8.53 33.00
N LYS A 487 -20.10 -8.24 34.01
CA LYS A 487 -21.11 -7.19 34.05
C LYS A 487 -22.02 -7.20 32.81
N ALA A 488 -22.61 -8.36 32.50
CA ALA A 488 -23.52 -8.51 31.36
C ALA A 488 -24.85 -7.79 31.63
N GLU A 489 -25.33 -6.96 30.67
CA GLU A 489 -26.56 -6.17 30.74
C GLU A 489 -27.82 -7.04 30.97
N ASN B 31 22.53 14.03 39.00
CA ASN B 31 22.59 12.58 39.11
C ASN B 31 21.19 11.92 38.99
N TYR B 32 20.95 10.85 39.77
CA TYR B 32 19.72 10.07 39.75
C TYR B 32 19.10 9.93 41.16
N ARG B 33 17.85 9.43 41.20
CA ARG B 33 17.10 9.12 42.42
C ARG B 33 16.47 7.75 42.25
N ILE B 34 16.10 7.11 43.37
CA ILE B 34 15.49 5.78 43.34
C ILE B 34 13.96 5.90 43.39
N GLU B 35 13.31 5.23 42.43
CA GLU B 35 11.86 5.10 42.33
C GLU B 35 11.53 3.60 42.29
N HIS B 36 10.25 3.22 42.53
CA HIS B 36 9.88 1.81 42.50
C HIS B 36 8.48 1.58 41.94
N ASP B 37 8.29 0.38 41.37
CA ASP B 37 7.02 -0.14 40.88
C ASP B 37 6.86 -1.57 41.40
N THR B 38 5.81 -2.30 40.98
CA THR B 38 5.56 -3.68 41.44
C THR B 38 6.63 -4.68 40.97
N MET B 39 7.51 -4.26 40.04
CA MET B 39 8.60 -5.09 39.51
C MET B 39 9.96 -4.84 40.21
N GLY B 40 10.05 -3.76 40.99
CA GLY B 40 11.28 -3.42 41.71
C GLY B 40 11.74 -1.99 41.60
N GLU B 41 13.02 -1.75 41.93
CA GLU B 41 13.67 -0.43 41.93
C GLU B 41 14.19 -0.02 40.56
N VAL B 42 14.14 1.29 40.27
CA VAL B 42 14.59 1.89 39.01
C VAL B 42 15.32 3.22 39.32
N ARG B 43 16.47 3.45 38.68
CA ARG B 43 17.22 4.70 38.81
C ARG B 43 16.62 5.69 37.83
N VAL B 44 16.11 6.83 38.33
CA VAL B 44 15.43 7.87 37.52
C VAL B 44 16.26 9.18 37.58
N PRO B 45 16.46 9.94 36.46
CA PRO B 45 17.19 11.23 36.56
C PRO B 45 16.59 12.15 37.62
N ALA B 46 17.45 12.73 38.48
CA ALA B 46 17.11 13.58 39.64
C ALA B 46 16.03 14.66 39.36
N LYS B 47 16.13 15.41 38.24
CA LYS B 47 15.21 16.52 37.93
C LYS B 47 13.96 16.07 37.11
N ALA B 48 13.86 14.79 36.74
CA ALA B 48 12.72 14.27 35.99
C ALA B 48 11.44 14.22 36.84
N LEU B 49 10.30 14.64 36.27
CA LEU B 49 8.99 14.61 36.93
C LEU B 49 8.33 13.22 36.76
N TRP B 50 8.89 12.39 35.86
CA TRP B 50 8.41 11.02 35.65
C TRP B 50 9.02 10.11 36.72
N ARG B 51 8.52 8.85 36.84
CA ARG B 51 9.02 7.94 37.87
C ARG B 51 9.48 6.59 37.24
N ALA B 52 9.45 5.48 38.03
CA ALA B 52 9.93 4.13 37.72
C ALA B 52 9.44 3.56 36.39
N GLN B 53 8.11 3.53 36.15
CA GLN B 53 7.53 2.91 34.94
C GLN B 53 7.86 3.67 33.65
N THR B 54 8.02 5.00 33.72
CA THR B 54 8.39 5.79 32.54
C THR B 54 9.86 5.50 32.21
N GLN B 55 10.73 5.42 33.25
CA GLN B 55 12.14 5.14 33.10
C GLN B 55 12.37 3.75 32.49
N ARG B 56 11.58 2.74 32.90
CA ARG B 56 11.64 1.39 32.30
C ARG B 56 11.33 1.48 30.81
N ALA B 57 10.30 2.28 30.44
CA ALA B 57 9.88 2.47 29.06
C ALA B 57 10.94 3.23 28.23
N VAL B 58 11.67 4.16 28.86
CA VAL B 58 12.76 4.90 28.21
C VAL B 58 13.87 3.89 27.80
N GLU B 59 14.19 2.93 28.68
CA GLU B 59 15.24 1.94 28.45
C GLU B 59 14.75 0.76 27.59
N ASN B 60 13.45 0.44 27.62
CA ASN B 60 12.90 -0.67 26.84
C ASN B 60 12.71 -0.33 25.37
N PHE B 61 12.32 0.93 25.05
CA PHE B 61 11.99 1.27 23.67
C PHE B 61 12.85 2.39 23.00
N PRO B 62 14.21 2.41 23.05
CA PRO B 62 14.96 3.42 22.28
C PRO B 62 15.00 3.02 20.79
N ILE B 63 13.89 3.28 20.06
CA ILE B 63 13.72 2.83 18.67
C ILE B 63 13.76 3.97 17.64
N SER B 64 12.87 4.97 17.75
CA SER B 64 12.79 6.07 16.77
C SER B 64 13.41 7.36 17.27
N GLY B 65 13.49 7.53 18.58
CA GLY B 65 14.02 8.76 19.17
C GLY B 65 12.98 9.87 19.18
N ARG B 66 11.72 9.52 18.92
CA ARG B 66 10.60 10.47 18.90
C ARG B 66 9.48 9.99 19.82
N GLY B 67 8.92 10.93 20.56
CA GLY B 67 7.82 10.64 21.48
C GLY B 67 6.50 11.20 21.02
N LEU B 68 5.55 11.35 21.96
CA LEU B 68 4.24 11.89 21.66
C LEU B 68 4.32 13.34 21.21
N GLU B 69 3.44 13.73 20.30
CA GLU B 69 3.36 15.09 19.79
C GLU B 69 2.63 15.98 20.81
N ARG B 70 2.69 17.30 20.59
CA ARG B 70 2.05 18.32 21.42
C ARG B 70 0.53 18.04 21.56
N THR B 71 -0.15 17.66 20.45
CA THR B 71 -1.60 17.39 20.45
C THR B 71 -1.96 16.16 21.29
N GLN B 72 -1.08 15.14 21.30
CA GLN B 72 -1.30 13.91 22.07
C GLN B 72 -1.16 14.15 23.57
N ILE B 73 -0.17 14.96 23.96
CA ILE B 73 0.09 15.33 25.36
C ILE B 73 -1.08 16.19 25.84
N ARG B 74 -1.57 17.11 24.99
CA ARG B 74 -2.71 17.97 25.29
C ARG B 74 -3.95 17.11 25.60
N ALA B 75 -4.28 16.13 24.71
CA ALA B 75 -5.44 15.26 24.85
C ALA B 75 -5.35 14.38 26.11
N LEU B 76 -4.14 13.90 26.46
CA LEU B 76 -3.93 13.10 27.67
C LEU B 76 -4.13 13.97 28.92
N GLY B 77 -3.69 15.22 28.84
CA GLY B 77 -3.86 16.22 29.89
C GLY B 77 -5.34 16.51 30.13
N LEU B 78 -6.08 16.83 29.04
CA LEU B 78 -7.53 17.09 29.10
C LEU B 78 -8.31 15.92 29.71
N LEU B 79 -7.99 14.68 29.28
CA LEU B 79 -8.67 13.47 29.74
C LEU B 79 -8.45 13.19 31.24
N LYS B 80 -7.19 13.27 31.71
CA LYS B 80 -6.87 13.06 33.13
C LYS B 80 -7.58 14.05 34.05
N GLY B 81 -7.67 15.31 33.61
CA GLY B 81 -8.37 16.35 34.33
C GLY B 81 -9.86 16.06 34.42
N ALA B 82 -10.47 15.67 33.28
CA ALA B 82 -11.90 15.30 33.17
C ALA B 82 -12.23 14.08 34.05
N CYS B 83 -11.34 13.05 34.07
CA CYS B 83 -11.51 11.84 34.89
C CYS B 83 -11.50 12.20 36.40
N ALA B 84 -10.58 13.08 36.81
CA ALA B 84 -10.46 13.55 38.21
C ALA B 84 -11.70 14.33 38.65
N GLN B 85 -12.25 15.15 37.73
CA GLN B 85 -13.46 15.93 37.96
C GLN B 85 -14.67 15.02 38.24
N VAL B 86 -14.84 13.94 37.44
CA VAL B 86 -15.95 13.00 37.56
C VAL B 86 -15.79 12.13 38.83
N ASN B 87 -14.56 11.66 39.14
CA ASN B 87 -14.30 10.88 40.36
C ASN B 87 -14.65 11.71 41.61
N SER B 88 -14.36 13.03 41.55
CA SER B 88 -14.66 14.01 42.58
C SER B 88 -16.17 14.21 42.70
N ASP B 89 -16.88 14.39 41.56
CA ASP B 89 -18.35 14.58 41.53
C ASP B 89 -19.08 13.38 42.14
N LEU B 90 -18.57 12.16 41.91
CA LEU B 90 -19.16 10.92 42.40
C LEU B 90 -18.69 10.55 43.83
N GLY B 91 -17.88 11.42 44.44
CA GLY B 91 -17.36 11.26 45.80
C GLY B 91 -16.44 10.07 45.98
N LEU B 92 -15.69 9.70 44.93
CA LEU B 92 -14.76 8.57 44.94
C LEU B 92 -13.34 9.01 45.25
N LEU B 93 -13.05 10.30 45.02
CA LEU B 93 -11.75 10.90 45.24
C LEU B 93 -11.89 12.17 46.07
N ALA B 94 -11.04 12.35 47.09
CA ALA B 94 -11.07 13.52 47.99
C ALA B 94 -10.94 14.83 47.17
N PRO B 95 -11.73 15.89 47.52
CA PRO B 95 -11.71 17.13 46.73
C PRO B 95 -10.33 17.77 46.50
N GLU B 96 -9.45 17.80 47.52
CA GLU B 96 -8.12 18.41 47.39
C GLU B 96 -7.21 17.58 46.48
N LYS B 97 -7.35 16.24 46.52
CA LYS B 97 -6.60 15.32 45.66
C LYS B 97 -7.05 15.54 44.21
N ALA B 98 -8.37 15.70 43.99
CA ALA B 98 -8.94 15.95 42.67
C ALA B 98 -8.53 17.33 42.14
N ASP B 99 -8.53 18.37 43.00
CA ASP B 99 -8.11 19.73 42.65
C ASP B 99 -6.66 19.77 42.18
N ALA B 100 -5.77 18.99 42.85
CA ALA B 100 -4.35 18.89 42.49
C ALA B 100 -4.17 18.20 41.13
N ILE B 101 -4.99 17.17 40.82
CA ILE B 101 -4.92 16.49 39.52
C ILE B 101 -5.38 17.44 38.42
N ILE B 102 -6.53 18.12 38.62
CA ILE B 102 -7.09 19.09 37.66
C ILE B 102 -6.07 20.21 37.38
N ALA B 103 -5.39 20.71 38.43
CA ALA B 103 -4.38 21.78 38.28
C ALA B 103 -3.15 21.27 37.50
N ALA B 104 -2.64 20.07 37.85
CA ALA B 104 -1.49 19.45 37.19
C ALA B 104 -1.82 19.09 35.72
N ALA B 105 -3.02 18.53 35.47
CA ALA B 105 -3.47 18.13 34.14
C ALA B 105 -3.67 19.34 33.22
N ALA B 106 -4.06 20.51 33.78
CA ALA B 106 -4.23 21.77 33.02
C ALA B 106 -2.86 22.27 32.54
N GLU B 107 -1.80 22.12 33.37
CA GLU B 107 -0.42 22.52 33.03
C GLU B 107 0.13 21.63 31.90
N ILE B 108 -0.21 20.32 31.93
CA ILE B 108 0.20 19.34 30.93
C ILE B 108 -0.46 19.67 29.59
N ALA B 109 -1.80 19.91 29.62
CA ALA B 109 -2.59 20.26 28.43
C ALA B 109 -2.14 21.60 27.83
N ASP B 110 -1.65 22.53 28.67
CA ASP B 110 -1.15 23.85 28.27
C ASP B 110 0.22 23.80 27.57
N GLY B 111 0.96 22.71 27.77
CA GLY B 111 2.28 22.51 27.16
C GLY B 111 3.47 22.93 27.98
N GLN B 112 3.32 22.98 29.30
CA GLN B 112 4.37 23.37 30.24
C GLN B 112 5.34 22.21 30.56
N HIS B 113 4.91 20.95 30.36
CA HIS B 113 5.72 19.80 30.73
C HIS B 113 5.96 18.80 29.58
N ASP B 114 6.01 19.26 28.31
CA ASP B 114 6.25 18.41 27.14
C ASP B 114 7.60 17.66 27.20
N ASP B 115 8.63 18.27 27.82
CA ASP B 115 9.94 17.65 27.98
C ASP B 115 9.90 16.54 29.07
N GLN B 116 8.76 16.36 29.74
CA GLN B 116 8.56 15.33 30.78
C GLN B 116 7.89 14.06 30.19
N PHE B 117 7.76 13.98 28.85
CA PHE B 117 7.18 12.83 28.13
C PHE B 117 8.23 12.22 27.17
N PRO B 118 9.20 11.45 27.69
CA PRO B 118 10.30 10.97 26.82
C PRO B 118 10.12 9.61 26.18
N ILE B 119 8.99 8.93 26.42
CA ILE B 119 8.75 7.58 25.90
C ILE B 119 8.56 7.60 24.37
N ASP B 120 9.23 6.66 23.69
CA ASP B 120 9.14 6.48 22.25
C ASP B 120 7.71 6.13 21.81
N VAL B 121 7.39 6.45 20.56
CA VAL B 121 6.13 6.11 19.90
C VAL B 121 6.02 4.57 19.87
N PHE B 122 7.13 3.87 19.56
CA PHE B 122 7.14 2.42 19.41
C PHE B 122 7.32 1.75 20.78
N GLN B 123 6.27 1.87 21.60
CA GLN B 123 6.17 1.33 22.97
C GLN B 123 5.13 0.19 22.96
N THR B 124 4.76 -0.31 24.16
CA THR B 124 3.70 -1.33 24.33
C THR B 124 2.44 -0.80 23.59
N GLY B 125 1.87 -1.66 22.75
CA GLY B 125 0.75 -1.34 21.87
C GLY B 125 -0.52 -0.76 22.46
N SER B 126 -0.70 -0.82 23.76
CA SER B 126 -1.88 -0.26 24.40
C SER B 126 -1.67 1.20 24.79
N GLY B 127 -0.41 1.65 24.81
CA GLY B 127 -0.05 2.98 25.26
C GLY B 127 0.01 3.06 26.78
N THR B 128 0.20 1.90 27.46
CA THR B 128 0.30 1.78 28.93
C THR B 128 1.41 2.69 29.46
N SER B 129 2.57 2.65 28.80
CA SER B 129 3.75 3.43 29.20
C SER B 129 3.45 4.93 29.20
N SER B 130 2.84 5.46 28.11
CA SER B 130 2.48 6.88 28.03
C SER B 130 1.36 7.24 29.03
N ASN B 131 0.47 6.27 29.35
CA ASN B 131 -0.58 6.48 30.36
C ASN B 131 0.05 6.65 31.76
N MET B 132 1.03 5.77 32.09
CA MET B 132 1.77 5.80 33.35
C MET B 132 2.64 7.05 33.44
N ASN B 133 3.11 7.53 32.27
CA ASN B 133 3.91 8.74 32.15
C ASN B 133 3.07 9.94 32.60
N THR B 134 1.80 10.03 32.16
CA THR B 134 0.90 11.12 32.56
C THR B 134 0.58 11.02 34.07
N ASN B 135 0.28 9.81 34.56
CA ASN B 135 -0.03 9.55 35.97
C ASN B 135 1.13 9.91 36.91
N GLU B 136 2.38 9.53 36.55
CA GLU B 136 3.59 9.82 37.33
C GLU B 136 3.95 11.31 37.32
N VAL B 137 3.86 11.98 36.15
CA VAL B 137 4.15 13.42 36.03
C VAL B 137 3.13 14.21 36.87
N ILE B 138 1.82 13.84 36.82
CA ILE B 138 0.76 14.50 37.62
C ILE B 138 1.06 14.32 39.12
N ALA B 139 1.46 13.09 39.53
CA ALA B 139 1.80 12.78 40.94
C ALA B 139 2.97 13.62 41.44
N SER B 140 3.99 13.85 40.58
CA SER B 140 5.15 14.66 40.95
C SER B 140 4.84 16.15 41.01
N ILE B 141 4.02 16.69 40.06
CA ILE B 141 3.62 18.11 40.09
C ILE B 141 2.83 18.41 41.39
N ALA B 142 1.85 17.55 41.72
CA ALA B 142 1.00 17.67 42.91
C ALA B 142 1.82 17.59 44.21
N ALA B 143 2.89 16.77 44.23
CA ALA B 143 3.80 16.60 45.37
C ALA B 143 4.54 17.92 45.68
N LYS B 144 4.76 18.78 44.65
CA LYS B 144 5.40 20.08 44.79
C LYS B 144 4.49 21.06 45.55
N GLY B 145 3.17 20.79 45.52
CA GLY B 145 2.15 21.56 46.22
C GLY B 145 1.72 20.95 47.54
N GLY B 146 2.42 19.91 47.98
CA GLY B 146 2.16 19.21 49.23
C GLY B 146 1.01 18.22 49.23
N VAL B 147 0.60 17.75 48.03
CA VAL B 147 -0.48 16.76 47.88
C VAL B 147 0.14 15.42 47.46
N THR B 148 -0.18 14.34 48.21
CA THR B 148 0.37 13.00 47.93
C THR B 148 -0.66 12.19 47.13
N LEU B 149 -0.30 11.89 45.87
CA LEU B 149 -1.15 11.11 44.96
C LEU B 149 -0.48 9.82 44.56
N HIS B 150 -1.21 8.70 44.61
CA HIS B 150 -0.71 7.42 44.11
C HIS B 150 -0.96 7.42 42.59
N PRO B 151 0.07 7.19 41.75
CA PRO B 151 -0.13 7.25 40.29
C PRO B 151 -1.22 6.29 39.78
N ASN B 152 -1.34 5.07 40.35
CA ASN B 152 -2.37 4.10 39.98
C ASN B 152 -3.70 4.37 40.70
N ASP B 153 -3.70 4.29 42.04
CA ASP B 153 -4.89 4.40 42.90
C ASP B 153 -5.63 5.77 42.83
N ASP B 154 -4.93 6.89 42.58
CA ASP B 154 -5.58 8.21 42.55
C ASP B 154 -5.71 8.79 41.14
N VAL B 155 -4.59 8.98 40.43
CA VAL B 155 -4.56 9.60 39.11
C VAL B 155 -5.22 8.67 38.05
N ASN B 156 -5.08 7.35 38.21
CA ASN B 156 -5.65 6.38 37.28
C ASN B 156 -6.96 5.76 37.80
N MET B 157 -7.61 6.41 38.80
CA MET B 157 -8.87 5.93 39.39
C MET B 157 -9.96 5.79 38.33
N SER B 158 -10.67 4.63 38.32
CA SER B 158 -11.79 4.29 37.42
C SER B 158 -11.31 4.14 35.97
N GLN B 159 -10.00 4.04 35.75
CA GLN B 159 -9.41 4.01 34.41
C GLN B 159 -8.54 2.79 34.12
N SER B 160 -8.23 2.64 32.83
CA SER B 160 -7.33 1.67 32.24
C SER B 160 -6.62 2.37 31.07
N SER B 161 -5.45 1.87 30.64
CA SER B 161 -4.77 2.45 29.47
C SER B 161 -5.53 2.06 28.21
N ASN B 162 -6.25 0.92 28.30
CA ASN B 162 -7.03 0.31 27.24
C ASN B 162 -8.22 1.16 26.83
N ASP B 163 -8.72 2.02 27.72
CA ASP B 163 -9.80 2.91 27.35
C ASP B 163 -9.29 4.36 27.26
N THR B 164 -8.29 4.77 28.10
CA THR B 164 -7.78 6.15 28.10
C THR B 164 -6.85 6.49 26.92
N PHE B 165 -5.85 5.65 26.59
CA PHE B 165 -4.94 5.96 25.48
C PHE B 165 -5.72 6.03 24.13
N PRO B 166 -6.63 5.10 23.76
CA PRO B 166 -7.38 5.30 22.50
C PRO B 166 -8.35 6.49 22.60
N THR B 167 -8.86 6.84 23.82
CA THR B 167 -9.74 8.00 24.02
C THR B 167 -8.96 9.29 23.71
N ALA B 168 -7.75 9.45 24.28
CA ALA B 168 -6.88 10.61 24.01
C ALA B 168 -6.52 10.69 22.52
N THR B 169 -6.32 9.52 21.86
CA THR B 169 -6.01 9.45 20.43
C THR B 169 -7.20 9.99 19.63
N HIS B 170 -8.43 9.50 19.92
CA HIS B 170 -9.64 9.91 19.22
C HIS B 170 -10.01 11.38 19.53
N ILE B 171 -9.66 11.91 20.74
CA ILE B 171 -9.87 13.32 21.07
C ILE B 171 -8.98 14.17 20.15
N ALA B 172 -7.68 13.78 20.05
CA ALA B 172 -6.69 14.49 19.25
C ALA B 172 -7.04 14.48 17.76
N ALA B 173 -7.47 13.33 17.22
CA ALA B 173 -7.85 13.18 15.82
C ALA B 173 -9.12 13.96 15.48
N THR B 174 -10.14 13.95 16.38
CA THR B 174 -11.39 14.69 16.20
C THR B 174 -11.10 16.20 16.21
N GLU B 175 -10.26 16.67 17.16
CA GLU B 175 -9.87 18.09 17.22
C GLU B 175 -9.12 18.49 15.95
N ALA B 176 -8.15 17.65 15.50
CA ALA B 176 -7.37 17.92 14.29
C ALA B 176 -8.28 18.04 13.05
N ALA B 177 -9.31 17.18 12.97
CA ALA B 177 -10.27 17.18 11.86
C ALA B 177 -11.14 18.45 11.84
N VAL B 178 -11.78 18.77 12.98
CA VAL B 178 -12.77 19.85 13.14
C VAL B 178 -12.14 21.24 13.29
N ALA B 179 -11.20 21.41 14.23
CA ALA B 179 -10.63 22.73 14.50
C ALA B 179 -9.48 23.13 13.56
N HIS B 180 -8.86 22.17 12.85
CA HIS B 180 -7.70 22.51 12.03
C HIS B 180 -7.79 22.14 10.54
N LEU B 181 -8.05 20.85 10.20
CA LEU B 181 -8.07 20.44 8.80
C LEU B 181 -9.24 21.05 8.00
N ILE B 182 -10.49 20.95 8.49
CA ILE B 182 -11.65 21.48 7.75
C ILE B 182 -11.45 23.00 7.49
N PRO B 183 -11.09 23.89 8.47
CA PRO B 183 -10.89 25.30 8.13
C PRO B 183 -9.77 25.52 7.09
N ALA B 184 -8.68 24.72 7.13
CA ALA B 184 -7.57 24.82 6.17
C ALA B 184 -8.05 24.46 4.74
N LEU B 185 -8.83 23.36 4.62
CA LEU B 185 -9.39 22.93 3.34
C LEU B 185 -10.41 23.96 2.82
N GLN B 186 -11.16 24.61 3.73
CA GLN B 186 -12.12 25.65 3.37
C GLN B 186 -11.39 26.86 2.76
N GLN B 187 -10.25 27.24 3.35
CA GLN B 187 -9.38 28.30 2.87
C GLN B 187 -8.85 27.98 1.44
N LEU B 188 -8.46 26.70 1.21
CA LEU B 188 -7.98 26.24 -0.10
C LEU B 188 -9.12 26.25 -1.13
N HIS B 189 -10.31 25.73 -0.75
CA HIS B 189 -11.49 25.73 -1.60
C HIS B 189 -11.82 27.15 -2.06
N ASP B 190 -11.83 28.12 -1.12
CA ASP B 190 -12.17 29.52 -1.39
C ASP B 190 -11.17 30.17 -2.34
N ALA B 191 -9.87 29.84 -2.24
CA ALA B 191 -8.85 30.38 -3.13
C ALA B 191 -9.06 29.82 -4.56
N LEU B 192 -9.39 28.51 -4.67
CA LEU B 192 -9.63 27.85 -5.95
C LEU B 192 -10.91 28.36 -6.63
N ALA B 193 -11.99 28.55 -5.83
CA ALA B 193 -13.27 29.05 -6.33
C ALA B 193 -13.15 30.51 -6.79
N ALA B 194 -12.30 31.32 -6.12
CA ALA B 194 -12.08 32.73 -6.51
C ALA B 194 -11.39 32.80 -7.89
N LYS B 195 -10.42 31.88 -8.17
CA LYS B 195 -9.74 31.78 -9.46
C LYS B 195 -10.72 31.32 -10.53
N ALA B 196 -11.62 30.38 -10.20
CA ALA B 196 -12.65 29.86 -11.09
C ALA B 196 -13.59 30.99 -11.55
N LEU B 197 -13.86 31.95 -10.65
CA LEU B 197 -14.70 33.10 -10.94
C LEU B 197 -13.92 34.11 -11.82
N ASP B 198 -12.69 34.49 -11.40
CA ASP B 198 -11.85 35.44 -12.14
C ASP B 198 -11.55 34.98 -13.58
N TRP B 199 -11.36 33.67 -13.77
CA TRP B 199 -10.98 33.08 -15.04
C TRP B 199 -12.16 32.40 -15.76
N HIS B 200 -13.39 32.83 -15.44
CA HIS B 200 -14.63 32.30 -16.02
C HIS B 200 -14.64 32.31 -17.57
N THR B 201 -14.09 33.37 -18.20
CA THR B 201 -14.09 33.49 -19.67
C THR B 201 -12.68 33.34 -20.28
N VAL B 202 -11.72 32.83 -19.50
CA VAL B 202 -10.36 32.65 -19.99
C VAL B 202 -10.34 31.31 -20.74
N VAL B 203 -10.67 31.37 -22.04
CA VAL B 203 -10.74 30.22 -22.93
C VAL B 203 -9.33 29.66 -23.18
N LYS B 204 -9.26 28.34 -23.31
CA LYS B 204 -8.05 27.58 -23.57
C LYS B 204 -8.43 26.26 -24.21
N SER B 205 -7.43 25.49 -24.62
CA SER B 205 -7.68 24.19 -25.18
C SER B 205 -7.76 23.15 -24.08
N GLY B 206 -8.78 22.30 -24.16
CA GLY B 206 -8.91 21.17 -23.26
C GLY B 206 -7.91 20.11 -23.67
N ARG B 207 -7.54 19.22 -22.73
CA ARG B 207 -6.59 18.15 -22.99
C ARG B 207 -7.07 16.85 -22.40
N THR B 208 -7.20 15.80 -23.24
CA THR B 208 -7.58 14.46 -22.80
C THR B 208 -6.52 13.51 -23.36
N HIS B 209 -6.00 12.60 -22.51
CA HIS B 209 -4.91 11.67 -22.85
C HIS B 209 -3.64 12.46 -23.19
N LEU B 210 -3.58 13.75 -22.75
CA LEU B 210 -2.51 14.73 -22.98
C LEU B 210 -2.57 15.28 -24.42
N MET B 211 -3.63 14.93 -25.16
CA MET B 211 -3.75 15.33 -26.56
C MET B 211 -4.77 16.47 -26.71
N ASP B 212 -4.60 17.30 -27.78
CA ASP B 212 -5.46 18.44 -28.11
C ASP B 212 -6.94 18.05 -28.15
N ALA B 213 -7.76 18.70 -27.31
CA ALA B 213 -9.19 18.39 -27.25
C ALA B 213 -10.01 19.67 -27.53
N VAL B 214 -11.30 19.66 -27.18
CA VAL B 214 -12.16 20.81 -27.45
C VAL B 214 -11.93 21.92 -26.40
N PRO B 215 -12.35 23.18 -26.67
CA PRO B 215 -12.09 24.27 -25.71
C PRO B 215 -12.78 24.12 -24.35
N VAL B 216 -12.12 24.66 -23.33
CA VAL B 216 -12.53 24.80 -21.94
C VAL B 216 -12.10 26.18 -21.47
N THR B 217 -12.51 26.58 -20.27
CA THR B 217 -11.99 27.79 -19.69
C THR B 217 -11.13 27.36 -18.51
N LEU B 218 -10.15 28.19 -18.16
CA LEU B 218 -9.31 27.96 -17.01
C LEU B 218 -10.20 27.98 -15.74
N GLY B 219 -11.26 28.79 -15.75
CA GLY B 219 -12.26 28.87 -14.69
C GLY B 219 -12.98 27.56 -14.45
N GLN B 220 -13.37 26.86 -15.54
CA GLN B 220 -14.03 25.55 -15.49
C GLN B 220 -13.13 24.49 -14.82
N GLU B 221 -11.82 24.50 -15.13
CA GLU B 221 -10.87 23.55 -14.53
C GLU B 221 -10.70 23.81 -13.04
N PHE B 222 -10.66 25.10 -12.65
CA PHE B 222 -10.50 25.52 -11.25
C PHE B 222 -11.78 25.23 -10.44
N SER B 223 -12.96 25.22 -11.09
CA SER B 223 -14.22 24.86 -10.43
C SER B 223 -14.18 23.34 -10.12
N GLY B 224 -13.51 22.59 -10.99
CA GLY B 224 -13.27 21.15 -10.84
C GLY B 224 -12.40 20.87 -9.64
N TYR B 225 -11.30 21.65 -9.50
CA TYR B 225 -10.37 21.55 -8.36
C TYR B 225 -11.08 21.95 -7.06
N ALA B 226 -11.90 23.03 -7.09
CA ALA B 226 -12.65 23.50 -5.94
C ALA B 226 -13.64 22.42 -5.46
N ARG B 227 -14.33 21.73 -6.40
CA ARG B 227 -15.24 20.65 -6.06
C ARG B 227 -14.50 19.49 -5.37
N GLN B 228 -13.30 19.13 -5.86
CA GLN B 228 -12.47 18.07 -5.27
C GLN B 228 -12.19 18.36 -3.77
N ILE B 229 -11.88 19.63 -3.44
CA ILE B 229 -11.59 20.05 -2.06
C ILE B 229 -12.90 20.09 -1.24
N GLU B 230 -13.99 20.60 -1.81
CA GLU B 230 -15.32 20.63 -1.21
C GLU B 230 -15.78 19.19 -0.86
N ALA B 231 -15.57 18.22 -1.77
CA ALA B 231 -15.89 16.80 -1.55
C ALA B 231 -14.98 16.21 -0.48
N GLY B 232 -13.75 16.74 -0.36
CA GLY B 232 -12.79 16.37 0.66
C GLY B 232 -13.29 16.70 2.06
N ILE B 233 -13.89 17.89 2.23
CA ILE B 233 -14.49 18.36 3.50
C ILE B 233 -15.67 17.45 3.84
N GLU B 234 -16.52 17.14 2.84
CA GLU B 234 -17.67 16.25 2.96
C GLU B 234 -17.26 14.86 3.49
N ARG B 235 -16.13 14.35 2.98
CA ARG B 235 -15.54 13.06 3.35
C ARG B 235 -15.08 13.07 4.81
N VAL B 236 -14.45 14.17 5.27
CA VAL B 236 -13.99 14.29 6.66
C VAL B 236 -15.21 14.34 7.59
N ARG B 237 -16.22 15.16 7.24
CA ARG B 237 -17.45 15.29 8.03
C ARG B 237 -18.21 13.96 8.14
N ALA B 238 -18.24 13.15 7.06
CA ALA B 238 -18.93 11.85 7.05
C ALA B 238 -18.28 10.82 7.99
N CYS B 239 -16.97 10.95 8.29
CA CYS B 239 -16.28 10.00 9.16
C CYS B 239 -16.41 10.38 10.67
N LEU B 240 -16.70 11.67 10.98
CA LEU B 240 -16.81 12.22 12.35
C LEU B 240 -17.74 11.43 13.31
N PRO B 241 -18.94 10.89 12.90
CA PRO B 241 -19.74 10.10 13.87
C PRO B 241 -19.03 8.88 14.47
N ARG B 242 -18.02 8.32 13.77
CA ARG B 242 -17.27 7.16 14.29
C ARG B 242 -15.89 7.58 14.78
N LEU B 243 -15.27 8.62 14.19
CA LEU B 243 -13.97 9.12 14.66
C LEU B 243 -14.11 9.71 16.08
N GLY B 244 -15.24 10.38 16.36
CA GLY B 244 -15.51 11.01 17.65
C GLY B 244 -15.86 10.07 18.79
N GLU B 245 -16.07 8.77 18.49
CA GLU B 245 -16.42 7.75 19.49
C GLU B 245 -15.27 7.47 20.43
N LEU B 246 -15.52 7.61 21.75
CA LEU B 246 -14.52 7.45 22.80
C LEU B 246 -14.78 6.19 23.61
N ALA B 247 -13.70 5.47 23.97
CA ALA B 247 -13.74 4.21 24.72
C ALA B 247 -13.85 4.40 26.25
N ILE B 248 -13.60 5.64 26.74
CA ILE B 248 -13.60 5.98 28.18
C ILE B 248 -14.83 5.36 28.91
N GLY B 249 -14.54 4.66 30.01
CA GLY B 249 -15.54 3.96 30.80
C GLY B 249 -15.51 2.45 30.65
N GLY B 250 -14.97 1.95 29.54
CA GLY B 250 -14.89 0.52 29.26
C GLY B 250 -13.83 -0.24 30.05
N THR B 251 -12.87 0.49 30.63
CA THR B 251 -11.74 0.01 31.44
C THR B 251 -10.93 -1.08 30.68
N ALA B 252 -10.48 -2.15 31.37
CA ALA B 252 -9.56 -3.18 30.86
C ALA B 252 -10.00 -3.93 29.58
N VAL B 253 -11.25 -4.41 29.51
CA VAL B 253 -11.70 -5.24 28.38
C VAL B 253 -12.97 -4.71 27.69
N GLY B 254 -13.56 -3.65 28.22
CA GLY B 254 -14.78 -3.05 27.69
C GLY B 254 -16.01 -3.27 28.57
N THR B 255 -15.87 -4.08 29.63
CA THR B 255 -16.97 -4.40 30.56
C THR B 255 -17.25 -3.26 31.57
N GLY B 256 -16.30 -2.32 31.71
CA GLY B 256 -16.42 -1.21 32.65
C GLY B 256 -16.15 -1.56 34.10
N LEU B 257 -15.57 -2.75 34.36
CA LEU B 257 -15.17 -3.22 35.69
C LEU B 257 -14.21 -2.21 36.37
N ASN B 258 -14.48 -1.88 37.65
CA ASN B 258 -13.70 -0.95 38.49
C ASN B 258 -13.96 0.53 38.13
N ALA B 259 -15.06 0.79 37.43
CA ALA B 259 -15.47 2.15 37.10
C ALA B 259 -16.97 2.30 37.34
N PRO B 260 -17.48 3.49 37.74
CA PRO B 260 -18.94 3.64 37.89
C PRO B 260 -19.65 3.44 36.54
N ASP B 261 -20.90 2.97 36.57
CA ASP B 261 -21.68 2.65 35.36
C ASP B 261 -21.82 3.84 34.38
N ASP B 262 -21.92 5.09 34.89
CA ASP B 262 -22.06 6.28 34.05
C ASP B 262 -20.74 7.07 33.93
N PHE B 263 -19.59 6.46 34.26
CA PHE B 263 -18.28 7.14 34.20
C PHE B 263 -17.99 7.71 32.81
N GLY B 264 -18.23 6.91 31.78
CA GLY B 264 -18.03 7.27 30.37
C GLY B 264 -18.84 8.47 29.91
N VAL B 265 -20.17 8.45 30.15
CA VAL B 265 -21.07 9.53 29.71
C VAL B 265 -20.72 10.86 30.45
N ARG B 266 -20.35 10.77 31.75
CA ARG B 266 -19.97 11.92 32.57
C ARG B 266 -18.64 12.54 32.13
N VAL B 267 -17.64 11.70 31.77
CA VAL B 267 -16.33 12.18 31.33
C VAL B 267 -16.49 12.87 29.96
N VAL B 268 -17.24 12.24 29.03
CA VAL B 268 -17.48 12.79 27.69
C VAL B 268 -18.17 14.16 27.82
N ALA B 269 -19.16 14.30 28.72
CA ALA B 269 -19.88 15.57 28.96
C ALA B 269 -18.92 16.69 29.42
N VAL B 270 -17.96 16.39 30.30
CA VAL B 270 -16.93 17.34 30.75
C VAL B 270 -16.03 17.73 29.56
N LEU B 271 -15.59 16.73 28.76
CA LEU B 271 -14.72 16.95 27.58
C LEU B 271 -15.40 17.82 26.52
N VAL B 272 -16.70 17.59 26.24
CA VAL B 272 -17.47 18.35 25.25
C VAL B 272 -17.58 19.81 25.74
N ALA B 273 -17.87 20.01 27.05
CA ALA B 273 -18.00 21.35 27.64
C ALA B 273 -16.68 22.15 27.59
N GLN B 274 -15.54 21.48 27.84
CA GLN B 274 -14.22 22.11 27.86
C GLN B 274 -13.62 22.38 26.46
N THR B 275 -13.85 21.50 25.48
CA THR B 275 -13.27 21.64 24.14
C THR B 275 -14.21 22.30 23.12
N GLY B 276 -15.52 22.26 23.39
CA GLY B 276 -16.51 22.75 22.45
C GLY B 276 -16.73 21.78 21.30
N LEU B 277 -16.14 20.56 21.39
CA LEU B 277 -16.23 19.53 20.35
C LEU B 277 -17.44 18.62 20.60
N SER B 278 -18.59 18.98 20.01
CA SER B 278 -19.85 18.24 20.11
C SER B 278 -19.75 16.87 19.38
N GLU B 279 -18.74 16.69 18.49
CA GLU B 279 -18.49 15.44 17.77
C GLU B 279 -18.00 14.33 18.72
N LEU B 280 -17.49 14.69 19.92
CA LEU B 280 -17.03 13.70 20.90
C LEU B 280 -18.24 12.98 21.52
N ARG B 281 -18.25 11.66 21.49
CA ARG B 281 -19.37 10.89 22.02
C ARG B 281 -18.92 9.56 22.61
N THR B 282 -19.78 8.92 23.43
CA THR B 282 -19.47 7.59 23.96
C THR B 282 -19.61 6.59 22.82
N ALA B 283 -18.80 5.54 22.84
CA ALA B 283 -18.87 4.53 21.80
C ALA B 283 -20.21 3.79 21.82
N ALA B 284 -20.71 3.43 20.63
CA ALA B 284 -21.95 2.68 20.45
C ALA B 284 -21.84 1.28 21.11
N ASN B 285 -20.65 0.66 21.00
CA ASN B 285 -20.33 -0.64 21.59
C ASN B 285 -18.96 -0.54 22.24
N SER B 286 -18.90 -0.76 23.57
CA SER B 286 -17.70 -0.63 24.39
C SER B 286 -16.62 -1.68 24.07
N PHE B 287 -17.00 -2.82 23.45
CA PHE B 287 -16.07 -3.89 23.09
C PHE B 287 -15.39 -3.57 21.75
N GLU B 288 -16.16 -3.14 20.75
CA GLU B 288 -15.64 -2.70 19.44
C GLU B 288 -14.67 -1.51 19.61
N ALA B 289 -14.97 -0.61 20.56
CA ALA B 289 -14.16 0.60 20.84
C ALA B 289 -12.76 0.32 21.38
N GLN B 290 -12.51 -0.92 21.88
CA GLN B 290 -11.21 -1.29 22.46
C GLN B 290 -10.53 -2.41 21.67
N ALA B 291 -11.32 -3.36 21.14
CA ALA B 291 -10.83 -4.48 20.33
C ALA B 291 -10.37 -4.03 18.94
N ALA B 292 -10.89 -2.90 18.46
CA ALA B 292 -10.55 -2.36 17.14
C ALA B 292 -10.31 -0.85 17.19
N ARG B 293 -9.63 -0.33 16.17
CA ARG B 293 -9.37 1.10 15.97
C ARG B 293 -9.86 1.47 14.55
N ASP B 294 -11.01 0.86 14.15
CA ASP B 294 -11.63 0.99 12.83
C ASP B 294 -11.97 2.45 12.45
N GLY B 295 -12.28 3.29 13.46
CA GLY B 295 -12.56 4.71 13.28
C GLY B 295 -11.37 5.48 12.75
N LEU B 296 -10.13 5.08 13.14
CA LEU B 296 -8.90 5.70 12.64
C LEU B 296 -8.61 5.23 11.21
N VAL B 297 -8.87 3.93 10.89
CA VAL B 297 -8.68 3.38 9.52
C VAL B 297 -9.64 4.11 8.56
N GLU B 298 -10.90 4.32 9.00
CA GLU B 298 -11.94 5.03 8.24
C GLU B 298 -11.52 6.49 7.97
N ALA B 299 -11.09 7.22 9.02
CA ALA B 299 -10.65 8.62 8.92
C ALA B 299 -9.41 8.76 8.01
N SER B 300 -8.49 7.80 8.07
CA SER B 300 -7.29 7.80 7.21
C SER B 300 -7.66 7.69 5.72
N GLY B 301 -8.69 6.89 5.41
CA GLY B 301 -9.23 6.70 4.07
C GLY B 301 -9.72 8.00 3.47
N ALA B 302 -10.34 8.87 4.30
CA ALA B 302 -10.78 10.19 3.87
C ALA B 302 -9.55 11.09 3.57
N LEU B 303 -8.51 11.03 4.43
CA LEU B 303 -7.26 11.78 4.29
C LEU B 303 -6.50 11.37 3.05
N ARG B 304 -6.50 10.05 2.76
CA ARG B 304 -5.87 9.43 1.60
C ARG B 304 -6.56 9.93 0.29
N THR B 305 -7.90 10.04 0.27
CA THR B 305 -8.65 10.54 -0.89
C THR B 305 -8.30 12.04 -1.13
N ILE B 306 -8.16 12.84 -0.05
CA ILE B 306 -7.78 14.26 -0.13
C ILE B 306 -6.38 14.34 -0.76
N ALA B 307 -5.44 13.46 -0.32
CA ALA B 307 -4.07 13.36 -0.88
C ALA B 307 -4.13 13.04 -2.38
N VAL B 308 -5.06 12.14 -2.79
CA VAL B 308 -5.28 11.75 -4.19
C VAL B 308 -5.79 12.99 -4.99
N SER B 309 -6.77 13.74 -4.43
CA SER B 309 -7.30 14.98 -5.05
C SER B 309 -6.22 16.05 -5.17
N LEU B 310 -5.42 16.24 -4.09
CA LEU B 310 -4.35 17.24 -4.06
C LEU B 310 -3.24 16.93 -5.07
N THR B 311 -2.95 15.63 -5.32
CA THR B 311 -1.93 15.23 -6.31
C THR B 311 -2.35 15.72 -7.70
N LYS B 312 -3.60 15.49 -8.10
CA LYS B 312 -4.15 15.89 -9.40
C LYS B 312 -4.09 17.42 -9.56
N ILE B 313 -4.55 18.17 -8.55
CA ILE B 313 -4.57 19.64 -8.56
C ILE B 313 -3.14 20.20 -8.65
N ALA B 314 -2.22 19.73 -7.79
CA ALA B 314 -0.82 20.21 -7.78
C ALA B 314 -0.10 19.86 -9.09
N ASN B 315 -0.34 18.66 -9.65
CA ASN B 315 0.29 18.23 -10.92
C ASN B 315 -0.16 19.07 -12.10
N ASP B 316 -1.48 19.36 -12.18
CA ASP B 316 -2.04 20.19 -13.23
C ASP B 316 -1.47 21.62 -13.17
N ILE B 317 -1.36 22.19 -11.95
CA ILE B 317 -0.84 23.55 -11.75
C ILE B 317 0.65 23.64 -12.15
N ARG B 318 1.50 22.69 -11.70
CA ARG B 318 2.93 22.74 -12.09
C ARG B 318 3.09 22.52 -13.60
N TRP B 319 2.21 21.70 -14.24
CA TRP B 319 2.25 21.50 -15.69
C TRP B 319 1.76 22.76 -16.41
N MET B 320 0.74 23.45 -15.88
CA MET B 320 0.25 24.69 -16.49
C MET B 320 1.32 25.80 -16.45
N GLY B 321 2.15 25.79 -15.40
CA GLY B 321 3.23 26.76 -15.25
C GLY B 321 4.57 26.30 -15.83
N SER B 322 4.59 25.11 -16.47
CA SER B 322 5.81 24.51 -17.01
C SER B 322 6.45 25.32 -18.15
N GLY B 323 7.77 25.18 -18.27
CA GLY B 323 8.56 25.83 -19.31
C GLY B 323 9.33 27.05 -18.83
N PRO B 324 9.07 28.25 -19.38
CA PRO B 324 8.00 28.60 -20.35
C PRO B 324 8.21 28.07 -21.77
N LEU B 325 9.44 28.16 -22.31
CA LEU B 325 9.77 27.77 -23.69
C LEU B 325 9.50 26.29 -24.03
N THR B 326 9.89 25.35 -23.14
CA THR B 326 9.75 23.91 -23.39
C THR B 326 8.49 23.29 -22.82
N GLY B 327 7.63 24.10 -22.19
CA GLY B 327 6.41 23.63 -21.55
C GLY B 327 5.12 24.17 -22.12
N LEU B 328 4.07 24.19 -21.28
CA LEU B 328 2.73 24.64 -21.66
C LEU B 328 2.59 26.14 -21.50
N ALA B 329 3.32 26.74 -20.54
CA ALA B 329 3.39 28.19 -20.29
C ALA B 329 1.98 28.85 -20.27
N GLU B 330 1.03 28.17 -19.63
CA GLU B 330 -0.37 28.62 -19.54
C GLU B 330 -0.56 29.65 -18.44
N ILE B 331 0.07 29.41 -17.28
CA ILE B 331 -0.03 30.29 -16.11
C ILE B 331 1.36 30.58 -15.56
N GLN B 332 1.42 31.54 -14.64
CA GLN B 332 2.65 31.92 -13.95
C GLN B 332 2.41 31.77 -12.46
N LEU B 333 3.27 30.97 -11.81
CA LEU B 333 3.22 30.74 -10.36
C LEU B 333 4.00 31.84 -9.65
N PRO B 334 3.58 32.32 -8.45
CA PRO B 334 4.40 33.34 -7.75
C PRO B 334 5.76 32.78 -7.36
N ASP B 335 6.81 33.60 -7.51
CA ASP B 335 8.20 33.26 -7.17
C ASP B 335 8.34 33.20 -5.66
N LEU B 336 8.80 32.07 -5.12
CA LEU B 336 8.93 31.93 -3.66
C LEU B 336 10.37 31.88 -3.18
N GLN B 337 11.31 31.51 -4.07
CA GLN B 337 12.75 31.41 -3.75
C GLN B 337 13.58 31.15 -5.01
N PRO B 338 14.87 31.56 -5.08
CA PRO B 338 15.68 31.20 -6.27
C PRO B 338 15.76 29.68 -6.48
N GLY B 339 15.67 29.27 -7.75
CA GLY B 339 15.74 27.86 -8.12
C GLY B 339 17.11 27.44 -8.62
N SER B 340 17.83 28.36 -9.32
CA SER B 340 19.15 28.10 -9.90
C SER B 340 20.00 29.36 -10.06
N SER B 341 21.34 29.20 -9.89
CA SER B 341 22.36 30.23 -10.09
C SER B 341 23.02 30.00 -11.45
N ILE B 342 23.23 28.70 -11.82
CA ILE B 342 23.83 28.25 -13.08
C ILE B 342 22.90 28.62 -14.26
N MET B 343 21.57 28.47 -14.06
CA MET B 343 20.52 28.82 -15.04
C MET B 343 19.82 30.07 -14.49
N PRO B 344 20.27 31.30 -14.90
CA PRO B 344 19.72 32.53 -14.32
C PRO B 344 18.21 32.72 -14.51
N GLY B 345 17.56 33.12 -13.42
CA GLY B 345 16.13 33.39 -13.37
C GLY B 345 15.20 32.19 -13.35
N LYS B 346 15.76 30.94 -13.25
CA LYS B 346 14.94 29.72 -13.22
C LYS B 346 14.26 29.60 -11.86
N VAL B 347 12.91 29.64 -11.88
CA VAL B 347 12.10 29.54 -10.65
C VAL B 347 11.23 28.28 -10.77
N ASN B 348 11.27 27.44 -9.74
CA ASN B 348 10.59 26.14 -9.75
C ASN B 348 9.26 26.11 -8.99
N PRO B 349 8.31 25.21 -9.39
CA PRO B 349 7.01 25.13 -8.67
C PRO B 349 7.18 24.41 -7.31
N VAL B 350 7.79 25.11 -6.34
CA VAL B 350 8.15 24.53 -5.04
C VAL B 350 6.94 24.12 -4.17
N LEU B 351 5.82 24.87 -4.21
CA LEU B 351 4.64 24.51 -3.41
C LEU B 351 3.94 23.29 -4.01
N PRO B 352 3.64 23.19 -5.33
CA PRO B 352 3.09 21.91 -5.85
C PRO B 352 3.98 20.70 -5.48
N GLU B 353 5.32 20.86 -5.46
CA GLU B 353 6.27 19.81 -5.09
C GLU B 353 6.09 19.39 -3.63
N ALA B 354 5.87 20.38 -2.73
CA ALA B 354 5.64 20.14 -1.30
C ALA B 354 4.30 19.42 -1.11
N VAL B 355 3.27 19.80 -1.89
CA VAL B 355 1.92 19.20 -1.84
C VAL B 355 1.99 17.72 -2.27
N THR B 356 2.63 17.39 -3.43
CA THR B 356 2.70 16.02 -3.95
C THR B 356 3.55 15.09 -3.05
N GLN B 357 4.57 15.63 -2.38
CA GLN B 357 5.41 14.90 -1.43
C GLN B 357 4.61 14.61 -0.16
N VAL B 358 3.83 15.60 0.33
CA VAL B 358 2.94 15.42 1.48
C VAL B 358 1.92 14.32 1.17
N ALA B 359 1.35 14.34 -0.06
CA ALA B 359 0.35 13.36 -0.52
C ALA B 359 0.92 11.96 -0.50
N ALA B 360 2.19 11.79 -0.94
CA ALA B 360 2.91 10.53 -0.90
C ALA B 360 3.04 10.04 0.57
N GLN B 361 3.39 10.95 1.50
CA GLN B 361 3.51 10.61 2.92
C GLN B 361 2.15 10.14 3.53
N VAL B 362 1.03 10.80 3.16
CA VAL B 362 -0.33 10.49 3.61
C VAL B 362 -0.70 9.08 3.10
N ILE B 363 -0.35 8.74 1.84
CA ILE B 363 -0.57 7.42 1.24
C ILE B 363 0.17 6.36 2.09
N GLY B 364 1.45 6.62 2.40
CA GLY B 364 2.27 5.74 3.20
C GLY B 364 1.72 5.53 4.60
N ASN B 365 1.39 6.64 5.29
CA ASN B 365 0.82 6.60 6.64
C ASN B 365 -0.48 5.83 6.67
N ASP B 366 -1.30 5.96 5.62
CA ASP B 366 -2.57 5.26 5.44
C ASP B 366 -2.37 3.73 5.43
N ALA B 367 -1.35 3.23 4.69
CA ALA B 367 -1.04 1.80 4.61
C ALA B 367 -0.60 1.25 6.00
N ALA B 368 0.18 2.05 6.77
CA ALA B 368 0.62 1.70 8.13
C ALA B 368 -0.58 1.59 9.10
N ILE B 369 -1.52 2.54 9.02
CA ILE B 369 -2.73 2.59 9.85
C ILE B 369 -3.62 1.36 9.61
N ALA B 370 -3.89 1.03 8.34
CA ALA B 370 -4.74 -0.13 7.98
C ALA B 370 -4.10 -1.44 8.46
N TRP B 371 -2.77 -1.56 8.34
CA TRP B 371 -2.00 -2.72 8.77
C TRP B 371 -2.19 -2.95 10.28
N GLY B 372 -2.03 -1.89 11.08
CA GLY B 372 -2.20 -1.96 12.53
C GLY B 372 -3.64 -2.23 12.94
N GLY B 373 -4.59 -1.61 12.24
CA GLY B 373 -6.02 -1.76 12.51
C GLY B 373 -6.56 -3.16 12.33
N ALA B 374 -6.00 -3.91 11.36
CA ALA B 374 -6.45 -5.27 11.07
C ALA B 374 -5.94 -6.31 12.06
N ASN B 375 -4.83 -6.01 12.75
CA ASN B 375 -4.14 -6.96 13.58
C ASN B 375 -4.44 -6.89 15.10
N GLY B 376 -5.68 -6.55 15.44
CA GLY B 376 -6.14 -6.62 16.81
C GLY B 376 -6.35 -8.06 17.22
N ALA B 377 -6.44 -8.33 18.52
CA ALA B 377 -6.67 -9.68 19.01
C ALA B 377 -7.55 -9.63 20.24
N PHE B 378 -8.67 -10.35 20.17
CA PHE B 378 -9.66 -10.48 21.23
C PHE B 378 -10.09 -9.10 21.78
N GLU B 379 -9.81 -8.81 23.06
CA GLU B 379 -10.30 -7.60 23.71
C GLU B 379 -9.50 -6.33 23.44
N LEU B 380 -8.38 -6.42 22.71
CA LEU B 380 -7.57 -5.21 22.50
C LEU B 380 -6.75 -5.20 21.21
N ASN B 381 -6.79 -4.06 20.51
CA ASN B 381 -5.91 -3.80 19.37
C ASN B 381 -4.66 -3.13 19.98
N VAL B 382 -3.49 -3.78 19.82
CA VAL B 382 -2.24 -3.28 20.43
C VAL B 382 -1.31 -2.62 19.36
N TYR B 383 -1.88 -1.71 18.55
CA TYR B 383 -1.14 -0.95 17.53
C TYR B 383 -1.47 0.54 17.64
N ILE B 384 -2.06 0.97 18.77
CA ILE B 384 -2.54 2.34 18.97
C ILE B 384 -1.40 3.40 18.87
N PRO B 385 -0.25 3.32 19.57
CA PRO B 385 0.74 4.42 19.45
C PRO B 385 1.21 4.65 18.00
N MET B 386 1.42 3.57 17.23
CA MET B 386 1.82 3.65 15.83
C MET B 386 0.66 4.25 14.99
N MET B 387 -0.58 3.76 15.18
CA MET B 387 -1.73 4.27 14.43
C MET B 387 -1.97 5.77 14.74
N ALA B 388 -1.83 6.16 16.02
CA ALA B 388 -1.98 7.56 16.47
C ALA B 388 -0.94 8.46 15.80
N ARG B 389 0.33 8.02 15.75
CA ARG B 389 1.43 8.77 15.14
C ARG B 389 1.11 9.12 13.68
N ASN B 390 0.72 8.11 12.91
CA ASN B 390 0.44 8.21 11.49
C ASN B 390 -0.82 9.02 11.17
N ILE B 391 -1.94 8.84 11.90
CA ILE B 391 -3.16 9.59 11.61
C ILE B 391 -2.97 11.08 11.94
N LEU B 392 -2.34 11.39 13.09
CA LEU B 392 -2.16 12.76 13.53
C LEU B 392 -1.16 13.49 12.65
N GLU B 393 -0.16 12.77 12.12
CA GLU B 393 0.79 13.35 11.19
C GLU B 393 0.09 13.68 9.87
N SER B 394 -0.73 12.76 9.33
CA SER B 394 -1.46 12.98 8.10
C SER B 394 -2.35 14.22 8.23
N PHE B 395 -3.08 14.38 9.39
CA PHE B 395 -3.91 15.56 9.67
C PHE B 395 -3.07 16.84 9.63
N LYS B 396 -1.92 16.85 10.34
CA LYS B 396 -1.03 18.00 10.45
C LYS B 396 -0.44 18.40 9.08
N LEU B 397 0.06 17.41 8.30
CA LEU B 397 0.67 17.66 6.99
C LEU B 397 -0.32 18.28 6.01
N LEU B 398 -1.54 17.72 5.92
CA LEU B 398 -2.58 18.20 5.01
C LEU B 398 -3.06 19.59 5.41
N THR B 399 -3.20 19.87 6.72
CA THR B 399 -3.64 21.16 7.25
C THR B 399 -2.65 22.26 6.86
N ASN B 400 -1.37 22.06 7.19
CA ASN B 400 -0.31 23.04 6.97
C ASN B 400 -0.01 23.27 5.49
N VAL B 401 0.05 22.19 4.67
CA VAL B 401 0.36 22.35 3.25
C VAL B 401 -0.84 22.97 2.48
N SER B 402 -2.09 22.73 2.92
CA SER B 402 -3.28 23.28 2.25
C SER B 402 -3.32 24.80 2.37
N ARG B 403 -2.98 25.34 3.57
CA ARG B 403 -2.94 26.78 3.84
C ARG B 403 -1.84 27.45 3.02
N LEU B 404 -0.64 26.86 2.99
CA LEU B 404 0.50 27.37 2.21
C LEU B 404 0.21 27.33 0.72
N PHE B 405 -0.42 26.25 0.23
CA PHE B 405 -0.78 26.11 -1.18
C PHE B 405 -1.79 27.19 -1.59
N ALA B 406 -2.79 27.45 -0.73
CA ALA B 406 -3.83 28.47 -0.96
C ALA B 406 -3.23 29.90 -0.98
N GLN B 407 -2.41 30.25 0.04
CA GLN B 407 -1.85 31.58 0.24
C GLN B 407 -0.63 31.91 -0.59
N ARG B 408 0.32 30.95 -0.73
CA ARG B 408 1.59 31.24 -1.39
C ARG B 408 1.64 30.75 -2.85
N CYS B 409 0.58 30.09 -3.33
CA CYS B 409 0.58 29.63 -4.71
C CYS B 409 -0.71 30.03 -5.44
N ILE B 410 -1.87 29.46 -5.07
CA ILE B 410 -3.18 29.69 -5.71
C ILE B 410 -3.56 31.18 -5.81
N ALA B 411 -3.53 31.92 -4.68
CA ALA B 411 -3.94 33.33 -4.61
C ALA B 411 -3.23 34.25 -5.63
N GLY B 412 -1.93 34.04 -5.85
CA GLY B 412 -1.14 34.88 -6.75
C GLY B 412 -0.94 34.38 -8.17
N LEU B 413 -1.60 33.28 -8.58
CA LEU B 413 -1.48 32.76 -9.95
C LEU B 413 -1.97 33.78 -10.99
N THR B 414 -1.24 33.93 -12.12
CA THR B 414 -1.66 34.82 -13.20
C THR B 414 -1.77 34.01 -14.50
N ALA B 415 -2.76 34.33 -15.33
CA ALA B 415 -3.01 33.60 -16.59
C ALA B 415 -2.42 34.31 -17.80
N ASN B 416 -1.86 33.55 -18.75
CA ASN B 416 -1.35 34.08 -20.02
C ASN B 416 -2.51 33.98 -21.00
N VAL B 417 -3.48 34.92 -20.85
CA VAL B 417 -4.78 35.00 -21.55
C VAL B 417 -4.64 34.87 -23.09
N GLU B 418 -3.79 35.71 -23.72
CA GLU B 418 -3.59 35.75 -25.18
C GLU B 418 -3.02 34.42 -25.72
N HIS B 419 -2.00 33.84 -25.02
CA HIS B 419 -1.42 32.56 -25.38
C HIS B 419 -2.48 31.43 -25.30
N LEU B 420 -3.29 31.45 -24.23
CA LEU B 420 -4.35 30.47 -23.98
C LEU B 420 -5.42 30.48 -25.08
N ARG B 421 -5.85 31.68 -25.55
CA ARG B 421 -6.85 31.82 -26.62
C ARG B 421 -6.28 31.25 -27.94
N ARG B 422 -5.00 31.53 -28.24
CA ARG B 422 -4.29 31.01 -29.42
C ARG B 422 -4.24 29.48 -29.41
N LEU B 423 -4.04 28.86 -28.23
CA LEU B 423 -4.01 27.40 -28.06
C LEU B 423 -5.40 26.80 -28.34
N ALA B 424 -6.47 27.48 -27.86
CA ALA B 424 -7.86 27.04 -28.06
C ALA B 424 -8.21 27.04 -29.54
N GLU B 425 -7.78 28.09 -30.25
CA GLU B 425 -8.02 28.25 -31.69
C GLU B 425 -7.15 27.30 -32.53
N SER B 426 -6.00 26.81 -32.01
CA SER B 426 -5.10 25.95 -32.77
C SER B 426 -5.45 24.45 -32.70
N SER B 427 -6.26 24.01 -31.70
CA SER B 427 -6.61 22.59 -31.55
C SER B 427 -7.45 22.11 -32.75
N PRO B 428 -7.04 20.99 -33.40
CA PRO B 428 -7.82 20.50 -34.56
C PRO B 428 -9.16 19.88 -34.16
N SER B 429 -9.31 19.53 -32.86
CA SER B 429 -10.51 18.95 -32.29
C SER B 429 -11.68 19.93 -32.26
N ILE B 430 -11.48 21.21 -32.69
CA ILE B 430 -12.56 22.22 -32.73
C ILE B 430 -13.56 21.88 -33.87
N VAL B 431 -13.29 20.80 -34.65
CA VAL B 431 -14.13 20.29 -35.74
C VAL B 431 -15.36 19.50 -35.16
N THR B 432 -15.29 19.10 -33.87
CA THR B 432 -16.28 18.32 -33.11
C THR B 432 -17.72 18.91 -33.21
N PRO B 433 -18.03 20.23 -33.00
CA PRO B 433 -19.43 20.68 -33.15
C PRO B 433 -20.02 20.58 -34.57
N LEU B 434 -19.22 20.19 -35.58
CA LEU B 434 -19.67 20.04 -36.98
C LEU B 434 -20.19 18.61 -37.26
N ASN B 435 -20.09 17.69 -36.27
CA ASN B 435 -20.52 16.28 -36.36
C ASN B 435 -21.99 16.14 -36.81
N SER B 436 -22.90 16.99 -36.30
CA SER B 436 -24.33 16.97 -36.67
C SER B 436 -24.56 17.42 -38.12
N ALA B 437 -23.63 18.21 -38.69
CA ALA B 437 -23.72 18.77 -40.04
C ALA B 437 -23.00 17.93 -41.11
N ILE B 438 -21.81 17.38 -40.81
CA ILE B 438 -21.02 16.63 -41.81
C ILE B 438 -20.74 15.15 -41.42
N GLY B 439 -21.05 14.76 -40.18
CA GLY B 439 -20.80 13.40 -39.71
C GLY B 439 -19.40 13.22 -39.15
N TYR B 440 -19.20 12.17 -38.32
CA TYR B 440 -17.91 11.86 -37.69
C TYR B 440 -16.79 11.58 -38.72
N GLU B 441 -17.04 10.70 -39.71
CA GLU B 441 -16.06 10.28 -40.73
C GLU B 441 -15.54 11.44 -41.57
N GLU B 442 -16.43 12.34 -42.03
CA GLU B 442 -16.05 13.50 -42.82
C GLU B 442 -15.28 14.52 -41.93
N ALA B 443 -15.70 14.70 -40.66
CA ALA B 443 -15.04 15.61 -39.72
C ALA B 443 -13.61 15.13 -39.41
N ALA B 444 -13.37 13.79 -39.42
CA ALA B 444 -12.04 13.18 -39.19
C ALA B 444 -11.10 13.49 -40.35
N ALA B 445 -11.65 13.45 -41.60
CA ALA B 445 -10.92 13.76 -42.83
C ALA B 445 -10.54 15.25 -42.87
N VAL B 446 -11.36 16.11 -42.23
CA VAL B 446 -11.13 17.56 -42.13
C VAL B 446 -9.95 17.80 -41.17
N ALA B 447 -10.00 17.26 -39.94
CA ALA B 447 -8.96 17.41 -38.92
C ALA B 447 -7.58 16.93 -39.43
N LYS B 448 -7.54 15.78 -40.14
CA LYS B 448 -6.32 15.18 -40.68
C LYS B 448 -5.73 16.02 -41.83
N GLN B 449 -6.58 16.53 -42.74
CA GLN B 449 -6.14 17.37 -43.88
C GLN B 449 -5.63 18.73 -43.38
N ALA B 450 -6.31 19.34 -42.37
CA ALA B 450 -5.92 20.62 -41.76
C ALA B 450 -4.51 20.54 -41.14
N LEU B 451 -4.19 19.40 -40.49
CA LEU B 451 -2.88 19.15 -39.85
C LEU B 451 -1.77 18.90 -40.88
N LYS B 452 -2.08 18.12 -41.94
CA LYS B 452 -1.16 17.77 -43.02
C LYS B 452 -0.76 18.97 -43.87
N GLU B 453 -1.74 19.82 -44.23
CA GLU B 453 -1.55 21.00 -45.09
C GLU B 453 -1.24 22.27 -44.28
N ARG B 454 -1.22 22.18 -42.93
CA ARG B 454 -0.95 23.27 -41.97
C ARG B 454 -1.94 24.44 -42.21
N LYS B 455 -3.23 24.07 -42.38
CA LYS B 455 -4.34 25.00 -42.60
C LYS B 455 -5.35 24.93 -41.44
N THR B 456 -6.20 25.96 -41.30
CA THR B 456 -7.22 26.02 -40.24
C THR B 456 -8.38 25.07 -40.57
N ILE B 457 -9.20 24.73 -39.54
CA ILE B 457 -10.38 23.86 -39.68
C ILE B 457 -11.39 24.54 -40.62
N ARG B 458 -11.60 25.88 -40.43
CA ARG B 458 -12.48 26.73 -41.23
C ARG B 458 -12.14 26.66 -42.73
N GLN B 459 -10.84 26.83 -43.08
CA GLN B 459 -10.37 26.79 -44.45
C GLN B 459 -10.48 25.38 -45.07
N THR B 460 -10.17 24.33 -44.28
CA THR B 460 -10.23 22.92 -44.72
C THR B 460 -11.69 22.53 -45.06
N VAL B 461 -12.68 23.04 -44.28
CA VAL B 461 -14.12 22.80 -44.50
C VAL B 461 -14.52 23.45 -45.85
N ILE B 462 -14.01 24.67 -46.11
CA ILE B 462 -14.25 25.41 -47.36
C ILE B 462 -13.57 24.67 -48.54
N ASP B 463 -12.27 24.29 -48.37
CA ASP B 463 -11.43 23.62 -49.37
C ASP B 463 -11.98 22.24 -49.78
N ARG B 464 -12.70 21.56 -48.86
CA ARG B 464 -13.28 20.23 -49.12
C ARG B 464 -14.72 20.34 -49.66
N GLY B 465 -15.14 21.56 -50.04
CA GLY B 465 -16.47 21.87 -50.59
C GLY B 465 -17.62 21.42 -49.72
N LEU B 466 -17.52 21.66 -48.39
CA LEU B 466 -18.53 21.25 -47.42
C LEU B 466 -19.60 22.33 -47.15
N ILE B 467 -19.38 23.57 -47.62
CA ILE B 467 -20.34 24.65 -47.44
C ILE B 467 -21.50 24.45 -48.45
N GLY B 468 -22.72 24.34 -47.92
CA GLY B 468 -23.93 24.13 -48.69
C GLY B 468 -25.21 24.28 -47.88
N ASP B 469 -26.19 23.39 -48.12
CA ASP B 469 -27.49 23.38 -47.45
C ASP B 469 -27.39 22.92 -45.99
N ARG B 470 -26.58 21.86 -45.73
CA ARG B 470 -26.39 21.29 -44.39
C ARG B 470 -25.55 22.21 -43.49
N LEU B 471 -24.66 23.05 -44.07
CA LEU B 471 -23.79 23.95 -43.32
C LEU B 471 -23.45 25.23 -44.11
N SER B 472 -23.96 26.38 -43.63
CA SER B 472 -23.67 27.70 -44.21
C SER B 472 -22.37 28.26 -43.60
N ILE B 473 -21.79 29.31 -44.22
CA ILE B 473 -20.55 29.95 -43.76
C ILE B 473 -20.80 30.67 -42.39
N GLU B 474 -22.02 31.21 -42.18
CA GLU B 474 -22.42 31.88 -40.94
C GLU B 474 -22.58 30.86 -39.81
N ASP B 475 -23.10 29.64 -40.14
CA ASP B 475 -23.29 28.54 -39.20
C ASP B 475 -21.93 27.97 -38.77
N LEU B 476 -20.96 27.90 -39.72
CA LEU B 476 -19.59 27.41 -39.47
C LEU B 476 -18.85 28.36 -38.52
N ASP B 477 -18.91 29.70 -38.76
CA ASP B 477 -18.26 30.72 -37.93
C ASP B 477 -18.85 30.74 -36.50
N ARG B 478 -20.16 30.50 -36.39
CA ARG B 478 -20.88 30.43 -35.12
C ARG B 478 -20.44 29.20 -34.32
N ARG B 479 -20.34 28.04 -34.99
CA ARG B 479 -19.93 26.77 -34.39
C ARG B 479 -18.44 26.73 -34.05
N LEU B 480 -17.58 27.53 -34.75
CA LEU B 480 -16.13 27.52 -34.51
C LEU B 480 -15.66 28.55 -33.46
N ASP B 481 -16.56 29.39 -32.89
CA ASP B 481 -16.24 30.37 -31.83
C ASP B 481 -15.81 29.57 -30.58
N VAL B 482 -14.52 29.66 -30.20
CA VAL B 482 -13.90 28.87 -29.12
C VAL B 482 -14.50 29.16 -27.73
N LEU B 483 -14.82 30.43 -27.39
CA LEU B 483 -15.43 30.74 -26.09
C LEU B 483 -16.85 30.16 -26.01
N ALA B 484 -17.63 30.29 -27.09
CA ALA B 484 -18.98 29.73 -27.18
C ALA B 484 -18.93 28.20 -27.11
N MET B 485 -17.89 27.58 -27.71
CA MET B 485 -17.66 26.13 -27.70
C MET B 485 -17.38 25.60 -26.29
N ALA B 486 -16.74 26.43 -25.43
CA ALA B 486 -16.42 26.09 -24.03
C ALA B 486 -17.71 26.03 -23.18
N LYS B 487 -18.80 26.67 -23.67
CA LYS B 487 -20.14 26.72 -23.08
C LYS B 487 -20.12 27.15 -21.61
N ALA B 488 -19.45 28.29 -21.30
CA ALA B 488 -19.37 28.82 -19.94
C ALA B 488 -20.72 29.38 -19.48
N ASN C 31 -27.50 -37.16 -14.75
CA ASN C 31 -26.62 -36.02 -14.96
C ASN C 31 -25.56 -35.88 -13.85
N TYR C 32 -25.68 -36.68 -12.76
CA TYR C 32 -24.74 -36.67 -11.64
C TYR C 32 -24.39 -38.10 -11.17
N ARG C 33 -23.30 -38.23 -10.39
CA ARG C 33 -22.83 -39.50 -9.81
C ARG C 33 -22.46 -39.32 -8.33
N ILE C 34 -22.36 -40.42 -7.57
CA ILE C 34 -22.04 -40.37 -6.14
C ILE C 34 -20.56 -40.74 -5.90
N GLU C 35 -19.85 -39.87 -5.17
CA GLU C 35 -18.46 -40.07 -4.79
C GLU C 35 -18.37 -40.08 -3.24
N HIS C 36 -17.21 -40.43 -2.66
CA HIS C 36 -17.04 -40.51 -1.20
C HIS C 36 -15.70 -39.96 -0.70
N ASP C 37 -15.70 -39.52 0.58
CA ASP C 37 -14.53 -39.08 1.35
C ASP C 37 -14.77 -39.42 2.83
N THR C 38 -13.82 -39.06 3.72
CA THR C 38 -13.90 -39.36 5.17
C THR C 38 -15.09 -38.63 5.87
N MET C 39 -15.81 -37.74 5.14
CA MET C 39 -16.95 -37.00 5.65
C MET C 39 -18.31 -37.51 5.11
N GLY C 40 -18.30 -38.40 4.10
CA GLY C 40 -19.52 -38.97 3.54
C GLY C 40 -19.67 -38.92 2.04
N GLU C 41 -20.93 -38.99 1.57
CA GLU C 41 -21.35 -39.01 0.16
C GLU C 41 -21.47 -37.59 -0.43
N VAL C 42 -21.07 -37.42 -1.71
CA VAL C 42 -21.11 -36.16 -2.44
C VAL C 42 -21.63 -36.39 -3.89
N ARG C 43 -22.59 -35.57 -4.35
CA ARG C 43 -23.14 -35.61 -5.72
C ARG C 43 -22.21 -34.80 -6.62
N VAL C 44 -21.66 -35.45 -7.67
CA VAL C 44 -20.68 -34.83 -8.59
C VAL C 44 -21.23 -34.84 -10.04
N PRO C 45 -21.05 -33.77 -10.87
CA PRO C 45 -21.49 -33.86 -12.29
C PRO C 45 -20.87 -35.07 -12.98
N ALA C 46 -21.72 -35.87 -13.65
CA ALA C 46 -21.38 -37.13 -14.33
C ALA C 46 -20.14 -37.08 -15.25
N LYS C 47 -19.94 -35.99 -16.02
CA LYS C 47 -18.82 -35.87 -16.96
C LYS C 47 -17.56 -35.16 -16.39
N ALA C 48 -17.61 -34.73 -15.12
CA ALA C 48 -16.47 -34.08 -14.46
C ALA C 48 -15.40 -35.11 -14.11
N LEU C 49 -14.11 -34.79 -14.36
CA LEU C 49 -13.00 -35.69 -14.04
C LEU C 49 -12.59 -35.57 -12.57
N TRP C 50 -13.13 -34.58 -11.85
CA TRP C 50 -12.84 -34.39 -10.43
C TRP C 50 -13.78 -35.28 -9.60
N ARG C 51 -13.54 -35.40 -8.28
CA ARG C 51 -14.38 -36.26 -7.45
C ARG C 51 -14.99 -35.50 -6.24
N ALA C 52 -15.33 -36.22 -5.14
CA ALA C 52 -16.03 -35.70 -3.95
C ALA C 52 -15.36 -34.48 -3.29
N GLN C 53 -14.04 -34.55 -3.01
CA GLN C 53 -13.35 -33.47 -2.31
C GLN C 53 -13.32 -32.17 -3.14
N THR C 54 -13.18 -32.26 -4.48
CA THR C 54 -13.20 -31.08 -5.36
C THR C 54 -14.61 -30.48 -5.38
N GLN C 55 -15.65 -31.35 -5.46
CA GLN C 55 -17.04 -30.90 -5.48
C GLN C 55 -17.41 -30.18 -4.16
N ARG C 56 -16.89 -30.66 -3.01
CA ARG C 56 -17.10 -30.00 -1.71
C ARG C 56 -16.51 -28.59 -1.75
N ALA C 57 -15.29 -28.45 -2.31
CA ALA C 57 -14.59 -27.16 -2.43
C ALA C 57 -15.34 -26.20 -3.39
N VAL C 58 -15.99 -26.74 -4.44
CA VAL C 58 -16.81 -25.96 -5.39
C VAL C 58 -17.98 -25.29 -4.63
N GLU C 59 -18.64 -26.06 -3.75
CA GLU C 59 -19.77 -25.58 -2.96
C GLU C 59 -19.33 -24.72 -1.77
N ASN C 60 -18.14 -24.96 -1.22
CA ASN C 60 -17.65 -24.20 -0.07
C ASN C 60 -17.11 -22.83 -0.45
N PHE C 61 -16.51 -22.70 -1.66
CA PHE C 61 -15.87 -21.42 -1.99
C PHE C 61 -16.41 -20.68 -3.27
N PRO C 62 -17.73 -20.49 -3.53
CA PRO C 62 -18.12 -19.66 -4.70
C PRO C 62 -17.92 -18.16 -4.38
N ILE C 63 -16.68 -17.65 -4.51
CA ILE C 63 -16.32 -16.30 -4.08
C ILE C 63 -15.97 -15.38 -5.25
N SER C 64 -14.94 -15.72 -6.05
CA SER C 64 -14.51 -14.87 -7.18
C SER C 64 -15.03 -15.40 -8.51
N GLY C 65 -15.29 -16.69 -8.59
CA GLY C 65 -15.70 -17.34 -9.83
C GLY C 65 -14.52 -17.62 -10.74
N ARG C 66 -13.29 -17.40 -10.23
CA ARG C 66 -12.03 -17.63 -10.94
C ARG C 66 -11.17 -18.65 -10.20
N GLY C 67 -10.69 -19.63 -10.96
CA GLY C 67 -9.84 -20.70 -10.46
C GLY C 67 -8.38 -20.51 -10.81
N LEU C 68 -7.60 -21.60 -10.76
CA LEU C 68 -6.18 -21.60 -11.07
C LEU C 68 -5.91 -21.23 -12.53
N GLU C 69 -4.81 -20.52 -12.77
CA GLU C 69 -4.38 -20.15 -14.11
C GLU C 69 -3.65 -21.32 -14.80
N ARG C 70 -3.47 -21.23 -16.13
CA ARG C 70 -2.78 -22.21 -16.97
C ARG C 70 -1.39 -22.62 -16.38
N THR C 71 -0.58 -21.64 -15.96
CA THR C 71 0.77 -21.80 -15.40
C THR C 71 0.77 -22.60 -14.08
N GLN C 72 -0.26 -22.40 -13.25
CA GLN C 72 -0.45 -23.10 -11.98
C GLN C 72 -0.81 -24.55 -12.18
N ILE C 73 -1.71 -24.83 -13.14
CA ILE C 73 -2.16 -26.18 -13.50
C ILE C 73 -0.98 -26.93 -14.11
N ARG C 74 -0.20 -26.25 -14.96
CA ARG C 74 0.99 -26.80 -15.58
C ARG C 74 1.99 -27.25 -14.49
N ALA C 75 2.26 -26.35 -13.51
CA ALA C 75 3.20 -26.62 -12.42
C ALA C 75 2.74 -27.80 -11.54
N LEU C 76 1.41 -27.90 -11.25
CA LEU C 76 0.86 -29.01 -10.48
C LEU C 76 1.03 -30.34 -11.22
N GLY C 77 0.81 -30.34 -12.54
CA GLY C 77 0.99 -31.51 -13.39
C GLY C 77 2.45 -31.95 -13.43
N LEU C 78 3.38 -30.98 -13.60
CA LEU C 78 4.82 -31.26 -13.59
C LEU C 78 5.26 -31.91 -12.27
N LEU C 79 4.80 -31.35 -11.13
CA LEU C 79 5.16 -31.81 -9.78
C LEU C 79 4.65 -33.24 -9.50
N LYS C 80 3.37 -33.52 -9.83
CA LYS C 80 2.79 -34.85 -9.60
C LYS C 80 3.47 -35.94 -10.42
N GLY C 81 3.86 -35.61 -11.65
CA GLY C 81 4.60 -36.53 -12.53
C GLY C 81 5.97 -36.85 -11.97
N ALA C 82 6.70 -35.81 -11.48
CA ALA C 82 8.03 -35.94 -10.88
C ALA C 82 7.98 -36.74 -9.58
N CYS C 83 6.94 -36.53 -8.74
CA CYS C 83 6.76 -37.27 -7.48
C CYS C 83 6.54 -38.77 -7.77
N ALA C 84 5.70 -39.10 -8.79
CA ALA C 84 5.42 -40.49 -9.17
C ALA C 84 6.69 -41.19 -9.68
N GLN C 85 7.52 -40.45 -10.44
CA GLN C 85 8.80 -40.93 -10.96
C GLN C 85 9.74 -41.31 -9.78
N VAL C 86 9.84 -40.45 -8.75
CA VAL C 86 10.72 -40.68 -7.60
C VAL C 86 10.19 -41.84 -6.73
N ASN C 87 8.87 -41.90 -6.49
CA ASN C 87 8.25 -42.98 -5.71
C ASN C 87 8.46 -44.34 -6.40
N SER C 88 8.41 -44.37 -7.74
CA SER C 88 8.70 -45.55 -8.54
C SER C 88 10.18 -45.93 -8.41
N ASP C 89 11.10 -44.94 -8.55
CA ASP C 89 12.56 -45.12 -8.46
C ASP C 89 12.98 -45.73 -7.10
N LEU C 90 12.29 -45.34 -6.01
CA LEU C 90 12.58 -45.80 -4.66
C LEU C 90 11.86 -47.11 -4.30
N GLY C 91 11.13 -47.69 -5.25
CA GLY C 91 10.38 -48.93 -5.10
C GLY C 91 9.20 -48.85 -4.15
N LEU C 92 8.63 -47.64 -4.00
CA LEU C 92 7.50 -47.37 -3.10
C LEU C 92 6.15 -47.43 -3.81
N LEU C 93 6.16 -47.26 -5.13
CA LEU C 93 4.95 -47.27 -5.95
C LEU C 93 5.14 -48.22 -7.12
N ALA C 94 4.14 -49.09 -7.39
CA ALA C 94 4.16 -50.06 -8.48
C ALA C 94 4.37 -49.36 -9.83
N PRO C 95 5.28 -49.87 -10.70
CA PRO C 95 5.61 -49.16 -11.96
C PRO C 95 4.42 -48.85 -12.86
N GLU C 96 3.42 -49.76 -12.95
CA GLU C 96 2.21 -49.58 -13.77
C GLU C 96 1.38 -48.40 -13.24
N LYS C 97 1.32 -48.23 -11.91
CA LYS C 97 0.62 -47.11 -11.26
C LYS C 97 1.38 -45.81 -11.51
N ALA C 98 2.72 -45.86 -11.39
CA ALA C 98 3.59 -44.70 -11.60
C ALA C 98 3.49 -44.21 -13.05
N ASP C 99 3.50 -45.14 -14.03
CA ASP C 99 3.39 -44.84 -15.48
C ASP C 99 2.07 -44.16 -15.81
N ALA C 100 0.96 -44.60 -15.18
CA ALA C 100 -0.37 -44.02 -15.34
C ALA C 100 -0.42 -42.59 -14.79
N ILE C 101 0.23 -42.32 -13.64
CA ILE C 101 0.30 -40.97 -13.05
C ILE C 101 1.10 -40.05 -13.99
N ILE C 102 2.28 -40.52 -14.43
CA ILE C 102 3.18 -39.78 -15.32
C ILE C 102 2.45 -39.40 -16.63
N ALA C 103 1.71 -40.36 -17.24
CA ALA C 103 0.95 -40.13 -18.49
C ALA C 103 -0.18 -39.12 -18.26
N ALA C 104 -0.94 -39.27 -17.16
CA ALA C 104 -2.04 -38.38 -16.81
C ALA C 104 -1.54 -36.96 -16.48
N ALA C 105 -0.47 -36.86 -15.65
CA ALA C 105 0.14 -35.60 -15.21
C ALA C 105 0.68 -34.80 -16.40
N ALA C 106 1.23 -35.49 -17.42
CA ALA C 106 1.75 -34.89 -18.65
C ALA C 106 0.62 -34.23 -19.44
N GLU C 107 -0.59 -34.86 -19.45
CA GLU C 107 -1.78 -34.31 -20.11
C GLU C 107 -2.23 -33.01 -19.42
N ILE C 108 -2.19 -33.00 -18.07
CA ILE C 108 -2.55 -31.85 -17.23
C ILE C 108 -1.56 -30.70 -17.49
N ALA C 109 -0.25 -31.02 -17.51
CA ALA C 109 0.82 -30.04 -17.75
C ALA C 109 0.74 -29.41 -19.15
N ASP C 110 0.20 -30.15 -20.14
CA ASP C 110 0.03 -29.72 -21.53
C ASP C 110 -1.21 -28.83 -21.75
N GLY C 111 -2.15 -28.83 -20.79
CA GLY C 111 -3.36 -28.00 -20.86
C GLY C 111 -4.60 -28.65 -21.46
N GLN C 112 -4.62 -30.00 -21.48
CA GLN C 112 -5.74 -30.75 -22.03
C GLN C 112 -6.93 -30.83 -21.07
N HIS C 113 -6.72 -30.54 -19.76
CA HIS C 113 -7.77 -30.67 -18.74
C HIS C 113 -7.95 -29.42 -17.84
N ASP C 114 -7.71 -28.21 -18.37
CA ASP C 114 -7.84 -26.98 -17.58
C ASP C 114 -9.29 -26.74 -17.08
N ASP C 115 -10.30 -27.25 -17.83
CA ASP C 115 -11.71 -27.15 -17.46
C ASP C 115 -12.07 -28.15 -16.31
N GLN C 116 -11.08 -28.92 -15.82
CA GLN C 116 -11.28 -29.89 -14.74
C GLN C 116 -10.77 -29.34 -13.39
N PHE C 117 -10.45 -28.02 -13.35
CA PHE C 117 -9.95 -27.34 -12.14
C PHE C 117 -10.91 -26.17 -11.79
N PRO C 118 -12.12 -26.48 -11.23
CA PRO C 118 -13.11 -25.43 -11.00
C PRO C 118 -13.03 -24.72 -9.64
N ILE C 119 -12.10 -25.11 -8.77
CA ILE C 119 -12.02 -24.54 -7.42
C ILE C 119 -11.55 -23.08 -7.47
N ASP C 120 -12.23 -22.24 -6.70
CA ASP C 120 -11.91 -20.82 -6.55
C ASP C 120 -10.51 -20.62 -5.98
N VAL C 121 -9.89 -19.49 -6.33
CA VAL C 121 -8.60 -19.06 -5.79
C VAL C 121 -8.76 -18.91 -4.27
N PHE C 122 -9.88 -18.32 -3.84
CA PHE C 122 -10.15 -18.04 -2.43
C PHE C 122 -10.70 -19.31 -1.76
N GLN C 123 -9.80 -20.28 -1.61
CA GLN C 123 -10.02 -21.61 -1.03
C GLN C 123 -9.24 -21.71 0.29
N THR C 124 -9.16 -22.93 0.87
CA THR C 124 -8.36 -23.19 2.07
C THR C 124 -6.91 -22.66 1.80
N GLY C 125 -6.37 -21.92 2.77
CA GLY C 125 -5.08 -21.24 2.65
C GLY C 125 -3.83 -22.01 2.30
N SER C 126 -3.85 -23.33 2.46
CA SER C 126 -2.70 -24.18 2.11
C SER C 126 -2.77 -24.65 0.66
N GLY C 127 -3.93 -24.48 0.02
CA GLY C 127 -4.17 -24.96 -1.33
C GLY C 127 -4.47 -26.45 -1.38
N THR C 128 -4.92 -27.05 -0.25
CA THR C 128 -5.31 -28.47 -0.11
C THR C 128 -6.34 -28.89 -1.19
N SER C 129 -7.39 -28.08 -1.37
CA SER C 129 -8.47 -28.31 -2.32
C SER C 129 -7.93 -28.48 -3.75
N SER C 130 -7.06 -27.56 -4.21
CA SER C 130 -6.45 -27.65 -5.55
C SER C 130 -5.48 -28.83 -5.63
N ASN C 131 -4.83 -29.20 -4.50
CA ASN C 131 -3.96 -30.39 -4.47
C ASN C 131 -4.83 -31.65 -4.69
N MET C 132 -5.95 -31.76 -3.93
CA MET C 132 -6.93 -32.84 -4.05
C MET C 132 -7.51 -32.89 -5.45
N ASN C 133 -7.71 -31.70 -6.06
CA ASN C 133 -8.28 -31.56 -7.39
C ASN C 133 -7.37 -32.21 -8.43
N THR C 134 -6.04 -31.99 -8.31
CA THR C 134 -5.03 -32.59 -9.19
C THR C 134 -5.00 -34.12 -9.02
N ASN C 135 -5.03 -34.62 -7.77
CA ASN C 135 -5.00 -36.06 -7.43
C ASN C 135 -6.22 -36.81 -7.98
N GLU C 136 -7.42 -36.20 -7.85
CA GLU C 136 -8.70 -36.79 -8.30
C GLU C 136 -8.79 -36.84 -9.83
N VAL C 137 -8.35 -35.77 -10.53
CA VAL C 137 -8.36 -35.68 -12.00
C VAL C 137 -7.37 -36.74 -12.55
N ILE C 138 -6.17 -36.89 -11.92
CA ILE C 138 -5.17 -37.91 -12.31
C ILE C 138 -5.80 -39.32 -12.16
N ALA C 139 -6.47 -39.58 -11.02
CA ALA C 139 -7.12 -40.86 -10.75
C ALA C 139 -8.19 -41.20 -11.81
N SER C 140 -9.00 -40.20 -12.24
CA SER C 140 -10.05 -40.37 -13.24
C SER C 140 -9.50 -40.60 -14.65
N ILE C 141 -8.39 -39.90 -15.02
CA ILE C 141 -7.74 -40.07 -16.34
C ILE C 141 -7.18 -41.50 -16.43
N ALA C 142 -6.48 -41.95 -15.37
CA ALA C 142 -5.86 -43.27 -15.30
C ALA C 142 -6.91 -44.39 -15.35
N ALA C 143 -8.07 -44.17 -14.70
CA ALA C 143 -9.21 -45.10 -14.68
C ALA C 143 -9.72 -45.39 -16.10
N LYS C 144 -9.69 -44.37 -17.00
CA LYS C 144 -10.11 -44.49 -18.41
C LYS C 144 -9.18 -45.41 -19.19
N GLY C 145 -7.96 -45.58 -18.69
CA GLY C 145 -6.96 -46.46 -19.27
C GLY C 145 -6.87 -47.81 -18.57
N GLY C 146 -7.84 -48.09 -17.70
CA GLY C 146 -7.91 -49.33 -16.93
C GLY C 146 -6.98 -49.48 -15.75
N VAL C 147 -6.45 -48.36 -15.20
CA VAL C 147 -5.55 -48.41 -14.04
C VAL C 147 -6.26 -47.73 -12.85
N THR C 148 -6.39 -48.43 -11.72
CA THR C 148 -7.03 -47.91 -10.51
C THR C 148 -5.99 -47.25 -9.58
N LEU C 149 -6.14 -45.94 -9.36
CA LEU C 149 -5.25 -45.18 -8.47
C LEU C 149 -6.02 -44.62 -7.31
N HIS C 150 -5.44 -44.69 -6.11
CA HIS C 150 -6.05 -44.06 -4.96
C HIS C 150 -5.55 -42.59 -4.96
N PRO C 151 -6.45 -41.57 -5.07
CA PRO C 151 -5.95 -40.17 -5.14
C PRO C 151 -4.99 -39.80 -4.00
N ASN C 152 -5.22 -40.30 -2.78
CA ASN C 152 -4.33 -40.02 -1.65
C ASN C 152 -3.16 -41.00 -1.55
N ASP C 153 -3.45 -42.31 -1.43
CA ASP C 153 -2.42 -43.34 -1.24
C ASP C 153 -1.43 -43.45 -2.40
N ASP C 154 -1.86 -43.23 -3.66
CA ASP C 154 -0.97 -43.36 -4.81
C ASP C 154 -0.50 -42.02 -5.38
N VAL C 155 -1.43 -41.13 -5.75
CA VAL C 155 -1.09 -39.86 -6.39
C VAL C 155 -0.46 -38.87 -5.39
N ASN C 156 -0.82 -38.96 -4.10
CA ASN C 156 -0.26 -38.05 -3.08
C ASN C 156 0.80 -38.76 -2.22
N MET C 157 1.33 -39.91 -2.67
CA MET C 157 2.33 -40.66 -1.92
C MET C 157 3.58 -39.80 -1.63
N SER C 158 4.09 -39.85 -0.37
CA SER C 158 5.26 -39.14 0.16
C SER C 158 5.08 -37.61 0.18
N GLN C 159 3.84 -37.13 -0.06
CA GLN C 159 3.51 -35.71 -0.13
C GLN C 159 2.49 -35.24 0.91
N SER C 160 2.35 -33.94 0.99
CA SER C 160 1.39 -33.21 1.79
C SER C 160 0.95 -32.02 0.94
N SER C 161 -0.20 -31.42 1.25
CA SER C 161 -0.63 -30.20 0.55
C SER C 161 0.28 -29.03 0.91
N ASN C 162 0.80 -29.06 2.16
CA ASN C 162 1.62 -28.02 2.76
C ASN C 162 3.00 -27.90 2.10
N ASP C 163 3.51 -28.95 1.44
CA ASP C 163 4.78 -28.82 0.74
C ASP C 163 4.56 -28.77 -0.79
N THR C 164 3.51 -29.42 -1.34
CA THR C 164 3.22 -29.47 -2.78
C THR C 164 2.61 -28.18 -3.35
N PHE C 165 1.56 -27.59 -2.74
CA PHE C 165 1.00 -26.36 -3.32
C PHE C 165 2.03 -25.21 -3.34
N PRO C 166 2.81 -24.91 -2.25
CA PRO C 166 3.83 -23.85 -2.37
C PRO C 166 4.95 -24.24 -3.35
N THR C 167 5.28 -25.55 -3.49
CA THR C 167 6.28 -26.01 -4.48
C THR C 167 5.80 -25.67 -5.90
N ALA C 168 4.54 -26.03 -6.22
CA ALA C 168 3.94 -25.75 -7.53
C ALA C 168 3.90 -24.22 -7.80
N THR C 169 3.62 -23.42 -6.75
CA THR C 169 3.58 -21.96 -6.80
C THR C 169 4.97 -21.41 -7.16
N HIS C 170 6.03 -21.89 -6.47
CA HIS C 170 7.41 -21.45 -6.70
C HIS C 170 7.96 -21.95 -8.04
N ILE C 171 7.48 -23.11 -8.56
CA ILE C 171 7.88 -23.61 -9.88
C ILE C 171 7.34 -22.64 -10.93
N ALA C 172 6.03 -22.32 -10.84
CA ALA C 172 5.33 -21.43 -11.75
C ALA C 172 5.93 -20.02 -11.71
N ALA C 173 6.28 -19.50 -10.52
CA ALA C 173 6.86 -18.17 -10.37
C ALA C 173 8.30 -18.11 -10.95
N THR C 174 9.11 -19.17 -10.74
CA THR C 174 10.48 -19.25 -11.27
C THR C 174 10.46 -19.32 -12.81
N GLU C 175 9.58 -20.18 -13.40
CA GLU C 175 9.41 -20.29 -14.85
C GLU C 175 8.96 -18.94 -15.45
N ALA C 176 7.98 -18.27 -14.80
CA ALA C 176 7.48 -16.96 -15.26
C ALA C 176 8.61 -15.91 -15.28
N ALA C 177 9.53 -15.95 -14.31
CA ALA C 177 10.66 -15.04 -14.23
C ALA C 177 11.71 -15.32 -15.30
N VAL C 178 12.14 -16.57 -15.41
CA VAL C 178 13.25 -17.00 -16.26
C VAL C 178 12.85 -17.18 -17.73
N ALA C 179 11.76 -17.90 -18.02
CA ALA C 179 11.40 -18.18 -19.41
C ALA C 179 10.55 -17.08 -20.06
N HIS C 180 9.88 -16.21 -19.29
CA HIS C 180 9.00 -15.23 -19.94
C HIS C 180 9.33 -13.78 -19.62
N LEU C 181 9.40 -13.37 -18.33
CA LEU C 181 9.64 -11.96 -17.99
C LEU C 181 11.03 -11.44 -18.43
N ILE C 182 12.13 -12.13 -18.04
CA ILE C 182 13.48 -11.69 -18.39
C ILE C 182 13.61 -11.54 -19.94
N PRO C 183 13.21 -12.52 -20.80
CA PRO C 183 13.31 -12.27 -22.25
C PRO C 183 12.43 -11.09 -22.73
N ALA C 184 11.24 -10.89 -22.14
CA ALA C 184 10.36 -9.75 -22.51
C ALA C 184 11.01 -8.42 -22.12
N LEU C 185 11.62 -8.34 -20.90
CA LEU C 185 12.33 -7.13 -20.43
C LEU C 185 13.57 -6.87 -21.30
N GLN C 186 14.28 -7.95 -21.70
CA GLN C 186 15.47 -7.81 -22.56
C GLN C 186 15.06 -7.22 -23.92
N GLN C 187 13.92 -7.66 -24.48
CA GLN C 187 13.38 -7.15 -25.75
C GLN C 187 13.05 -5.64 -25.63
N LEU C 188 12.51 -5.21 -24.48
CA LEU C 188 12.18 -3.81 -24.22
C LEU C 188 13.47 -2.99 -24.07
N HIS C 189 14.47 -3.52 -23.33
CA HIS C 189 15.78 -2.89 -23.16
C HIS C 189 16.41 -2.61 -24.52
N ASP C 190 16.46 -3.64 -25.41
CA ASP C 190 17.07 -3.58 -26.75
C ASP C 190 16.37 -2.55 -27.65
N ALA C 191 15.03 -2.44 -27.56
CA ALA C 191 14.27 -1.44 -28.35
C ALA C 191 14.62 -0.03 -27.88
N LEU C 192 14.71 0.18 -26.54
CA LEU C 192 15.06 1.48 -25.94
C LEU C 192 16.52 1.86 -26.26
N ALA C 193 17.44 0.88 -26.17
CA ALA C 193 18.86 1.09 -26.47
C ALA C 193 19.08 1.40 -27.95
N ALA C 194 18.27 0.80 -28.86
CA ALA C 194 18.38 1.06 -30.30
C ALA C 194 17.97 2.50 -30.61
N LYS C 195 16.91 3.02 -29.92
CA LYS C 195 16.44 4.40 -30.03
C LYS C 195 17.45 5.37 -29.46
N ALA C 196 18.13 4.99 -28.35
CA ALA C 196 19.19 5.77 -27.72
C ALA C 196 20.36 5.98 -28.68
N LEU C 197 20.66 4.98 -29.51
CA LEU C 197 21.73 5.04 -30.51
C LEU C 197 21.28 5.88 -31.72
N ASP C 198 20.04 5.66 -32.24
CA ASP C 198 19.49 6.43 -33.36
C ASP C 198 19.47 7.94 -33.07
N TRP C 199 19.15 8.30 -31.81
CA TRP C 199 18.96 9.68 -31.38
C TRP C 199 20.16 10.25 -30.58
N HIS C 200 21.35 9.67 -30.78
CA HIS C 200 22.60 10.08 -30.15
C HIS C 200 22.89 11.59 -30.30
N THR C 201 22.59 12.18 -31.47
CA THR C 201 22.89 13.60 -31.71
C THR C 201 21.62 14.46 -31.76
N VAL C 202 20.45 13.88 -31.42
CA VAL C 202 19.18 14.64 -31.45
C VAL C 202 19.14 15.54 -30.20
N VAL C 203 19.71 16.74 -30.34
CA VAL C 203 19.79 17.72 -29.26
C VAL C 203 18.40 18.31 -28.97
N LYS C 204 18.13 18.50 -27.68
CA LYS C 204 16.90 19.06 -27.18
C LYS C 204 17.19 19.77 -25.87
N SER C 205 16.21 20.48 -25.37
CA SER C 205 16.35 21.18 -24.12
C SER C 205 15.97 20.24 -22.96
N GLY C 206 16.76 20.26 -21.90
CA GLY C 206 16.48 19.47 -20.71
C GLY C 206 15.34 20.08 -19.91
N ARG C 207 14.73 19.31 -19.02
CA ARG C 207 13.64 19.76 -18.14
C ARG C 207 13.86 19.25 -16.74
N THR C 208 13.91 20.18 -15.77
CA THR C 208 14.04 19.85 -14.35
C THR C 208 12.95 20.64 -13.64
N HIS C 209 12.14 19.97 -12.78
CA HIS C 209 10.98 20.57 -12.08
C HIS C 209 9.92 21.04 -13.11
N LEU C 210 9.99 20.48 -14.34
CA LEU C 210 9.14 20.79 -15.52
C LEU C 210 9.55 22.14 -16.14
N MET C 211 10.68 22.72 -15.71
CA MET C 211 11.13 24.02 -16.24
C MET C 211 12.33 23.86 -17.17
N ASP C 212 12.47 24.84 -18.09
CA ASP C 212 13.54 24.94 -19.08
C ASP C 212 14.92 24.75 -18.45
N ALA C 213 15.71 23.80 -18.96
CA ALA C 213 17.06 23.56 -18.43
C ALA C 213 18.09 23.51 -19.57
N VAL C 214 19.35 23.20 -19.23
CA VAL C 214 20.45 23.11 -20.21
C VAL C 214 20.28 21.91 -21.19
N PRO C 215 20.94 21.92 -22.38
CA PRO C 215 20.69 20.85 -23.36
C PRO C 215 21.10 19.43 -22.96
N VAL C 216 20.35 18.48 -23.52
CA VAL C 216 20.54 17.02 -23.43
C VAL C 216 20.28 16.46 -24.82
N THR C 217 20.45 15.15 -25.01
CA THR C 217 20.01 14.56 -26.26
C THR C 217 18.84 13.64 -25.92
N LEU C 218 18.00 13.37 -26.92
CA LEU C 218 16.91 12.42 -26.81
C LEU C 218 17.51 11.00 -26.59
N GLY C 219 18.70 10.77 -27.16
CA GLY C 219 19.46 9.53 -27.00
C GLY C 219 19.91 9.30 -25.57
N GLN C 220 20.36 10.36 -24.87
CA GLN C 220 20.77 10.32 -23.46
C GLN C 220 19.61 9.92 -22.55
N GLU C 221 18.40 10.50 -22.77
CA GLU C 221 17.20 10.16 -22.00
C GLU C 221 16.80 8.70 -22.21
N PHE C 222 16.86 8.22 -23.47
CA PHE C 222 16.52 6.84 -23.80
C PHE C 222 17.58 5.86 -23.28
N SER C 223 18.84 6.32 -23.10
CA SER C 223 19.87 5.47 -22.50
C SER C 223 19.54 5.29 -21.01
N GLY C 224 18.97 6.33 -20.39
CA GLY C 224 18.50 6.33 -19.01
C GLY C 224 17.39 5.33 -18.81
N TYR C 225 16.37 5.33 -19.71
CA TYR C 225 15.24 4.37 -19.71
C TYR C 225 15.76 2.96 -19.86
N ALA C 226 16.71 2.75 -20.80
CA ALA C 226 17.34 1.45 -21.08
C ALA C 226 18.01 0.91 -19.80
N ARG C 227 18.75 1.77 -19.08
CA ARG C 227 19.41 1.39 -17.82
C ARG C 227 18.36 0.96 -16.75
N GLN C 228 17.22 1.66 -16.66
CA GLN C 228 16.13 1.31 -15.71
C GLN C 228 15.62 -0.13 -15.97
N ILE C 229 15.50 -0.52 -17.25
CA ILE C 229 15.02 -1.85 -17.64
C ILE C 229 16.12 -2.89 -17.41
N GLU C 230 17.38 -2.53 -17.71
CA GLU C 230 18.53 -3.39 -17.46
C GLU C 230 18.67 -3.67 -15.96
N ALA C 231 18.51 -2.62 -15.12
CA ALA C 231 18.53 -2.72 -13.64
C ALA C 231 17.35 -3.57 -13.16
N GLY C 232 16.22 -3.53 -13.89
CA GLY C 232 15.05 -4.36 -13.63
C GLY C 232 15.35 -5.84 -13.78
N ILE C 233 16.09 -6.21 -14.85
CA ILE C 233 16.52 -7.60 -15.14
C ILE C 233 17.44 -8.06 -14.01
N GLU C 234 18.40 -7.20 -13.59
CA GLU C 234 19.32 -7.47 -12.49
C GLU C 234 18.55 -7.75 -11.18
N ARG C 235 17.49 -6.99 -10.91
CA ARG C 235 16.62 -7.14 -9.72
C ARG C 235 15.90 -8.48 -9.71
N VAL C 236 15.38 -8.93 -10.87
CA VAL C 236 14.70 -10.22 -11.01
C VAL C 236 15.73 -11.34 -10.81
N ARG C 237 16.93 -11.22 -11.42
CA ARG C 237 17.98 -12.22 -11.31
C ARG C 237 18.46 -12.37 -9.86
N ALA C 238 18.55 -11.26 -9.11
CA ALA C 238 19.00 -11.23 -7.72
C ALA C 238 18.04 -11.96 -6.75
N CYS C 239 16.74 -12.08 -7.09
CA CYS C 239 15.75 -12.74 -6.22
C CYS C 239 15.64 -14.26 -6.51
N LEU C 240 16.12 -14.72 -7.68
CA LEU C 240 16.06 -16.13 -8.13
C LEU C 240 16.68 -17.15 -7.13
N PRO C 241 17.81 -16.89 -6.39
CA PRO C 241 18.31 -17.91 -5.44
C PRO C 241 17.30 -18.29 -4.34
N ARG C 242 16.34 -17.39 -4.02
CA ARG C 242 15.33 -17.66 -3.00
C ARG C 242 13.96 -17.91 -3.62
N LEU C 243 13.68 -17.34 -4.80
CA LEU C 243 12.40 -17.62 -5.47
C LEU C 243 12.31 -19.10 -5.93
N GLY C 244 13.45 -19.66 -6.35
CA GLY C 244 13.55 -21.02 -6.84
C GLY C 244 13.56 -22.11 -5.78
N GLU C 245 13.60 -21.73 -4.49
CA GLU C 245 13.59 -22.67 -3.36
C GLU C 245 12.23 -23.35 -3.25
N LEU C 246 12.24 -24.68 -3.22
CA LEU C 246 11.02 -25.51 -3.17
C LEU C 246 10.90 -26.25 -1.84
N ALA C 247 9.67 -26.32 -1.31
CA ALA C 247 9.36 -26.95 -0.03
C ALA C 247 9.26 -28.50 -0.12
N ILE C 248 9.14 -29.06 -1.34
CA ILE C 248 8.93 -30.50 -1.58
C ILE C 248 9.86 -31.37 -0.71
N GLY C 249 9.24 -32.33 -0.02
CA GLY C 249 9.91 -33.25 0.90
C GLY C 249 9.71 -32.91 2.36
N GLY C 250 9.28 -31.68 2.65
CA GLY C 250 9.03 -31.21 4.01
C GLY C 250 7.78 -31.77 4.65
N THR C 251 6.83 -32.25 3.82
CA THR C 251 5.52 -32.85 4.17
C THR C 251 4.67 -31.89 5.04
N ALA C 252 3.92 -32.42 6.04
CA ALA C 252 2.94 -31.65 6.83
C ALA C 252 3.48 -30.46 7.62
N VAL C 253 4.64 -30.57 8.28
CA VAL C 253 5.14 -29.48 9.13
C VAL C 253 6.58 -29.01 8.81
N GLY C 254 7.23 -29.64 7.83
CA GLY C 254 8.62 -29.32 7.45
C GLY C 254 9.64 -30.34 7.93
N THR C 255 9.22 -31.33 8.75
CA THR C 255 10.09 -32.37 9.31
C THR C 255 10.40 -33.51 8.33
N GLY C 256 9.59 -33.66 7.29
CA GLY C 256 9.75 -34.72 6.30
C GLY C 256 9.15 -36.05 6.71
N LEU C 257 8.33 -36.06 7.79
CA LEU C 257 7.65 -37.25 8.29
C LEU C 257 6.75 -37.83 7.18
N ASN C 258 6.81 -39.16 6.94
CA ASN C 258 6.02 -39.93 5.94
C ASN C 258 6.55 -39.73 4.51
N ALA C 259 7.79 -39.26 4.38
CA ALA C 259 8.48 -39.14 3.10
C ALA C 259 9.88 -39.70 3.24
N PRO C 260 10.46 -40.30 2.18
CA PRO C 260 11.89 -40.72 2.24
C PRO C 260 12.78 -39.51 2.53
N ASP C 261 13.90 -39.71 3.23
CA ASP C 261 14.81 -38.62 3.63
C ASP C 261 15.35 -37.78 2.43
N ASP C 262 15.56 -38.43 1.27
CA ASP C 262 16.07 -37.78 0.07
C ASP C 262 14.97 -37.49 -0.97
N PHE C 263 13.67 -37.55 -0.57
CA PHE C 263 12.56 -37.30 -1.48
C PHE C 263 12.65 -35.93 -2.17
N GLY C 264 12.93 -34.88 -1.40
CA GLY C 264 13.06 -33.52 -1.90
C GLY C 264 14.13 -33.35 -2.95
N VAL C 265 15.38 -33.76 -2.66
CA VAL C 265 16.50 -33.64 -3.60
C VAL C 265 16.24 -34.47 -4.88
N ARG C 266 15.61 -35.64 -4.75
CA ARG C 266 15.29 -36.49 -5.90
C ARG C 266 14.22 -35.88 -6.82
N VAL C 267 13.16 -35.28 -6.26
CA VAL C 267 12.07 -34.65 -7.02
C VAL C 267 12.62 -33.42 -7.77
N VAL C 268 13.40 -32.59 -7.08
CA VAL C 268 14.02 -31.40 -7.65
C VAL C 268 14.97 -31.80 -8.79
N ALA C 269 15.75 -32.88 -8.63
CA ALA C 269 16.66 -33.37 -9.67
C ALA C 269 15.87 -33.74 -10.95
N VAL C 270 14.71 -34.38 -10.80
CA VAL C 270 13.82 -34.77 -11.90
C VAL C 270 13.22 -33.52 -12.57
N LEU C 271 12.71 -32.56 -11.76
CA LEU C 271 12.13 -31.32 -12.28
C LEU C 271 13.14 -30.49 -13.10
N VAL C 272 14.40 -30.44 -12.65
CA VAL C 272 15.46 -29.68 -13.34
C VAL C 272 15.81 -30.37 -14.69
N ALA C 273 15.93 -31.71 -14.68
CA ALA C 273 16.24 -32.51 -15.87
C ALA C 273 15.12 -32.40 -16.93
N GLN C 274 13.85 -32.40 -16.49
CA GLN C 274 12.71 -32.33 -17.40
C GLN C 274 12.45 -30.92 -17.95
N THR C 275 12.54 -29.86 -17.10
CA THR C 275 12.21 -28.50 -17.50
C THR C 275 13.41 -27.67 -17.97
N GLY C 276 14.60 -27.98 -17.48
CA GLY C 276 15.80 -27.20 -17.78
C GLY C 276 15.91 -25.97 -16.90
N LEU C 277 15.00 -25.82 -15.91
CA LEU C 277 14.97 -24.71 -14.96
C LEU C 277 15.96 -24.96 -13.84
N SER C 278 17.23 -24.62 -14.09
CA SER C 278 18.34 -24.83 -13.18
C SER C 278 18.19 -24.02 -11.87
N GLU C 279 17.36 -22.96 -11.85
CA GLU C 279 17.13 -22.12 -10.68
C GLU C 279 16.33 -22.86 -9.59
N LEU C 280 15.66 -23.99 -9.93
CA LEU C 280 14.92 -24.79 -8.94
C LEU C 280 15.89 -25.52 -8.01
N ARG C 281 15.61 -25.49 -6.71
CA ARG C 281 16.46 -26.09 -5.69
C ARG C 281 15.66 -26.38 -4.44
N THR C 282 16.14 -27.32 -3.60
CA THR C 282 15.51 -27.58 -2.30
C THR C 282 15.78 -26.39 -1.40
N ALA C 283 14.83 -26.04 -0.52
CA ALA C 283 14.96 -24.92 0.39
C ALA C 283 16.14 -25.09 1.35
N ALA C 284 16.80 -23.97 1.75
CA ALA C 284 17.92 -23.98 2.71
C ALA C 284 17.41 -24.47 4.08
N ASN C 285 16.18 -24.06 4.44
CA ASN C 285 15.55 -24.47 5.69
C ASN C 285 14.11 -24.91 5.40
N SER C 286 13.79 -26.17 5.73
CA SER C 286 12.50 -26.79 5.45
C SER C 286 11.33 -26.17 6.26
N PHE C 287 11.62 -25.56 7.42
CA PHE C 287 10.60 -24.93 8.27
C PHE C 287 10.26 -23.53 7.72
N GLU C 288 11.29 -22.76 7.32
CA GLU C 288 11.13 -21.44 6.71
C GLU C 288 10.36 -21.56 5.37
N ALA C 289 10.57 -22.67 4.62
CA ALA C 289 9.96 -22.89 3.31
C ALA C 289 8.45 -23.17 3.38
N GLN C 290 7.91 -23.51 4.56
CA GLN C 290 6.47 -23.79 4.70
C GLN C 290 5.78 -22.81 5.65
N ALA C 291 6.47 -22.37 6.71
CA ALA C 291 5.96 -21.38 7.68
C ALA C 291 5.84 -19.98 7.06
N ALA C 292 6.59 -19.73 5.98
CA ALA C 292 6.59 -18.42 5.34
C ALA C 292 6.65 -18.56 3.81
N ARG C 293 6.30 -17.47 3.12
CA ARG C 293 6.35 -17.35 1.66
C ARG C 293 7.16 -16.09 1.30
N ASP C 294 8.22 -15.80 2.09
CA ASP C 294 9.08 -14.60 1.97
C ASP C 294 9.72 -14.45 0.57
N GLY C 295 9.96 -15.57 -0.12
CA GLY C 295 10.50 -15.59 -1.49
C GLY C 295 9.58 -14.90 -2.49
N LEU C 296 8.26 -15.03 -2.30
CA LEU C 296 7.23 -14.40 -3.14
C LEU C 296 7.15 -12.90 -2.85
N VAL C 297 7.25 -12.50 -1.55
CA VAL C 297 7.23 -11.09 -1.12
C VAL C 297 8.46 -10.39 -1.74
N GLU C 298 9.63 -11.04 -1.67
CA GLU C 298 10.89 -10.56 -2.23
C GLU C 298 10.77 -10.33 -3.76
N ALA C 299 10.30 -11.36 -4.51
CA ALA C 299 10.13 -11.30 -5.97
C ALA C 299 9.12 -10.23 -6.38
N SER C 300 8.04 -10.05 -5.60
CA SER C 300 7.05 -9.02 -5.85
C SER C 300 7.67 -7.61 -5.73
N GLY C 301 8.60 -7.44 -4.78
CA GLY C 301 9.34 -6.19 -4.58
C GLY C 301 10.13 -5.80 -5.83
N ALA C 302 10.75 -6.81 -6.51
CA ALA C 302 11.46 -6.60 -7.77
C ALA C 302 10.47 -6.17 -8.88
N LEU C 303 9.31 -6.85 -8.95
CA LEU C 303 8.25 -6.57 -9.94
C LEU C 303 7.67 -5.16 -9.74
N ARG C 304 7.49 -4.77 -8.48
CA ARG C 304 7.00 -3.46 -8.07
C ARG C 304 8.02 -2.37 -8.49
N THR C 305 9.33 -2.62 -8.35
CA THR C 305 10.37 -1.65 -8.73
C THR C 305 10.32 -1.47 -10.28
N ILE C 306 10.13 -2.57 -11.03
CA ILE C 306 9.99 -2.54 -12.50
C ILE C 306 8.75 -1.70 -12.88
N ALA C 307 7.62 -1.88 -12.16
CA ALA C 307 6.38 -1.11 -12.38
C ALA C 307 6.64 0.37 -12.17
N VAL C 308 7.48 0.72 -11.16
CA VAL C 308 7.88 2.10 -10.83
C VAL C 308 8.70 2.68 -11.99
N SER C 309 9.68 1.91 -12.51
CA SER C 309 10.52 2.31 -13.65
C SER C 309 9.68 2.50 -14.92
N LEU C 310 8.76 1.55 -15.20
CA LEU C 310 7.89 1.61 -16.39
C LEU C 310 6.95 2.83 -16.36
N THR C 311 6.50 3.24 -15.16
CA THR C 311 5.62 4.40 -14.99
C THR C 311 6.34 5.67 -15.49
N LYS C 312 7.60 5.86 -15.06
CA LYS C 312 8.44 6.99 -15.44
C LYS C 312 8.66 7.03 -16.96
N ILE C 313 9.05 5.87 -17.55
CA ILE C 313 9.34 5.75 -18.98
C ILE C 313 8.06 6.05 -19.81
N ALA C 314 6.91 5.41 -19.45
CA ALA C 314 5.65 5.59 -20.16
C ALA C 314 5.12 7.02 -20.02
N ASN C 315 5.23 7.64 -18.82
CA ASN C 315 4.77 9.02 -18.58
C ASN C 315 5.56 10.01 -19.39
N ASP C 316 6.91 9.87 -19.43
CA ASP C 316 7.80 10.72 -20.22
C ASP C 316 7.48 10.60 -21.70
N ILE C 317 7.27 9.37 -22.20
CA ILE C 317 6.97 9.10 -23.61
C ILE C 317 5.60 9.72 -24.03
N ARG C 318 4.54 9.57 -23.21
CA ARG C 318 3.26 10.19 -23.57
C ARG C 318 3.34 11.73 -23.46
N TRP C 319 4.14 12.26 -22.52
CA TRP C 319 4.33 13.71 -22.46
C TRP C 319 5.13 14.22 -23.68
N MET C 320 6.17 13.46 -24.11
CA MET C 320 6.97 13.84 -25.29
C MET C 320 6.10 13.84 -26.56
N GLY C 321 5.14 12.91 -26.65
CA GLY C 321 4.24 12.81 -27.79
C GLY C 321 2.98 13.67 -27.69
N SER C 322 2.82 14.45 -26.60
CA SER C 322 1.62 15.27 -26.36
C SER C 322 1.41 16.35 -27.43
N GLY C 323 0.14 16.68 -27.67
CA GLY C 323 -0.23 17.69 -28.65
C GLY C 323 -1.25 17.23 -29.65
N PRO C 324 -1.06 17.47 -30.97
CA PRO C 324 0.15 18.00 -31.64
C PRO C 324 0.44 19.49 -31.48
N LEU C 325 -0.57 20.32 -31.15
CA LEU C 325 -0.34 21.77 -31.10
C LEU C 325 -0.37 22.40 -29.69
N THR C 326 -0.97 21.75 -28.67
CA THR C 326 -1.03 22.35 -27.33
C THR C 326 -0.15 21.61 -26.30
N GLY C 327 0.67 20.67 -26.78
CA GLY C 327 1.55 19.86 -25.95
C GLY C 327 3.02 20.17 -26.14
N LEU C 328 3.87 19.16 -25.93
CA LEU C 328 5.32 19.29 -26.05
C LEU C 328 5.78 19.00 -27.49
N ALA C 329 5.07 18.07 -28.19
CA ALA C 329 5.29 17.68 -29.59
C ALA C 329 6.76 17.38 -29.91
N GLU C 330 7.43 16.65 -29.00
CA GLU C 330 8.84 16.29 -29.15
C GLU C 330 9.00 15.10 -30.07
N ILE C 331 8.08 14.14 -29.95
CA ILE C 331 8.10 12.90 -30.72
C ILE C 331 6.70 12.58 -31.22
N GLN C 332 6.61 11.57 -32.11
CA GLN C 332 5.37 11.06 -32.65
C GLN C 332 5.31 9.58 -32.37
N LEU C 333 4.27 9.15 -31.67
CA LEU C 333 4.02 7.74 -31.38
C LEU C 333 3.32 7.11 -32.57
N PRO C 334 3.58 5.82 -32.90
CA PRO C 334 2.81 5.17 -33.98
C PRO C 334 1.31 5.12 -33.67
N ASP C 335 0.46 5.36 -34.69
CA ASP C 335 -1.01 5.29 -34.58
C ASP C 335 -1.42 3.83 -34.42
N LEU C 336 -2.26 3.53 -33.43
CA LEU C 336 -2.67 2.14 -33.20
C LEU C 336 -4.18 1.94 -33.37
N GLN C 337 -5.00 3.01 -33.16
CA GLN C 337 -6.47 2.98 -33.26
C GLN C 337 -7.08 4.39 -33.17
N PRO C 338 -8.31 4.67 -33.73
CA PRO C 338 -8.91 6.01 -33.56
C PRO C 338 -9.05 6.35 -32.07
N GLY C 339 -8.64 7.57 -31.71
CA GLY C 339 -8.60 8.00 -30.31
C GLY C 339 -9.93 8.28 -29.63
N SER C 340 -10.86 8.91 -30.34
CA SER C 340 -12.12 9.33 -29.73
C SER C 340 -13.36 8.91 -30.50
N SER C 341 -14.43 8.63 -29.74
CA SER C 341 -15.75 8.31 -30.26
C SER C 341 -16.48 9.60 -30.69
N ILE C 342 -16.08 10.76 -30.12
CA ILE C 342 -16.71 12.08 -30.36
C ILE C 342 -15.77 13.06 -31.14
N MET C 343 -14.49 13.20 -30.72
CA MET C 343 -13.50 14.10 -31.33
C MET C 343 -12.79 13.39 -32.50
N PRO C 344 -13.12 13.79 -33.75
CA PRO C 344 -12.58 13.10 -34.92
C PRO C 344 -11.15 13.53 -35.28
N GLY C 345 -10.33 12.54 -35.69
CA GLY C 345 -8.94 12.72 -36.08
C GLY C 345 -7.92 12.55 -34.95
N LYS C 346 -8.39 12.67 -33.69
CA LYS C 346 -7.58 12.58 -32.47
C LYS C 346 -7.05 11.15 -32.28
N VAL C 347 -5.74 11.03 -31.96
CA VAL C 347 -5.05 9.76 -31.71
C VAL C 347 -4.38 9.86 -30.32
N ASN C 348 -4.60 8.85 -29.48
CA ASN C 348 -4.13 8.86 -28.10
C ASN C 348 -2.96 7.89 -27.84
N PRO C 349 -2.08 8.20 -26.84
CA PRO C 349 -0.98 7.26 -26.50
C PRO C 349 -1.52 6.04 -25.72
N VAL C 350 -2.19 5.14 -26.44
CA VAL C 350 -2.88 3.99 -25.85
C VAL C 350 -1.90 2.96 -25.21
N LEU C 351 -0.68 2.77 -25.77
CA LEU C 351 0.27 1.81 -25.18
C LEU C 351 0.89 2.38 -23.87
N PRO C 352 1.39 3.65 -23.78
CA PRO C 352 1.81 4.17 -22.46
C PRO C 352 0.68 4.08 -21.41
N GLU C 353 -0.60 4.25 -21.82
CA GLU C 353 -1.75 4.12 -20.92
C GLU C 353 -1.91 2.68 -20.40
N ALA C 354 -1.75 1.68 -21.28
CA ALA C 354 -1.84 0.27 -20.88
C ALA C 354 -0.70 -0.06 -19.90
N VAL C 355 0.52 0.47 -20.16
CA VAL C 355 1.71 0.27 -19.33
C VAL C 355 1.48 0.85 -17.91
N THR C 356 1.02 2.13 -17.80
CA THR C 356 0.82 2.78 -16.49
C THR C 356 -0.31 2.10 -15.69
N GLN C 357 -1.33 1.56 -16.37
CA GLN C 357 -2.43 0.83 -15.73
C GLN C 357 -1.94 -0.52 -15.19
N VAL C 358 -1.10 -1.23 -15.98
CA VAL C 358 -0.48 -2.50 -15.56
C VAL C 358 0.38 -2.23 -14.30
N ALA C 359 1.18 -1.15 -14.32
CA ALA C 359 2.04 -0.73 -13.22
C ALA C 359 1.21 -0.54 -11.92
N ALA C 360 0.03 0.13 -12.01
CA ALA C 360 -0.87 0.33 -10.87
C ALA C 360 -1.35 -1.04 -10.31
N GLN C 361 -1.69 -1.98 -11.21
CA GLN C 361 -2.10 -3.32 -10.83
C GLN C 361 -1.00 -4.07 -10.08
N VAL C 362 0.26 -3.97 -10.56
CA VAL C 362 1.43 -4.60 -9.96
C VAL C 362 1.65 -4.05 -8.54
N ILE C 363 1.47 -2.72 -8.34
CA ILE C 363 1.58 -2.03 -7.04
C ILE C 363 0.53 -2.60 -6.08
N GLY C 364 -0.70 -2.72 -6.57
CA GLY C 364 -1.81 -3.27 -5.81
C GLY C 364 -1.58 -4.72 -5.42
N ASN C 365 -1.21 -5.56 -6.40
CA ASN C 365 -0.94 -6.99 -6.18
C ASN C 365 0.18 -7.19 -5.16
N ASP C 366 1.20 -6.31 -5.20
CA ASP C 366 2.35 -6.30 -4.29
C ASP C 366 1.92 -6.12 -2.83
N ALA C 367 0.99 -5.18 -2.57
CA ALA C 367 0.45 -4.91 -1.24
C ALA C 367 -0.32 -6.13 -0.68
N ALA C 368 -1.07 -6.85 -1.54
CA ALA C 368 -1.82 -8.05 -1.17
C ALA C 368 -0.86 -9.21 -0.83
N ILE C 369 0.25 -9.34 -1.58
CA ILE C 369 1.27 -10.39 -1.38
C ILE C 369 1.97 -10.20 -0.01
N ALA C 370 2.41 -8.96 0.30
CA ALA C 370 3.08 -8.62 1.56
C ALA C 370 2.15 -8.87 2.75
N TRP C 371 0.86 -8.50 2.60
CA TRP C 371 -0.16 -8.69 3.62
C TRP C 371 -0.29 -10.18 3.95
N GLY C 372 -0.42 -11.01 2.91
CA GLY C 372 -0.50 -12.45 3.05
C GLY C 372 0.77 -13.05 3.64
N GLY C 373 1.92 -12.55 3.19
CA GLY C 373 3.23 -13.02 3.64
C GLY C 373 3.52 -12.87 5.11
N ALA C 374 3.04 -11.79 5.71
CA ALA C 374 3.32 -11.48 7.11
C ALA C 374 2.46 -12.27 8.08
N ASN C 375 1.33 -12.81 7.60
CA ASN C 375 0.32 -13.39 8.46
C ASN C 375 0.28 -14.91 8.53
N GLY C 376 1.44 -15.54 8.35
CA GLY C 376 1.56 -16.98 8.57
C GLY C 376 1.52 -17.26 10.06
N ALA C 377 1.28 -18.51 10.43
CA ALA C 377 1.24 -18.89 11.84
C ALA C 377 1.90 -20.23 12.05
N PHE C 378 2.86 -20.27 12.96
CA PHE C 378 3.64 -21.44 13.35
C PHE C 378 4.21 -22.20 12.13
N GLU C 379 3.78 -23.44 11.87
CA GLU C 379 4.35 -24.30 10.82
C GLU C 379 3.83 -24.03 9.41
N LEU C 380 2.82 -23.15 9.23
CA LEU C 380 2.25 -22.93 7.90
C LEU C 380 1.67 -21.54 7.67
N ASN C 381 2.04 -20.95 6.53
CA ASN C 381 1.46 -19.70 6.05
C ASN C 381 0.26 -20.13 5.20
N VAL C 382 -0.96 -19.70 5.60
CA VAL C 382 -2.19 -20.11 4.91
C VAL C 382 -2.79 -18.97 4.03
N TYR C 383 -1.94 -18.30 3.23
CA TYR C 383 -2.35 -17.26 2.28
C TYR C 383 -1.83 -17.59 0.88
N ILE C 384 -1.35 -18.84 0.66
CA ILE C 384 -0.70 -19.29 -0.57
C ILE C 384 -1.58 -19.10 -1.85
N PRO C 385 -2.85 -19.55 -1.94
CA PRO C 385 -3.58 -19.37 -3.21
C PRO C 385 -3.73 -17.90 -3.60
N MET C 386 -4.02 -17.02 -2.62
CA MET C 386 -4.14 -15.57 -2.86
C MET C 386 -2.76 -15.00 -3.29
N MET C 387 -1.67 -15.34 -2.57
CA MET C 387 -0.32 -14.86 -2.91
C MET C 387 0.12 -15.33 -4.30
N ALA C 388 -0.21 -16.60 -4.67
CA ALA C 388 0.10 -17.20 -5.96
C ALA C 388 -0.62 -16.46 -7.08
N ARG C 389 -1.93 -16.19 -6.92
CA ARG C 389 -2.73 -15.46 -7.91
C ARG C 389 -2.09 -14.12 -8.25
N ASN C 390 -1.74 -13.35 -7.22
CA ASN C 390 -1.22 -12.02 -7.38
C ASN C 390 0.19 -11.98 -7.99
N ILE C 391 1.12 -12.83 -7.52
CA ILE C 391 2.50 -12.81 -8.05
C ILE C 391 2.53 -13.30 -9.52
N LEU C 392 1.73 -14.30 -9.86
CA LEU C 392 1.71 -14.84 -11.22
C LEU C 392 1.05 -13.88 -12.20
N GLU C 393 0.03 -13.14 -11.74
CA GLU C 393 -0.62 -12.13 -12.57
C GLU C 393 0.37 -10.98 -12.85
N SER C 394 1.09 -10.51 -11.84
CA SER C 394 2.07 -9.43 -12.00
C SER C 394 3.15 -9.84 -13.00
N PHE C 395 3.64 -11.10 -12.94
CA PHE C 395 4.62 -11.62 -13.91
C PHE C 395 4.05 -11.57 -15.33
N LYS C 396 2.82 -12.08 -15.51
CA LYS C 396 2.10 -12.15 -16.79
C LYS C 396 1.87 -10.73 -17.40
N LEU C 397 1.28 -9.80 -16.60
CA LEU C 397 0.98 -8.43 -17.03
C LEU C 397 2.23 -7.70 -17.47
N LEU C 398 3.31 -7.79 -16.68
CA LEU C 398 4.58 -7.13 -17.02
C LEU C 398 5.24 -7.75 -18.25
N THR C 399 5.14 -9.07 -18.43
CA THR C 399 5.71 -9.78 -19.58
C THR C 399 5.03 -9.32 -20.87
N ASN C 400 3.69 -9.39 -20.90
CA ASN C 400 2.90 -9.08 -22.08
C ASN C 400 2.92 -7.60 -22.44
N VAL C 401 2.86 -6.69 -21.44
CA VAL C 401 2.84 -5.25 -21.74
C VAL C 401 4.23 -4.76 -22.18
N SER C 402 5.33 -5.37 -21.68
CA SER C 402 6.70 -4.98 -22.08
C SER C 402 6.96 -5.29 -23.54
N ARG C 403 6.49 -6.46 -24.05
CA ARG C 403 6.65 -6.87 -25.45
C ARG C 403 5.82 -5.96 -26.36
N LEU C 404 4.57 -5.65 -25.98
CA LEU C 404 3.69 -4.76 -26.75
C LEU C 404 4.25 -3.35 -26.80
N PHE C 405 4.75 -2.84 -25.66
CA PHE C 405 5.35 -1.51 -25.54
C PHE C 405 6.59 -1.41 -26.43
N ALA C 406 7.44 -2.46 -26.43
CA ALA C 406 8.66 -2.50 -27.24
C ALA C 406 8.35 -2.49 -28.74
N GLN C 407 7.42 -3.36 -29.19
CA GLN C 407 7.08 -3.58 -30.59
C GLN C 407 6.09 -2.59 -31.19
N ARG C 408 5.02 -2.23 -30.47
CA ARG C 408 3.96 -1.38 -31.02
C ARG C 408 4.12 0.12 -30.66
N CYS C 409 5.13 0.47 -29.83
CA CYS C 409 5.32 1.87 -29.45
C CYS C 409 6.77 2.32 -29.66
N ILE C 410 7.74 1.77 -28.88
CA ILE C 410 9.16 2.19 -28.90
C ILE C 410 9.80 2.06 -30.29
N ALA C 411 9.69 0.88 -30.93
CA ALA C 411 10.31 0.62 -32.22
C ALA C 411 9.93 1.63 -33.33
N GLY C 412 8.68 2.12 -33.32
CA GLY C 412 8.19 3.05 -34.34
C GLY C 412 8.15 4.53 -33.99
N LEU C 413 8.78 4.95 -32.88
CA LEU C 413 8.80 6.36 -32.50
C LEU C 413 9.58 7.22 -33.52
N THR C 414 9.08 8.44 -33.79
CA THR C 414 9.75 9.41 -34.68
C THR C 414 10.02 10.68 -33.89
N ALA C 415 11.24 11.23 -34.01
CA ALA C 415 11.64 12.47 -33.34
C ALA C 415 11.44 13.67 -34.25
N ASN C 416 10.92 14.76 -33.71
CA ASN C 416 10.76 16.04 -34.42
C ASN C 416 12.08 16.80 -34.22
N VAL C 417 13.13 16.34 -34.91
CA VAL C 417 14.54 16.78 -34.81
C VAL C 417 14.69 18.31 -34.92
N GLU C 418 14.16 18.94 -35.99
CA GLU C 418 14.28 20.38 -36.24
C GLU C 418 13.61 21.22 -35.12
N HIS C 419 12.41 20.83 -34.68
CA HIS C 419 11.67 21.50 -33.60
C HIS C 419 12.47 21.43 -32.27
N LEU C 420 13.02 20.24 -31.95
CA LEU C 420 13.82 19.99 -30.74
C LEU C 420 15.09 20.84 -30.71
N ARG C 421 15.82 20.93 -31.85
CA ARG C 421 17.03 21.74 -31.95
C ARG C 421 16.69 23.23 -31.83
N ARG C 422 15.59 23.69 -32.48
CA ARG C 422 15.18 25.09 -32.44
C ARG C 422 14.93 25.56 -31.00
N LEU C 423 14.21 24.78 -30.18
CA LEU C 423 13.93 25.15 -28.79
C LEU C 423 15.21 25.18 -27.96
N ALA C 424 16.14 24.22 -28.17
CA ALA C 424 17.43 24.20 -27.46
C ALA C 424 18.28 25.45 -27.82
N GLU C 425 18.28 25.83 -29.11
CA GLU C 425 19.01 27.01 -29.61
C GLU C 425 18.31 28.34 -29.24
N SER C 426 17.05 28.28 -28.74
CA SER C 426 16.27 29.46 -28.36
C SER C 426 16.16 29.62 -26.84
N SER C 427 16.80 28.70 -26.10
CA SER C 427 16.72 28.64 -24.65
C SER C 427 17.57 29.69 -23.91
N PRO C 428 16.97 30.43 -22.94
CA PRO C 428 17.75 31.40 -22.14
C PRO C 428 18.88 30.76 -21.32
N SER C 429 18.81 29.44 -21.05
CA SER C 429 19.82 28.67 -20.30
C SER C 429 21.20 28.62 -21.01
N ILE C 430 21.24 28.76 -22.35
CA ILE C 430 22.49 28.65 -23.12
C ILE C 430 23.22 30.03 -23.30
N VAL C 431 22.76 31.10 -22.61
CA VAL C 431 23.41 32.42 -22.70
C VAL C 431 24.64 32.50 -21.77
N THR C 432 24.74 31.60 -20.76
CA THR C 432 25.84 31.56 -19.77
C THR C 432 27.24 31.47 -20.47
N PRO C 433 27.50 30.61 -21.49
CA PRO C 433 28.83 30.64 -22.15
C PRO C 433 29.13 31.95 -22.91
N LEU C 434 28.18 32.92 -22.94
CA LEU C 434 28.41 34.23 -23.56
C LEU C 434 29.00 35.24 -22.56
N ASN C 435 28.87 34.98 -21.24
CA ASN C 435 29.30 35.87 -20.14
C ASN C 435 30.75 36.37 -20.27
N SER C 436 31.72 35.50 -20.62
CA SER C 436 33.13 35.89 -20.74
C SER C 436 33.40 36.79 -21.96
N ALA C 437 32.40 36.97 -22.85
CA ALA C 437 32.53 37.82 -24.03
C ALA C 437 31.76 39.14 -23.89
N ILE C 438 30.49 39.09 -23.42
CA ILE C 438 29.63 40.27 -23.36
C ILE C 438 29.17 40.67 -21.94
N GLY C 439 29.43 39.83 -20.95
CA GLY C 439 29.01 40.09 -19.57
C GLY C 439 27.63 39.52 -19.29
N TYR C 440 27.36 39.12 -18.02
CA TYR C 440 26.10 38.47 -17.62
C TYR C 440 24.88 39.41 -17.78
N GLU C 441 25.08 40.74 -17.63
CA GLU C 441 24.02 41.75 -17.77
C GLU C 441 23.50 41.76 -19.23
N GLU C 442 24.41 41.83 -20.21
CA GLU C 442 24.06 41.81 -21.64
C GLU C 442 23.52 40.43 -22.03
N ALA C 443 24.05 39.35 -21.43
CA ALA C 443 23.60 37.97 -21.68
C ALA C 443 22.14 37.80 -21.23
N ALA C 444 21.75 38.44 -20.10
CA ALA C 444 20.38 38.42 -19.57
C ALA C 444 19.43 39.21 -20.49
N ALA C 445 19.93 40.32 -21.08
CA ALA C 445 19.18 41.15 -22.03
C ALA C 445 18.94 40.39 -23.34
N VAL C 446 19.93 39.58 -23.79
CA VAL C 446 19.84 38.72 -24.98
C VAL C 446 18.74 37.67 -24.75
N ALA C 447 18.78 37.00 -23.57
CA ALA C 447 17.81 35.97 -23.16
C ALA C 447 16.38 36.53 -23.13
N LYS C 448 16.21 37.75 -22.61
CA LYS C 448 14.93 38.44 -22.49
C LYS C 448 14.34 38.77 -23.89
N GLN C 449 15.17 39.35 -24.79
CA GLN C 449 14.76 39.71 -26.15
C GLN C 449 14.44 38.46 -26.99
N ALA C 450 15.22 37.37 -26.83
CA ALA C 450 15.02 36.11 -27.55
C ALA C 450 13.63 35.51 -27.30
N LEU C 451 13.19 35.47 -26.02
CA LEU C 451 11.88 34.95 -25.63
C LEU C 451 10.75 35.80 -26.19
N LYS C 452 10.90 37.14 -26.12
CA LYS C 452 9.94 38.13 -26.57
C LYS C 452 9.69 38.06 -28.08
N GLU C 453 10.76 37.91 -28.88
CA GLU C 453 10.70 37.87 -30.33
C GLU C 453 10.59 36.43 -30.88
N ARG C 454 10.64 35.40 -29.98
CA ARG C 454 10.55 33.96 -30.28
C ARG C 454 11.70 33.54 -31.26
N LYS C 455 12.90 34.11 -31.03
CA LYS C 455 14.09 33.89 -31.84
C LYS C 455 15.14 33.07 -31.11
N THR C 456 16.13 32.56 -31.87
CA THR C 456 17.26 31.82 -31.30
C THR C 456 18.17 32.81 -30.57
N ILE C 457 19.01 32.31 -29.63
CA ILE C 457 19.98 33.15 -28.91
C ILE C 457 20.96 33.74 -29.92
N ARG C 458 21.39 32.92 -30.90
CA ARG C 458 22.32 33.29 -31.96
C ARG C 458 21.83 34.51 -32.75
N GLN C 459 20.58 34.45 -33.27
CA GLN C 459 19.96 35.53 -34.04
C GLN C 459 19.80 36.80 -33.20
N THR C 460 19.45 36.66 -31.91
CA THR C 460 19.27 37.78 -30.97
C THR C 460 20.62 38.50 -30.73
N VAL C 461 21.74 37.74 -30.58
CA VAL C 461 23.08 38.31 -30.38
C VAL C 461 23.43 39.17 -31.62
N ILE C 462 23.15 38.66 -32.84
CA ILE C 462 23.37 39.37 -34.12
C ILE C 462 22.47 40.63 -34.19
N ASP C 463 21.15 40.47 -33.94
CA ASP C 463 20.16 41.55 -33.96
C ASP C 463 20.49 42.71 -33.00
N ARG C 464 21.15 42.41 -31.86
CA ARG C 464 21.53 43.40 -30.87
C ARG C 464 22.87 44.10 -31.22
N GLY C 465 23.45 43.72 -32.36
CA GLY C 465 24.71 44.28 -32.88
C GLY C 465 25.91 44.00 -32.02
N LEU C 466 26.00 42.78 -31.47
CA LEU C 466 27.08 42.37 -30.57
C LEU C 466 28.28 41.70 -31.29
N ILE C 467 28.16 41.42 -32.61
CA ILE C 467 29.25 40.84 -33.38
C ILE C 467 30.25 41.96 -33.74
N GLY C 468 31.48 41.77 -33.31
CA GLY C 468 32.58 42.72 -33.55
C GLY C 468 33.93 42.16 -33.13
N ASP C 469 34.80 43.02 -32.59
CA ASP C 469 36.14 42.66 -32.13
C ASP C 469 36.05 41.81 -30.85
N ARG C 470 35.10 42.14 -29.96
CA ARG C 470 34.85 41.45 -28.70
C ARG C 470 34.28 40.03 -28.90
N LEU C 471 33.56 39.80 -30.02
CA LEU C 471 32.95 38.51 -30.34
C LEU C 471 32.71 38.33 -31.84
N SER C 472 33.36 37.34 -32.45
CA SER C 472 33.18 37.01 -33.87
C SER C 472 32.04 35.99 -34.01
N ILE C 473 31.50 35.81 -35.24
CA ILE C 473 30.41 34.87 -35.50
C ILE C 473 30.89 33.41 -35.31
N GLU C 474 32.18 33.12 -35.61
CA GLU C 474 32.77 31.78 -35.43
C GLU C 474 32.84 31.47 -33.92
N ASP C 475 33.20 32.49 -33.11
CA ASP C 475 33.29 32.40 -31.66
C ASP C 475 31.90 32.22 -31.04
N LEU C 476 30.87 32.88 -31.62
CA LEU C 476 29.48 32.80 -31.18
C LEU C 476 28.91 31.38 -31.38
N ASP C 477 29.15 30.78 -32.57
CA ASP C 477 28.69 29.43 -32.92
C ASP C 477 29.37 28.36 -32.06
N ARG C 478 30.60 28.62 -31.61
CA ARG C 478 31.38 27.75 -30.73
C ARG C 478 30.78 27.78 -29.30
N ARG C 479 30.52 29.01 -28.78
CA ARG C 479 29.94 29.22 -27.45
C ARG C 479 28.48 28.72 -27.39
N LEU C 480 27.73 28.83 -28.49
CA LEU C 480 26.32 28.41 -28.50
C LEU C 480 26.10 27.02 -29.13
N ASP C 481 27.15 26.20 -29.24
CA ASP C 481 27.05 24.83 -29.77
C ASP C 481 26.29 23.97 -28.75
N VAL C 482 24.97 23.80 -28.96
CA VAL C 482 24.07 23.09 -28.04
C VAL C 482 24.38 21.59 -27.96
N LEU C 483 24.82 20.96 -29.07
CA LEU C 483 25.17 19.53 -29.06
C LEU C 483 26.40 19.30 -28.18
N ALA C 484 27.41 20.20 -28.28
CA ALA C 484 28.62 20.14 -27.45
C ALA C 484 28.28 20.34 -25.95
N MET C 485 27.27 21.20 -25.65
CA MET C 485 26.78 21.44 -24.28
C MET C 485 26.16 20.17 -23.66
N ALA C 486 25.53 19.30 -24.48
CA ALA C 486 24.93 18.04 -24.05
C ALA C 486 26.02 17.01 -23.71
N LYS C 487 27.25 17.23 -24.21
CA LYS C 487 28.45 16.40 -24.00
C LYS C 487 28.19 14.92 -24.30
N ALA C 488 27.72 14.63 -25.53
CA ALA C 488 27.42 13.26 -25.98
C ALA C 488 28.73 12.47 -26.19
N GLU C 489 28.73 11.16 -25.84
CA GLU C 489 29.87 10.25 -25.92
C GLU C 489 30.40 10.06 -27.36
N ASN D 31 17.96 41.70 17.06
CA ASN D 31 17.68 40.26 17.12
C ASN D 31 17.73 39.61 15.72
N TYR D 32 17.80 40.43 14.65
CA TYR D 32 17.87 39.94 13.26
C TYR D 32 18.93 40.70 12.44
N ARG D 33 19.29 40.16 11.26
CA ARG D 33 20.23 40.76 10.31
C ARG D 33 19.70 40.63 8.87
N ILE D 34 20.24 41.43 7.93
CA ILE D 34 19.80 41.42 6.53
C ILE D 34 20.78 40.63 5.65
N GLU D 35 20.24 39.68 4.89
CA GLU D 35 20.99 38.86 3.94
C GLU D 35 20.41 39.10 2.52
N HIS D 36 21.08 38.60 1.46
CA HIS D 36 20.64 38.80 0.07
C HIS D 36 20.78 37.55 -0.81
N ASP D 37 19.94 37.49 -1.86
CA ASP D 37 19.94 36.49 -2.93
C ASP D 37 19.46 37.19 -4.23
N THR D 38 19.35 36.45 -5.34
CA THR D 38 18.93 36.97 -6.65
C THR D 38 17.47 37.48 -6.66
N MET D 39 16.72 37.27 -5.54
CA MET D 39 15.33 37.71 -5.39
C MET D 39 15.17 38.92 -4.45
N GLY D 40 16.24 39.31 -3.74
CA GLY D 40 16.20 40.47 -2.85
C GLY D 40 16.71 40.26 -1.43
N GLU D 41 16.24 41.14 -0.51
CA GLU D 41 16.60 41.18 0.91
C GLU D 41 15.74 40.24 1.75
N VAL D 42 16.37 39.59 2.76
CA VAL D 42 15.72 38.65 3.69
C VAL D 42 16.21 38.91 5.15
N ARG D 43 15.26 39.00 6.10
CA ARG D 43 15.56 39.17 7.53
C ARG D 43 15.87 37.80 8.12
N VAL D 44 17.07 37.62 8.71
CA VAL D 44 17.52 36.33 9.26
C VAL D 44 17.83 36.47 10.77
N PRO D 45 17.48 35.49 11.66
CA PRO D 45 17.89 35.59 13.08
C PRO D 45 19.39 35.82 13.22
N ALA D 46 19.77 36.84 14.01
CA ALA D 46 21.15 37.30 14.23
C ALA D 46 22.18 36.19 14.56
N LYS D 47 21.81 35.17 15.36
CA LYS D 47 22.72 34.11 15.79
C LYS D 47 22.68 32.85 14.90
N ALA D 48 21.81 32.82 13.87
CA ALA D 48 21.70 31.69 12.95
C ALA D 48 22.90 31.65 11.99
N LEU D 49 23.48 30.46 11.75
CA LEU D 49 24.61 30.30 10.84
C LEU D 49 24.15 30.20 9.37
N TRP D 50 22.83 30.06 9.15
CA TRP D 50 22.28 29.98 7.80
C TRP D 50 22.06 31.41 7.27
N ARG D 51 21.74 31.56 5.97
CA ARG D 51 21.57 32.90 5.40
C ARG D 51 20.19 33.05 4.72
N ALA D 52 20.06 33.98 3.73
CA ALA D 52 18.83 34.37 3.04
C ALA D 52 18.04 33.20 2.43
N GLN D 53 18.70 32.33 1.62
CA GLN D 53 18.01 31.23 0.94
C GLN D 53 17.42 30.21 1.92
N THR D 54 18.12 29.93 3.05
CA THR D 54 17.61 29.00 4.07
C THR D 54 16.40 29.64 4.78
N GLN D 55 16.50 30.94 5.11
CA GLN D 55 15.41 31.67 5.76
C GLN D 55 14.15 31.71 4.89
N ARG D 56 14.31 31.84 3.55
CA ARG D 56 13.17 31.81 2.62
C ARG D 56 12.49 30.44 2.69
N ALA D 57 13.29 29.35 2.72
CA ALA D 57 12.79 27.97 2.80
C ALA D 57 12.07 27.71 4.15
N VAL D 58 12.54 28.35 5.26
CA VAL D 58 11.93 28.26 6.59
C VAL D 58 10.49 28.82 6.53
N GLU D 59 10.32 29.97 5.85
CA GLU D 59 9.02 30.62 5.71
C GLU D 59 8.13 29.95 4.65
N ASN D 60 8.74 29.34 3.62
CA ASN D 60 7.97 28.69 2.55
C ASN D 60 7.45 27.33 2.94
N PHE D 61 8.18 26.57 3.80
CA PHE D 61 7.76 25.21 4.09
C PHE D 61 7.46 24.86 5.58
N PRO D 62 6.71 25.65 6.42
CA PRO D 62 6.39 25.15 7.78
C PRO D 62 5.27 24.09 7.72
N ILE D 63 5.63 22.83 7.42
CA ILE D 63 4.66 21.77 7.17
C ILE D 63 4.66 20.68 8.24
N SER D 64 5.79 19.99 8.46
CA SER D 64 5.88 18.91 9.44
C SER D 64 6.54 19.36 10.74
N GLY D 65 7.37 20.41 10.67
CA GLY D 65 8.12 20.90 11.81
C GLY D 65 9.35 20.05 12.08
N ARG D 66 9.67 19.12 11.16
CA ARG D 66 10.82 18.22 11.24
C ARG D 66 11.72 18.39 10.02
N GLY D 67 13.00 18.54 10.30
CA GLY D 67 14.03 18.73 9.30
C GLY D 67 14.85 17.48 9.05
N LEU D 68 16.05 17.65 8.49
CA LEU D 68 16.97 16.55 8.18
C LEU D 68 17.45 15.85 9.46
N GLU D 69 17.64 14.54 9.37
CA GLU D 69 18.15 13.73 10.46
C GLU D 69 19.68 13.84 10.55
N ARG D 70 20.27 13.41 11.69
CA ARG D 70 21.71 13.40 11.95
C ARG D 70 22.52 12.76 10.79
N THR D 71 22.09 11.59 10.29
CA THR D 71 22.71 10.81 9.20
C THR D 71 22.75 11.58 7.87
N GLN D 72 21.69 12.37 7.58
CA GLN D 72 21.57 13.19 6.38
C GLN D 72 22.52 14.37 6.41
N ILE D 73 22.62 15.04 7.59
CA ILE D 73 23.49 16.19 7.82
C ILE D 73 24.94 15.71 7.74
N ARG D 74 25.22 14.54 8.33
CA ARG D 74 26.54 13.91 8.30
C ARG D 74 26.98 13.68 6.84
N ALA D 75 26.07 13.08 6.02
CA ALA D 75 26.33 12.76 4.60
C ALA D 75 26.57 14.03 3.77
N LEU D 76 25.80 15.12 4.03
CA LEU D 76 25.99 16.40 3.35
C LEU D 76 27.36 17.02 3.68
N GLY D 77 27.78 16.94 4.94
CA GLY D 77 29.08 17.42 5.40
C GLY D 77 30.21 16.64 4.76
N LEU D 78 30.09 15.29 4.74
CA LEU D 78 31.08 14.43 4.09
C LEU D 78 31.26 14.78 2.60
N LEU D 79 30.13 14.94 1.88
CA LEU D 79 30.11 15.24 0.45
C LEU D 79 30.76 16.61 0.12
N LYS D 80 30.39 17.66 0.87
CA LYS D 80 30.93 19.02 0.63
C LYS D 80 32.44 19.08 0.87
N GLY D 81 32.93 18.37 1.88
CA GLY D 81 34.35 18.28 2.19
C GLY D 81 35.11 17.58 1.07
N ALA D 82 34.55 16.46 0.54
CA ALA D 82 35.16 15.68 -0.55
C ALA D 82 35.17 16.49 -1.86
N CYS D 83 34.10 17.26 -2.14
CA CYS D 83 34.01 18.12 -3.34
C CYS D 83 35.09 19.22 -3.30
N ALA D 84 35.28 19.85 -2.12
CA ALA D 84 36.28 20.92 -1.94
C ALA D 84 37.70 20.36 -2.13
N GLN D 85 37.94 19.14 -1.65
CA GLN D 85 39.21 18.43 -1.81
C GLN D 85 39.53 18.23 -3.31
N VAL D 86 38.54 17.77 -4.10
CA VAL D 86 38.71 17.49 -5.53
C VAL D 86 38.90 18.81 -6.33
N ASN D 87 38.11 19.85 -6.02
CA ASN D 87 38.23 21.17 -6.67
C ASN D 87 39.60 21.78 -6.43
N SER D 88 40.15 21.60 -5.21
CA SER D 88 41.50 22.01 -4.85
C SER D 88 42.55 21.21 -5.65
N ASP D 89 42.40 19.86 -5.70
CA ASP D 89 43.30 18.94 -6.41
C ASP D 89 43.41 19.29 -7.92
N LEU D 90 42.30 19.73 -8.52
CA LEU D 90 42.24 20.08 -9.95
C LEU D 90 42.63 21.55 -10.23
N GLY D 91 43.03 22.28 -9.19
CA GLY D 91 43.46 23.67 -9.28
C GLY D 91 42.35 24.64 -9.63
N LEU D 92 41.09 24.29 -9.28
CA LEU D 92 39.90 25.09 -9.58
C LEU D 92 39.50 25.99 -8.41
N LEU D 93 39.93 25.63 -7.20
CA LEU D 93 39.60 26.36 -5.98
C LEU D 93 40.87 26.62 -5.20
N ALA D 94 41.05 27.87 -4.70
CA ALA D 94 42.23 28.28 -3.92
C ALA D 94 42.39 27.40 -2.67
N PRO D 95 43.62 26.91 -2.36
CA PRO D 95 43.80 25.97 -1.23
C PRO D 95 43.29 26.48 0.12
N GLU D 96 43.45 27.80 0.42
CA GLU D 96 42.97 28.40 1.67
C GLU D 96 41.43 28.33 1.77
N LYS D 97 40.73 28.49 0.63
CA LYS D 97 39.27 28.40 0.56
C LYS D 97 38.84 26.94 0.74
N ALA D 98 39.57 26.00 0.08
CA ALA D 98 39.30 24.57 0.15
C ALA D 98 39.48 24.06 1.58
N ASP D 99 40.56 24.48 2.27
CA ASP D 99 40.87 24.11 3.66
C ASP D 99 39.79 24.56 4.62
N ALA D 100 39.25 25.77 4.42
CA ALA D 100 38.17 26.34 5.23
C ALA D 100 36.87 25.53 5.04
N ILE D 101 36.55 25.10 3.80
CA ILE D 101 35.37 24.25 3.52
C ILE D 101 35.54 22.90 4.21
N ILE D 102 36.71 22.25 4.04
CA ILE D 102 37.03 20.95 4.62
C ILE D 102 36.89 21.01 6.15
N ALA D 103 37.42 22.06 6.81
CA ALA D 103 37.35 22.23 8.27
C ALA D 103 35.89 22.44 8.73
N ALA D 104 35.14 23.29 8.02
CA ALA D 104 33.73 23.57 8.34
C ALA D 104 32.84 22.33 8.12
N ALA D 105 33.03 21.63 6.97
CA ALA D 105 32.27 20.44 6.58
C ALA D 105 32.48 19.30 7.57
N ALA D 106 33.70 19.18 8.13
CA ALA D 106 34.06 18.18 9.13
C ALA D 106 33.28 18.42 10.43
N GLU D 107 33.07 19.70 10.81
CA GLU D 107 32.29 20.09 11.99
C GLU D 107 30.82 19.68 11.81
N ILE D 108 30.27 19.90 10.59
CA ILE D 108 28.90 19.56 10.21
C ILE D 108 28.72 18.03 10.27
N ALA D 109 29.68 17.28 9.70
CA ALA D 109 29.67 15.81 9.66
C ALA D 109 29.74 15.20 11.08
N ASP D 110 30.38 15.91 12.04
CA ASP D 110 30.56 15.48 13.44
C ASP D 110 29.30 15.77 14.31
N GLY D 111 28.39 16.62 13.83
CA GLY D 111 27.15 16.95 14.54
C GLY D 111 27.20 18.16 15.45
N GLN D 112 28.16 19.07 15.22
CA GLN D 112 28.32 20.28 16.01
C GLN D 112 27.33 21.39 15.62
N HIS D 113 26.70 21.28 14.43
CA HIS D 113 25.80 22.32 13.92
C HIS D 113 24.43 21.78 13.42
N ASP D 114 23.90 20.71 14.03
CA ASP D 114 22.61 20.14 13.62
C ASP D 114 21.44 21.13 13.81
N ASP D 115 21.55 22.06 14.79
CA ASP D 115 20.54 23.09 15.05
C ASP D 115 20.60 24.22 13.98
N GLN D 116 21.51 24.12 12.99
CA GLN D 116 21.64 25.11 11.92
C GLN D 116 20.97 24.61 10.61
N PHE D 117 20.19 23.51 10.70
CA PHE D 117 19.48 22.91 9.56
C PHE D 117 17.96 22.90 9.86
N PRO D 118 17.29 24.08 9.79
CA PRO D 118 15.88 24.15 10.19
C PRO D 118 14.85 23.88 9.09
N ILE D 119 15.28 23.62 7.85
CA ILE D 119 14.37 23.42 6.72
C ILE D 119 13.59 22.11 6.86
N ASP D 120 12.29 22.18 6.61
CA ASP D 120 11.38 21.06 6.64
C ASP D 120 11.76 20.01 5.59
N VAL D 121 11.42 18.76 5.87
CA VAL D 121 11.60 17.64 4.95
C VAL D 121 10.78 17.93 3.69
N PHE D 122 9.55 18.46 3.89
CA PHE D 122 8.63 18.74 2.79
C PHE D 122 8.97 20.10 2.18
N GLN D 123 10.12 20.12 1.50
CA GLN D 123 10.71 21.25 0.80
C GLN D 123 10.67 21.01 -0.72
N THR D 124 11.37 21.84 -1.50
CA THR D 124 11.52 21.66 -2.96
C THR D 124 12.05 20.21 -3.20
N GLY D 125 11.43 19.51 -4.14
CA GLY D 125 11.69 18.11 -4.42
C GLY D 125 13.09 17.63 -4.78
N SER D 126 13.97 18.55 -5.17
CA SER D 126 15.36 18.20 -5.50
C SER D 126 16.26 18.28 -4.25
N GLY D 127 15.75 18.89 -3.17
CA GLY D 127 16.52 19.14 -1.96
C GLY D 127 17.46 20.33 -2.09
N THR D 128 17.17 21.26 -3.04
CA THR D 128 17.93 22.50 -3.28
C THR D 128 18.11 23.32 -1.99
N SER D 129 17.01 23.52 -1.25
CA SER D 129 16.97 24.29 0.00
C SER D 129 17.97 23.74 1.02
N SER D 130 17.99 22.41 1.26
CA SER D 130 18.94 21.78 2.18
C SER D 130 20.36 21.84 1.64
N ASN D 131 20.53 21.81 0.29
CA ASN D 131 21.86 21.97 -0.33
C ASN D 131 22.38 23.39 -0.03
N MET D 132 21.52 24.42 -0.27
CA MET D 132 21.81 25.83 0.02
C MET D 132 22.10 26.03 1.50
N ASN D 133 21.38 25.29 2.36
CA ASN D 133 21.51 25.34 3.82
C ASN D 133 22.90 24.92 4.23
N THR D 134 23.44 23.84 3.62
CA THR D 134 24.79 23.33 3.88
C THR D 134 25.85 24.35 3.43
N ASN D 135 25.68 24.94 2.21
CA ASN D 135 26.60 25.92 1.62
C ASN D 135 26.69 27.21 2.45
N GLU D 136 25.53 27.71 2.95
CA GLU D 136 25.44 28.93 3.74
C GLU D 136 26.05 28.76 5.14
N VAL D 137 25.79 27.61 5.80
CA VAL D 137 26.33 27.28 7.13
C VAL D 137 27.87 27.16 7.01
N ILE D 138 28.39 26.51 5.93
CA ILE D 138 29.84 26.39 5.68
C ILE D 138 30.45 27.79 5.51
N ALA D 139 29.81 28.65 4.71
CA ALA D 139 30.27 30.03 4.48
C ALA D 139 30.34 30.84 5.79
N SER D 140 29.35 30.69 6.70
CA SER D 140 29.30 31.39 7.99
C SER D 140 30.35 30.87 8.97
N ILE D 141 30.60 29.54 9.00
CA ILE D 141 31.62 28.94 9.88
C ILE D 141 33.02 29.45 9.46
N ALA D 142 33.30 29.43 8.14
CA ALA D 142 34.58 29.88 7.56
C ALA D 142 34.82 31.37 7.80
N ALA D 143 33.75 32.19 7.75
CA ALA D 143 33.78 33.63 7.99
C ALA D 143 34.28 33.94 9.41
N LYS D 144 33.92 33.09 10.40
CA LYS D 144 34.35 33.22 11.81
C LYS D 144 35.86 33.00 11.95
N GLY D 145 36.45 32.31 10.99
CA GLY D 145 37.88 32.06 10.93
C GLY D 145 38.63 33.00 10.00
N GLY D 146 37.93 34.05 9.55
CA GLY D 146 38.49 35.07 8.66
C GLY D 146 38.63 34.70 7.19
N VAL D 147 37.91 33.66 6.72
CA VAL D 147 37.95 33.26 5.29
C VAL D 147 36.58 33.53 4.66
N THR D 148 36.57 34.30 3.55
CA THR D 148 35.34 34.65 2.83
C THR D 148 35.05 33.63 1.72
N LEU D 149 33.93 32.92 1.84
CA LEU D 149 33.49 31.95 0.84
C LEU D 149 32.18 32.35 0.23
N HIS D 150 32.07 32.19 -1.09
CA HIS D 150 30.79 32.42 -1.74
C HIS D 150 30.01 31.09 -1.66
N PRO D 151 28.82 31.04 -1.00
CA PRO D 151 28.11 29.75 -0.87
C PRO D 151 27.91 29.00 -2.20
N ASN D 152 27.64 29.73 -3.29
CA ASN D 152 27.46 29.10 -4.60
C ASN D 152 28.78 28.93 -5.36
N ASP D 153 29.52 30.02 -5.61
CA ASP D 153 30.76 30.00 -6.40
C ASP D 153 31.87 29.13 -5.79
N ASP D 154 31.98 29.07 -4.45
CA ASP D 154 33.05 28.29 -3.80
C ASP D 154 32.57 26.96 -3.22
N VAL D 155 31.56 26.97 -2.34
CA VAL D 155 31.10 25.77 -1.65
C VAL D 155 30.31 24.84 -2.62
N ASN D 156 29.65 25.39 -3.63
CA ASN D 156 28.89 24.58 -4.58
C ASN D 156 29.64 24.44 -5.93
N MET D 157 30.93 24.73 -5.96
CA MET D 157 31.73 24.63 -7.19
C MET D 157 31.67 23.20 -7.78
N SER D 158 31.47 23.10 -9.12
CA SER D 158 31.38 21.87 -9.93
C SER D 158 30.17 21.00 -9.56
N GLN D 159 29.25 21.55 -8.76
CA GLN D 159 28.06 20.84 -8.28
C GLN D 159 26.74 21.47 -8.70
N SER D 160 25.69 20.71 -8.46
CA SER D 160 24.29 21.07 -8.63
C SER D 160 23.53 20.45 -7.47
N SER D 161 22.34 20.95 -7.15
CA SER D 161 21.51 20.33 -6.11
C SER D 161 21.02 18.95 -6.58
N ASN D 162 20.81 18.84 -7.91
CA ASN D 162 20.27 17.67 -8.59
C ASN D 162 21.21 16.46 -8.54
N ASP D 163 22.52 16.66 -8.35
CA ASP D 163 23.41 15.52 -8.23
C ASP D 163 23.88 15.35 -6.76
N THR D 164 24.01 16.44 -5.98
CA THR D 164 24.47 16.42 -4.58
C THR D 164 23.43 15.90 -3.56
N PHE D 165 22.16 16.39 -3.58
CA PHE D 165 21.20 15.89 -2.58
C PHE D 165 20.93 14.38 -2.78
N PRO D 166 20.71 13.83 -4.00
CA PRO D 166 20.54 12.36 -4.11
C PRO D 166 21.83 11.61 -3.75
N THR D 167 23.04 12.20 -4.01
CA THR D 167 24.32 11.58 -3.63
C THR D 167 24.37 11.44 -2.09
N ALA D 168 24.08 12.54 -1.36
CA ALA D 168 24.09 12.56 0.10
C ALA D 168 23.06 11.55 0.66
N THR D 169 21.90 11.42 -0.01
CA THR D 169 20.82 10.49 0.34
C THR D 169 21.31 9.03 0.20
N HIS D 170 21.96 8.71 -0.92
CA HIS D 170 22.48 7.37 -1.19
C HIS D 170 23.70 7.04 -0.32
N ILE D 171 24.50 8.04 0.10
CA ILE D 171 25.62 7.82 1.04
C ILE D 171 25.04 7.38 2.38
N ALA D 172 24.05 8.16 2.89
CA ALA D 172 23.38 7.91 4.17
C ALA D 172 22.64 6.56 4.16
N ALA D 173 21.98 6.18 3.04
CA ALA D 173 21.25 4.91 2.95
C ALA D 173 22.22 3.72 2.90
N THR D 174 23.35 3.85 2.17
CA THR D 174 24.38 2.80 2.07
C THR D 174 25.05 2.56 3.44
N GLU D 175 25.42 3.66 4.16
CA GLU D 175 26.00 3.58 5.50
C GLU D 175 25.00 2.92 6.48
N ALA D 176 23.72 3.32 6.43
CA ALA D 176 22.68 2.73 7.30
C ALA D 176 22.53 1.21 7.07
N ALA D 177 22.66 0.75 5.80
CA ALA D 177 22.57 -0.66 5.45
C ALA D 177 23.79 -1.45 5.93
N VAL D 178 25.00 -0.96 5.60
CA VAL D 178 26.27 -1.64 5.84
C VAL D 178 26.77 -1.51 7.28
N ALA D 179 26.82 -0.30 7.83
CA ALA D 179 27.39 -0.11 9.17
C ALA D 179 26.40 -0.35 10.31
N HIS D 180 25.08 -0.28 10.06
CA HIS D 180 24.16 -0.42 11.18
C HIS D 180 23.15 -1.57 11.04
N LEU D 181 22.37 -1.64 9.95
CA LEU D 181 21.34 -2.67 9.82
C LEU D 181 21.90 -4.10 9.75
N ILE D 182 22.84 -4.38 8.83
CA ILE D 182 23.40 -5.73 8.66
C ILE D 182 24.01 -6.22 10.02
N PRO D 183 24.86 -5.44 10.75
CA PRO D 183 25.33 -5.96 12.06
C PRO D 183 24.18 -6.18 13.07
N ALA D 184 23.13 -5.33 13.08
CA ALA D 184 21.98 -5.51 13.98
C ALA D 184 21.19 -6.79 13.63
N LEU D 185 20.97 -7.05 12.32
CA LEU D 185 20.29 -8.27 11.83
C LEU D 185 21.13 -9.51 12.14
N GLN D 186 22.47 -9.41 11.99
CA GLN D 186 23.38 -10.51 12.31
C GLN D 186 23.29 -10.87 13.80
N GLN D 187 23.19 -9.87 14.68
CA GLN D 187 23.04 -10.06 16.13
C GLN D 187 21.72 -10.79 16.45
N LEU D 188 20.64 -10.45 15.73
CA LEU D 188 19.33 -11.08 15.90
C LEU D 188 19.37 -12.52 15.39
N HIS D 189 20.02 -12.76 14.22
CA HIS D 189 20.19 -14.10 13.65
C HIS D 189 20.90 -15.02 14.66
N ASP D 190 22.03 -14.54 15.24
CA ASP D 190 22.86 -15.28 16.20
C ASP D 190 22.09 -15.63 17.48
N ALA D 191 21.24 -14.71 17.97
CA ALA D 191 20.41 -14.96 19.17
C ALA D 191 19.38 -16.05 18.87
N LEU D 192 18.74 -15.99 17.68
CA LEU D 192 17.75 -16.98 17.25
C LEU D 192 18.39 -18.34 17.01
N ALA D 193 19.58 -18.37 16.38
CA ALA D 193 20.32 -19.61 16.10
C ALA D 193 20.82 -20.26 17.39
N ALA D 194 21.18 -19.45 18.42
CA ALA D 194 21.62 -19.97 19.72
C ALA D 194 20.47 -20.69 20.42
N LYS D 195 19.24 -20.12 20.33
CA LYS D 195 18.02 -20.69 20.90
C LYS D 195 17.63 -21.96 20.16
N ALA D 196 17.84 -21.99 18.83
CA ALA D 196 17.58 -23.16 17.97
C ALA D 196 18.47 -24.34 18.40
N LEU D 197 19.71 -24.05 18.82
CA LEU D 197 20.65 -25.06 19.28
C LEU D 197 20.30 -25.52 20.72
N ASP D 198 19.99 -24.58 21.64
CA ASP D 198 19.58 -24.91 23.02
C ASP D 198 18.34 -25.81 23.05
N TRP D 199 17.40 -25.58 22.14
CA TRP D 199 16.11 -26.27 22.09
C TRP D 199 16.02 -27.34 21.00
N HIS D 200 17.18 -27.87 20.56
CA HIS D 200 17.30 -28.93 19.56
C HIS D 200 16.43 -30.17 19.87
N THR D 201 16.30 -30.57 21.15
CA THR D 201 15.53 -31.76 21.52
C THR D 201 14.22 -31.42 22.25
N VAL D 202 13.86 -30.11 22.32
CA VAL D 202 12.62 -29.71 23.00
C VAL D 202 11.44 -30.00 22.08
N VAL D 203 10.92 -31.22 22.19
CA VAL D 203 9.81 -31.72 21.38
C VAL D 203 8.49 -31.03 21.80
N LYS D 204 7.69 -30.71 20.81
CA LYS D 204 6.39 -30.09 20.96
C LYS D 204 5.50 -30.51 19.82
N SER D 205 4.25 -30.16 19.92
CA SER D 205 3.31 -30.47 18.86
C SER D 205 3.30 -29.34 17.82
N GLY D 206 3.30 -29.72 16.55
CA GLY D 206 3.23 -28.75 15.46
C GLY D 206 1.82 -28.18 15.33
N ARG D 207 1.70 -27.02 14.64
CA ARG D 207 0.41 -26.36 14.39
C ARG D 207 0.31 -25.92 12.95
N THR D 208 -0.72 -26.37 12.25
CA THR D 208 -1.00 -25.96 10.87
C THR D 208 -2.46 -25.55 10.84
N HIS D 209 -2.78 -24.36 10.27
CA HIS D 209 -4.14 -23.78 10.25
C HIS D 209 -4.63 -23.52 11.70
N LEU D 210 -3.68 -23.43 12.66
CA LEU D 210 -3.87 -23.26 14.12
C LEU D 210 -4.39 -24.57 14.77
N MET D 211 -4.37 -25.69 14.02
CA MET D 211 -4.85 -26.97 14.54
C MET D 211 -3.70 -27.93 14.85
N ASP D 212 -3.96 -28.86 15.79
CA ASP D 212 -3.04 -29.90 16.26
C ASP D 212 -2.41 -30.64 15.07
N ALA D 213 -1.07 -30.70 15.02
CA ALA D 213 -0.37 -31.40 13.94
C ALA D 213 0.71 -32.34 14.50
N VAL D 214 1.50 -32.98 13.63
CA VAL D 214 2.56 -33.92 14.01
C VAL D 214 3.74 -33.20 14.75
N PRO D 215 4.59 -33.93 15.53
CA PRO D 215 5.62 -33.25 16.32
C PRO D 215 6.71 -32.53 15.53
N VAL D 216 7.22 -31.47 16.17
CA VAL D 216 8.35 -30.63 15.73
C VAL D 216 9.18 -30.35 16.98
N THR D 217 10.31 -29.66 16.85
CA THR D 217 11.00 -29.21 18.03
C THR D 217 10.91 -27.70 18.03
N LEU D 218 11.06 -27.11 19.21
CA LEU D 218 11.11 -25.66 19.38
C LEU D 218 12.39 -25.13 18.67
N GLY D 219 13.44 -25.96 18.64
CA GLY D 219 14.69 -25.67 17.96
C GLY D 219 14.53 -25.56 16.45
N GLN D 220 13.70 -26.45 15.85
CA GLN D 220 13.40 -26.45 14.42
C GLN D 220 12.66 -25.16 14.01
N GLU D 221 11.67 -24.70 14.81
CA GLU D 221 10.95 -23.45 14.56
C GLU D 221 11.88 -22.25 14.62
N PHE D 222 12.78 -22.23 15.62
CA PHE D 222 13.74 -21.13 15.78
C PHE D 222 14.82 -21.17 14.70
N SER D 223 15.10 -22.35 14.10
CA SER D 223 16.04 -22.44 12.99
C SER D 223 15.39 -21.79 11.75
N GLY D 224 14.06 -21.93 11.65
CA GLY D 224 13.23 -21.32 10.61
C GLY D 224 13.28 -19.80 10.69
N TYR D 225 13.09 -19.24 11.91
CA TYR D 225 13.18 -17.79 12.19
C TYR D 225 14.56 -17.26 11.84
N ALA D 226 15.63 -18.02 12.25
CA ALA D 226 17.03 -17.68 11.98
C ALA D 226 17.27 -17.56 10.47
N ARG D 227 16.75 -18.55 9.68
CA ARG D 227 16.87 -18.52 8.22
C ARG D 227 16.16 -17.26 7.63
N GLN D 228 14.99 -16.87 8.14
CA GLN D 228 14.28 -15.66 7.68
C GLN D 228 15.15 -14.40 7.84
N ILE D 229 15.89 -14.29 8.96
CA ILE D 229 16.75 -13.14 9.24
C ILE D 229 18.02 -13.23 8.37
N GLU D 230 18.58 -14.45 8.19
CA GLU D 230 19.73 -14.68 7.33
C GLU D 230 19.40 -14.31 5.89
N ALA D 231 18.19 -14.71 5.41
CA ALA D 231 17.67 -14.39 4.07
C ALA D 231 17.45 -12.87 3.96
N GLY D 232 17.10 -12.21 5.07
CA GLY D 232 16.97 -10.77 5.17
C GLY D 232 18.28 -10.04 4.89
N ILE D 233 19.39 -10.54 5.48
CA ILE D 233 20.75 -10.01 5.30
C ILE D 233 21.14 -10.17 3.81
N GLU D 234 20.88 -11.35 3.22
CA GLU D 234 21.12 -11.64 1.81
C GLU D 234 20.37 -10.63 0.90
N ARG D 235 19.11 -10.30 1.24
CA ARG D 235 18.27 -9.35 0.51
C ARG D 235 18.86 -7.93 0.54
N VAL D 236 19.36 -7.48 1.70
CA VAL D 236 19.99 -6.17 1.86
C VAL D 236 21.29 -6.15 1.05
N ARG D 237 22.10 -7.23 1.11
CA ARG D 237 23.36 -7.31 0.39
C ARG D 237 23.15 -7.28 -1.12
N ALA D 238 22.09 -7.93 -1.62
CA ALA D 238 21.73 -8.00 -3.04
C ALA D 238 21.36 -6.64 -3.65
N CYS D 239 20.86 -5.68 -2.83
CA CYS D 239 20.45 -4.36 -3.32
C CYS D 239 21.61 -3.33 -3.32
N LEU D 240 22.70 -3.61 -2.57
CA LEU D 240 23.87 -2.74 -2.42
C LEU D 240 24.55 -2.33 -3.76
N PRO D 241 24.68 -3.18 -4.82
CA PRO D 241 25.32 -2.69 -6.06
C PRO D 241 24.61 -1.50 -6.71
N ARG D 242 23.28 -1.32 -6.44
CA ARG D 242 22.52 -0.21 -7.00
C ARG D 242 22.22 0.85 -5.95
N LEU D 243 22.13 0.46 -4.65
CA LEU D 243 21.90 1.44 -3.59
C LEU D 243 23.13 2.39 -3.43
N GLY D 244 24.32 1.83 -3.63
CA GLY D 244 25.57 2.57 -3.50
C GLY D 244 25.95 3.48 -4.66
N GLU D 245 25.17 3.44 -5.76
CA GLU D 245 25.40 4.28 -6.95
C GLU D 245 25.11 5.74 -6.62
N LEU D 246 26.09 6.61 -6.91
CA LEU D 246 26.02 8.05 -6.62
C LEU D 246 25.94 8.88 -7.91
N ALA D 247 25.11 9.92 -7.91
CA ALA D 247 24.87 10.81 -9.05
C ALA D 247 25.98 11.87 -9.22
N ILE D 248 26.82 12.09 -8.19
CA ILE D 248 27.85 13.14 -8.17
C ILE D 248 28.65 13.23 -9.50
N GLY D 249 28.71 14.44 -10.03
CA GLY D 249 29.38 14.73 -11.30
C GLY D 249 28.43 14.94 -12.46
N GLY D 250 27.18 14.49 -12.31
CA GLY D 250 26.16 14.62 -13.35
C GLY D 250 25.62 16.03 -13.52
N THR D 251 25.78 16.88 -12.48
CA THR D 251 25.36 18.28 -12.38
C THR D 251 23.83 18.44 -12.62
N ALA D 252 23.39 19.52 -13.30
CA ALA D 252 21.98 19.89 -13.45
C ALA D 252 21.08 18.86 -14.16
N VAL D 253 21.54 18.22 -15.24
CA VAL D 253 20.66 17.30 -16.00
C VAL D 253 21.24 15.88 -16.20
N GLY D 254 22.45 15.62 -15.71
CA GLY D 254 23.13 14.33 -15.88
C GLY D 254 24.23 14.33 -16.92
N THR D 255 24.39 15.44 -17.68
CA THR D 255 25.40 15.59 -18.73
C THR D 255 26.81 15.91 -18.20
N GLY D 256 26.90 16.42 -16.97
CA GLY D 256 28.16 16.82 -16.37
C GLY D 256 28.62 18.22 -16.76
N LEU D 257 27.74 19.01 -17.41
CA LEU D 257 28.05 20.39 -17.80
C LEU D 257 28.40 21.23 -16.56
N ASN D 258 29.51 22.01 -16.63
CA ASN D 258 30.06 22.91 -15.59
C ASN D 258 30.79 22.14 -14.47
N ALA D 259 31.17 20.90 -14.75
CA ALA D 259 31.98 20.07 -13.87
C ALA D 259 33.09 19.43 -14.66
N PRO D 260 34.28 19.20 -14.06
CA PRO D 260 35.33 18.45 -14.79
C PRO D 260 34.82 17.05 -15.15
N ASP D 261 35.31 16.49 -16.27
CA ASP D 261 34.86 15.18 -16.77
C ASP D 261 35.04 14.03 -15.76
N ASP D 262 36.09 14.08 -14.93
CA ASP D 262 36.40 13.05 -13.94
C ASP D 262 36.01 13.49 -12.50
N PHE D 263 35.17 14.54 -12.35
CA PHE D 263 34.76 15.04 -11.02
C PHE D 263 34.10 13.93 -10.17
N GLY D 264 33.18 13.18 -10.77
CA GLY D 264 32.46 12.10 -10.11
C GLY D 264 33.37 11.01 -9.57
N VAL D 265 34.23 10.43 -10.43
CA VAL D 265 35.14 9.35 -10.02
C VAL D 265 36.13 9.84 -8.93
N ARG D 266 36.57 11.10 -9.01
CA ARG D 266 37.49 11.68 -8.04
C ARG D 266 36.83 11.88 -6.65
N VAL D 267 35.58 12.35 -6.61
CA VAL D 267 34.83 12.58 -5.36
C VAL D 267 34.57 11.22 -4.67
N VAL D 268 34.12 10.24 -5.45
CA VAL D 268 33.82 8.88 -4.97
C VAL D 268 35.10 8.24 -4.42
N ALA D 269 36.25 8.42 -5.10
CA ALA D 269 37.53 7.90 -4.64
C ALA D 269 37.89 8.44 -3.24
N VAL D 270 37.66 9.75 -3.01
CA VAL D 270 37.90 10.43 -1.73
C VAL D 270 36.92 9.88 -0.67
N LEU D 271 35.62 9.78 -0.99
CA LEU D 271 34.59 9.31 -0.06
C LEU D 271 34.85 7.86 0.40
N VAL D 272 35.31 6.99 -0.51
CA VAL D 272 35.60 5.57 -0.19
C VAL D 272 36.84 5.49 0.72
N ALA D 273 37.90 6.26 0.41
CA ALA D 273 39.13 6.31 1.19
C ALA D 273 38.90 6.84 2.61
N GLN D 274 38.05 7.87 2.76
CA GLN D 274 37.76 8.48 4.05
C GLN D 274 36.79 7.67 4.92
N THR D 275 35.73 7.10 4.32
CA THR D 275 34.69 6.37 5.09
C THR D 275 34.90 4.86 5.18
N GLY D 276 35.57 4.28 4.18
CA GLY D 276 35.77 2.83 4.11
C GLY D 276 34.55 2.13 3.54
N LEU D 277 33.55 2.90 3.06
CA LEU D 277 32.32 2.39 2.46
C LEU D 277 32.58 2.02 1.00
N SER D 278 33.11 0.82 0.79
CA SER D 278 33.50 0.30 -0.51
C SER D 278 32.30 0.12 -1.46
N GLU D 279 31.06 0.05 -0.92
CA GLU D 279 29.85 -0.08 -1.73
C GLU D 279 29.53 1.20 -2.55
N LEU D 280 30.14 2.34 -2.20
CA LEU D 280 29.94 3.61 -2.93
C LEU D 280 30.63 3.54 -4.28
N ARG D 281 29.92 3.99 -5.34
CA ARG D 281 30.42 3.97 -6.70
C ARG D 281 29.70 5.01 -7.55
N THR D 282 30.31 5.43 -8.67
CA THR D 282 29.63 6.31 -9.61
C THR D 282 28.54 5.50 -10.31
N ALA D 283 27.41 6.13 -10.64
CA ALA D 283 26.29 5.45 -11.30
C ALA D 283 26.67 4.90 -12.67
N ALA D 284 26.07 3.75 -13.07
CA ALA D 284 26.29 3.12 -14.39
C ALA D 284 25.80 4.08 -15.50
N ASN D 285 24.67 4.77 -15.25
CA ASN D 285 24.11 5.75 -16.18
C ASN D 285 23.75 7.03 -15.41
N SER D 286 24.36 8.15 -15.81
CA SER D 286 24.21 9.45 -15.16
C SER D 286 22.79 10.04 -15.29
N PHE D 287 22.03 9.66 -16.32
CA PHE D 287 20.66 10.15 -16.53
C PHE D 287 19.69 9.38 -15.64
N GLU D 288 19.85 8.04 -15.56
CA GLU D 288 19.05 7.17 -14.68
C GLU D 288 19.28 7.56 -13.20
N ALA D 289 20.49 7.99 -12.84
CA ALA D 289 20.85 8.34 -11.46
C ALA D 289 20.19 9.63 -10.97
N GLN D 290 19.68 10.47 -11.87
CA GLN D 290 19.03 11.73 -11.47
C GLN D 290 17.56 11.77 -11.84
N ALA D 291 17.17 11.19 -12.98
CA ALA D 291 15.77 11.11 -13.45
C ALA D 291 14.95 10.16 -12.57
N ALA D 292 15.62 9.23 -11.86
CA ALA D 292 14.93 8.25 -11.03
C ALA D 292 15.66 8.01 -9.72
N ARG D 293 14.97 7.42 -8.75
CA ARG D 293 15.51 7.03 -7.44
C ARG D 293 15.16 5.55 -7.20
N ASP D 294 15.19 4.73 -8.28
CA ASP D 294 14.84 3.30 -8.28
C ASP D 294 15.66 2.46 -7.26
N GLY D 295 16.89 2.89 -6.95
CA GLY D 295 17.76 2.25 -5.96
C GLY D 295 17.17 2.28 -4.57
N LEU D 296 16.46 3.37 -4.22
CA LEU D 296 15.78 3.55 -2.93
C LEU D 296 14.52 2.67 -2.87
N VAL D 297 13.76 2.59 -3.99
CA VAL D 297 12.53 1.76 -4.10
C VAL D 297 12.95 0.29 -3.90
N GLU D 298 14.04 -0.12 -4.56
CA GLU D 298 14.60 -1.48 -4.49
C GLU D 298 14.99 -1.83 -3.04
N ALA D 299 15.79 -0.97 -2.38
CA ALA D 299 16.25 -1.16 -0.99
C ALA D 299 15.07 -1.20 -0.01
N SER D 300 14.03 -0.38 -0.24
CA SER D 300 12.84 -0.37 0.59
C SER D 300 12.10 -1.72 0.51
N GLY D 301 12.09 -2.34 -0.68
CA GLY D 301 11.51 -3.66 -0.92
C GLY D 301 12.17 -4.72 -0.05
N ALA D 302 13.51 -4.65 0.11
CA ALA D 302 14.25 -5.55 0.99
C ALA D 302 13.85 -5.32 2.46
N LEU D 303 13.75 -4.03 2.87
CA LEU D 303 13.35 -3.63 4.23
C LEU D 303 11.94 -4.09 4.57
N ARG D 304 11.03 -3.97 3.58
CA ARG D 304 9.64 -4.40 3.66
C ARG D 304 9.57 -5.93 3.85
N THR D 305 10.41 -6.70 3.14
CA THR D 305 10.44 -8.17 3.25
C THR D 305 10.90 -8.55 4.67
N ILE D 306 11.91 -7.83 5.22
CA ILE D 306 12.41 -8.04 6.58
C ILE D 306 11.26 -7.76 7.59
N ALA D 307 10.49 -6.67 7.37
CA ALA D 307 9.34 -6.32 8.23
C ALA D 307 8.30 -7.45 8.22
N VAL D 308 8.09 -8.09 7.05
CA VAL D 308 7.17 -9.22 6.84
C VAL D 308 7.68 -10.42 7.66
N SER D 309 8.99 -10.73 7.58
CA SER D 309 9.62 -11.83 8.33
C SER D 309 9.54 -11.59 9.84
N LEU D 310 9.84 -10.34 10.28
CA LEU D 310 9.81 -9.97 11.70
C LEU D 310 8.39 -10.08 12.30
N THR D 311 7.35 -9.78 11.49
CA THR D 311 5.95 -9.88 11.93
C THR D 311 5.62 -11.32 12.32
N LYS D 312 6.01 -12.29 11.46
CA LYS D 312 5.79 -13.72 11.67
C LYS D 312 6.51 -14.20 12.94
N ILE D 313 7.80 -13.84 13.09
CA ILE D 313 8.64 -14.23 14.23
C ILE D 313 8.05 -13.66 15.54
N ALA D 314 7.75 -12.34 15.57
CA ALA D 314 7.21 -11.68 16.76
C ALA D 314 5.82 -12.20 17.13
N ASN D 315 4.94 -12.45 16.12
CA ASN D 315 3.59 -12.98 16.37
C ASN D 315 3.63 -14.38 16.96
N ASP D 316 4.49 -15.26 16.42
CA ASP D 316 4.67 -16.63 16.92
C ASP D 316 5.19 -16.60 18.35
N ILE D 317 6.18 -15.74 18.64
CA ILE D 317 6.79 -15.63 19.98
C ILE D 317 5.76 -15.12 21.03
N ARG D 318 4.95 -14.08 20.70
CA ARG D 318 3.96 -13.62 21.68
C ARG D 318 2.83 -14.67 21.83
N TRP D 319 2.49 -15.43 20.77
CA TRP D 319 1.49 -16.50 20.92
C TRP D 319 2.06 -17.64 21.77
N MET D 320 3.36 -18.00 21.59
CA MET D 320 4.02 -19.05 22.38
C MET D 320 4.05 -18.67 23.87
N GLY D 321 4.26 -17.38 24.16
CA GLY D 321 4.29 -16.88 25.53
C GLY D 321 2.95 -16.48 26.12
N SER D 322 1.84 -16.67 25.37
CA SER D 322 0.49 -16.28 25.80
C SER D 322 0.02 -17.03 27.04
N GLY D 323 -0.79 -16.35 27.85
CA GLY D 323 -1.34 -16.92 29.07
C GLY D 323 -1.14 -16.04 30.29
N PRO D 324 -0.63 -16.59 31.43
CA PRO D 324 -0.08 -17.95 31.64
C PRO D 324 -1.07 -19.10 31.70
N LEU D 325 -2.37 -18.84 31.99
CA LEU D 325 -3.33 -19.93 32.16
C LEU D 325 -4.39 -20.07 31.05
N THR D 326 -4.68 -19.03 30.24
CA THR D 326 -5.71 -19.15 29.21
C THR D 326 -5.13 -19.12 27.79
N GLY D 327 -3.80 -19.18 27.67
CA GLY D 327 -3.09 -19.15 26.39
C GLY D 327 -2.43 -20.45 26.01
N LEU D 328 -1.32 -20.37 25.28
CA LEU D 328 -0.57 -21.55 24.81
C LEU D 328 0.47 -21.98 25.84
N ALA D 329 1.07 -20.99 26.57
CA ALA D 329 2.04 -21.18 27.65
C ALA D 329 3.19 -22.14 27.26
N GLU D 330 3.72 -21.96 26.04
CA GLU D 330 4.81 -22.79 25.52
C GLU D 330 6.14 -22.30 26.06
N ILE D 331 6.31 -20.98 26.13
CA ILE D 331 7.54 -20.34 26.57
C ILE D 331 7.21 -19.20 27.54
N GLN D 332 8.25 -18.66 28.17
CA GLN D 332 8.18 -17.51 29.06
C GLN D 332 9.10 -16.44 28.54
N LEU D 333 8.54 -15.27 28.27
CA LEU D 333 9.32 -14.11 27.83
C LEU D 333 9.88 -13.40 29.06
N PRO D 334 11.09 -12.80 28.98
CA PRO D 334 11.60 -12.01 30.12
C PRO D 334 10.68 -10.82 30.45
N ASP D 335 10.49 -10.55 31.76
CA ASP D 335 9.71 -9.40 32.25
C ASP D 335 10.48 -8.12 31.97
N LEU D 336 9.83 -7.11 31.38
CA LEU D 336 10.53 -5.86 31.07
C LEU D 336 9.95 -4.65 31.81
N GLN D 337 8.65 -4.69 32.16
CA GLN D 337 7.93 -3.62 32.86
C GLN D 337 6.53 -4.07 33.32
N PRO D 338 5.91 -3.46 34.38
CA PRO D 338 4.52 -3.86 34.75
C PRO D 338 3.58 -3.69 33.54
N GLY D 339 2.77 -4.70 33.28
CA GLY D 339 1.90 -4.74 32.11
C GLY D 339 0.68 -3.83 32.09
N SER D 340 0.01 -3.67 33.25
CA SER D 340 -1.22 -2.91 33.30
C SER D 340 -1.26 -1.87 34.39
N SER D 341 -1.94 -0.75 34.10
CA SER D 341 -2.21 0.34 35.03
C SER D 341 -3.40 -0.04 35.96
N ILE D 342 -4.26 -1.00 35.53
CA ILE D 342 -5.47 -1.44 36.24
C ILE D 342 -5.35 -2.91 36.77
N MET D 343 -4.92 -3.87 35.91
CA MET D 343 -4.79 -5.29 36.24
C MET D 343 -3.42 -5.58 36.86
N PRO D 344 -3.36 -5.81 38.18
CA PRO D 344 -2.06 -5.96 38.85
C PRO D 344 -1.45 -7.36 38.71
N GLY D 345 -0.12 -7.39 38.53
CA GLY D 345 0.68 -8.60 38.34
C GLY D 345 0.86 -9.04 36.90
N LYS D 346 -0.02 -8.56 36.00
CA LYS D 346 -0.02 -8.88 34.56
C LYS D 346 1.23 -8.31 33.86
N VAL D 347 1.89 -9.14 33.03
CA VAL D 347 3.08 -8.77 32.25
C VAL D 347 2.78 -9.07 30.77
N ASN D 348 3.05 -8.09 29.90
CA ASN D 348 2.73 -8.19 28.48
C ASN D 348 3.96 -8.35 27.56
N PRO D 349 3.80 -9.00 26.38
CA PRO D 349 4.95 -9.15 25.43
C PRO D 349 5.23 -7.81 24.72
N VAL D 350 5.80 -6.85 25.46
CA VAL D 350 6.04 -5.49 24.99
C VAL D 350 7.06 -5.42 23.82
N LEU D 351 8.10 -6.29 23.80
CA LEU D 351 9.06 -6.24 22.70
C LEU D 351 8.47 -6.81 21.39
N PRO D 352 7.78 -7.99 21.34
CA PRO D 352 7.09 -8.38 20.10
C PRO D 352 6.10 -7.30 19.60
N GLU D 353 5.45 -6.55 20.52
CA GLU D 353 4.54 -5.45 20.17
C GLU D 353 5.30 -4.29 19.49
N ALA D 354 6.48 -3.93 20.02
CA ALA D 354 7.30 -2.87 19.43
C ALA D 354 7.76 -3.29 18.03
N VAL D 355 8.15 -4.57 17.86
CA VAL D 355 8.61 -5.16 16.59
C VAL D 355 7.48 -5.10 15.53
N THR D 356 6.25 -5.58 15.86
CA THR D 356 5.12 -5.61 14.90
C THR D 356 4.67 -4.18 14.53
N GLN D 357 4.80 -3.21 15.46
CA GLN D 357 4.47 -1.80 15.18
C GLN D 357 5.50 -1.18 14.25
N VAL D 358 6.80 -1.47 14.46
CA VAL D 358 7.89 -1.01 13.59
C VAL D 358 7.65 -1.57 12.17
N ALA D 359 7.30 -2.87 12.06
CA ALA D 359 7.02 -3.55 10.81
C ALA D 359 5.90 -2.83 10.02
N ALA D 360 4.80 -2.42 10.72
CA ALA D 360 3.70 -1.68 10.11
C ALA D 360 4.20 -0.33 9.55
N GLN D 361 5.07 0.37 10.30
CA GLN D 361 5.66 1.64 9.88
C GLN D 361 6.52 1.47 8.61
N VAL D 362 7.32 0.39 8.55
CA VAL D 362 8.19 0.06 7.41
C VAL D 362 7.32 -0.19 6.16
N ILE D 363 6.18 -0.89 6.31
CA ILE D 363 5.22 -1.17 5.23
C ILE D 363 4.66 0.16 4.70
N GLY D 364 4.26 1.04 5.61
CA GLY D 364 3.74 2.36 5.28
C GLY D 364 4.77 3.21 4.56
N ASN D 365 6.00 3.32 5.13
CA ASN D 365 7.09 4.10 4.54
C ASN D 365 7.44 3.60 3.14
N ASP D 366 7.37 2.27 2.92
CA ASP D 366 7.64 1.58 1.66
C ASP D 366 6.67 2.05 0.55
N ALA D 367 5.38 2.18 0.88
CA ALA D 367 4.34 2.66 -0.04
C ALA D 367 4.59 4.12 -0.45
N ALA D 368 5.06 4.97 0.47
CA ALA D 368 5.38 6.39 0.21
C ALA D 368 6.61 6.49 -0.71
N ILE D 369 7.62 5.63 -0.50
CA ILE D 369 8.86 5.60 -1.29
C ILE D 369 8.55 5.24 -2.76
N ALA D 370 7.75 4.17 -2.99
CA ALA D 370 7.35 3.70 -4.32
C ALA D 370 6.55 4.77 -5.04
N TRP D 371 5.63 5.44 -4.32
CA TRP D 371 4.80 6.51 -4.84
C TRP D 371 5.69 7.64 -5.37
N GLY D 372 6.66 8.06 -4.56
CA GLY D 372 7.63 9.10 -4.94
C GLY D 372 8.50 8.67 -6.10
N GLY D 373 8.94 7.42 -6.07
CA GLY D 373 9.82 6.85 -7.09
C GLY D 373 9.27 6.83 -8.50
N ALA D 374 7.96 6.59 -8.63
CA ALA D 374 7.31 6.46 -9.93
C ALA D 374 7.03 7.78 -10.59
N ASN D 375 7.01 8.88 -9.80
CA ASN D 375 6.53 10.15 -10.28
C ASN D 375 7.60 11.18 -10.63
N GLY D 376 8.76 10.71 -11.06
CA GLY D 376 9.79 11.58 -11.59
C GLY D 376 9.36 12.10 -12.96
N ALA D 377 10.01 13.16 -13.45
CA ALA D 377 9.68 13.69 -14.77
C ALA D 377 10.95 14.14 -15.47
N PHE D 378 11.13 13.63 -16.70
CA PHE D 378 12.25 13.94 -17.58
C PHE D 378 13.62 13.78 -16.88
N GLU D 379 14.38 14.86 -16.69
CA GLU D 379 15.75 14.81 -16.16
C GLU D 379 15.85 14.74 -14.63
N LEU D 380 14.72 14.85 -13.89
CA LEU D 380 14.80 14.86 -12.44
C LEU D 380 13.55 14.33 -11.73
N ASN D 381 13.79 13.46 -10.73
CA ASN D 381 12.76 12.98 -9.83
C ASN D 381 12.76 13.97 -8.68
N VAL D 382 11.62 14.67 -8.43
CA VAL D 382 11.53 15.69 -7.41
C VAL D 382 10.73 15.22 -6.14
N TYR D 383 11.03 14.01 -5.65
CA TYR D 383 10.44 13.44 -4.44
C TYR D 383 11.53 13.01 -3.45
N ILE D 384 12.79 13.45 -3.70
CA ILE D 384 13.98 13.02 -2.94
C ILE D 384 13.88 13.30 -1.42
N PRO D 385 13.57 14.51 -0.90
CA PRO D 385 13.54 14.67 0.56
C PRO D 385 12.54 13.74 1.25
N MET D 386 11.34 13.57 0.66
CA MET D 386 10.31 12.67 1.20
C MET D 386 10.81 11.21 1.14
N MET D 387 11.38 10.77 -0.01
CA MET D 387 11.89 9.40 -0.17
C MET D 387 13.04 9.12 0.82
N ALA D 388 13.94 10.11 1.02
CA ALA D 388 15.08 10.04 1.94
C ALA D 388 14.59 9.87 3.38
N ARG D 389 13.61 10.69 3.82
CA ARG D 389 13.05 10.60 5.17
C ARG D 389 12.55 9.19 5.47
N ASN D 390 11.75 8.63 4.57
CA ASN D 390 11.13 7.34 4.75
C ASN D 390 12.11 6.17 4.73
N ILE D 391 13.07 6.14 3.77
CA ILE D 391 14.01 5.02 3.70
C ILE D 391 14.97 5.02 4.89
N LEU D 392 15.41 6.20 5.34
CA LEU D 392 16.35 6.30 6.45
C LEU D 392 15.66 5.98 7.78
N GLU D 393 14.37 6.32 7.91
CA GLU D 393 13.62 5.97 9.11
C GLU D 393 13.44 4.44 9.19
N SER D 394 13.07 3.80 8.08
CA SER D 394 12.89 2.34 8.04
C SER D 394 14.19 1.64 8.41
N PHE D 395 15.36 2.11 7.92
CA PHE D 395 16.67 1.55 8.29
C PHE D 395 16.90 1.67 9.81
N LYS D 396 16.66 2.88 10.36
CA LYS D 396 16.83 3.19 11.78
C LYS D 396 15.92 2.32 12.69
N LEU D 397 14.60 2.30 12.41
CA LEU D 397 13.60 1.54 13.18
C LEU D 397 13.95 0.06 13.20
N LEU D 398 14.28 -0.53 12.02
CA LEU D 398 14.64 -1.95 11.93
C LEU D 398 15.95 -2.26 12.66
N THR D 399 16.94 -1.36 12.59
CA THR D 399 18.23 -1.53 13.25
C THR D 399 18.06 -1.59 14.77
N ASN D 400 17.38 -0.57 15.33
CA ASN D 400 17.19 -0.42 16.76
C ASN D 400 16.26 -1.49 17.35
N VAL D 401 15.16 -1.84 16.67
CA VAL D 401 14.23 -2.83 17.21
C VAL D 401 14.81 -4.26 17.13
N SER D 402 15.67 -4.55 16.13
CA SER D 402 16.30 -5.88 15.99
C SER D 402 17.27 -6.16 17.14
N ARG D 403 18.07 -5.14 17.55
CA ARG D 403 19.02 -5.26 18.66
C ARG D 403 18.28 -5.44 19.98
N LEU D 404 17.21 -4.65 20.21
CA LEU D 404 16.40 -4.72 21.43
C LEU D 404 15.68 -6.08 21.51
N PHE D 405 15.13 -6.56 20.38
CA PHE D 405 14.44 -7.85 20.30
C PHE D 405 15.41 -8.98 20.61
N ALA D 406 16.64 -8.92 20.06
CA ALA D 406 17.66 -9.95 20.29
C ALA D 406 18.10 -10.01 21.75
N GLN D 407 18.41 -8.85 22.35
CA GLN D 407 18.95 -8.72 23.70
C GLN D 407 17.92 -8.76 24.83
N ARG D 408 16.79 -8.08 24.68
CA ARG D 408 15.81 -7.98 25.76
C ARG D 408 14.66 -9.01 25.66
N CYS D 409 14.60 -9.81 24.59
CA CYS D 409 13.54 -10.79 24.44
C CYS D 409 14.08 -12.20 24.12
N ILE D 410 14.70 -12.39 22.93
CA ILE D 410 15.18 -13.70 22.45
C ILE D 410 16.19 -14.35 23.40
N ALA D 411 17.25 -13.62 23.79
CA ALA D 411 18.31 -14.13 24.66
C ALA D 411 17.80 -14.76 25.98
N GLY D 412 16.77 -14.18 26.57
CA GLY D 412 16.23 -14.64 27.85
C GLY D 412 14.99 -15.51 27.84
N LEU D 413 14.58 -16.02 26.67
CA LEU D 413 13.40 -16.91 26.58
C LEU D 413 13.61 -18.23 27.32
N THR D 414 12.57 -18.72 28.01
CA THR D 414 12.62 -20.02 28.71
C THR D 414 11.51 -20.90 28.17
N ALA D 415 11.82 -22.18 27.91
CA ALA D 415 10.84 -23.16 27.38
C ALA D 415 10.23 -23.97 28.51
N ASN D 416 8.90 -24.21 28.44
CA ASN D 416 8.17 -25.07 29.38
C ASN D 416 8.24 -26.49 28.80
N VAL D 417 9.44 -27.10 28.90
CA VAL D 417 9.84 -28.39 28.32
C VAL D 417 8.85 -29.53 28.63
N GLU D 418 8.53 -29.77 29.91
CA GLU D 418 7.64 -30.86 30.35
C GLU D 418 6.21 -30.71 29.79
N HIS D 419 5.65 -29.49 29.82
CA HIS D 419 4.32 -29.19 29.28
C HIS D 419 4.27 -29.48 27.76
N LEU D 420 5.32 -29.01 27.02
CA LEU D 420 5.44 -29.19 25.57
C LEU D 420 5.51 -30.68 25.18
N ARG D 421 6.30 -31.48 25.92
CA ARG D 421 6.43 -32.92 25.65
C ARG D 421 5.11 -33.64 25.96
N ARG D 422 4.43 -33.28 27.07
CA ARG D 422 3.15 -33.90 27.47
C ARG D 422 2.09 -33.76 26.37
N LEU D 423 1.94 -32.55 25.78
CA LEU D 423 0.94 -32.33 24.73
C LEU D 423 1.30 -33.11 23.47
N ALA D 424 2.60 -33.18 23.10
CA ALA D 424 3.04 -33.94 21.92
C ALA D 424 2.75 -35.45 22.11
N GLU D 425 2.99 -35.98 23.34
CA GLU D 425 2.74 -37.39 23.68
C GLU D 425 1.24 -37.70 23.86
N SER D 426 0.39 -36.67 23.94
CA SER D 426 -1.06 -36.81 24.12
C SER D 426 -1.85 -36.53 22.84
N SER D 427 -1.12 -36.20 21.76
CA SER D 427 -1.72 -35.80 20.49
C SER D 427 -2.30 -36.98 19.65
N PRO D 428 -3.56 -36.83 19.16
CA PRO D 428 -4.15 -37.87 18.29
C PRO D 428 -3.38 -38.08 16.97
N SER D 429 -2.57 -37.09 16.54
CA SER D 429 -1.76 -37.14 15.31
C SER D 429 -0.67 -38.25 15.35
N ILE D 430 -0.20 -38.65 16.56
CA ILE D 430 0.88 -39.63 16.71
C ILE D 430 0.37 -41.11 16.77
N VAL D 431 -0.94 -41.35 16.52
CA VAL D 431 -1.50 -42.71 16.53
C VAL D 431 -1.23 -43.44 15.19
N THR D 432 -0.93 -42.70 14.09
CA THR D 432 -0.68 -43.23 12.75
C THR D 432 0.44 -44.32 12.75
N PRO D 433 1.62 -44.15 13.42
CA PRO D 433 2.62 -45.25 13.45
C PRO D 433 2.13 -46.51 14.21
N LEU D 434 0.91 -46.49 14.79
CA LEU D 434 0.34 -47.67 15.46
C LEU D 434 -0.47 -48.54 14.49
N ASN D 435 -0.88 -47.99 13.32
CA ASN D 435 -1.71 -48.66 12.31
C ASN D 435 -1.20 -50.05 11.89
N SER D 436 0.12 -50.22 11.64
CA SER D 436 0.68 -51.50 11.21
C SER D 436 0.68 -52.56 12.34
N ALA D 437 0.33 -52.16 13.57
CA ALA D 437 0.26 -53.09 14.71
C ALA D 437 -1.17 -53.40 15.13
N ILE D 438 -2.04 -52.37 15.24
CA ILE D 438 -3.41 -52.55 15.76
C ILE D 438 -4.52 -52.19 14.75
N GLY D 439 -4.17 -51.60 13.61
CA GLY D 439 -5.15 -51.17 12.61
C GLY D 439 -5.62 -49.75 12.86
N TYR D 440 -5.98 -49.03 11.77
CA TYR D 440 -6.40 -47.62 11.82
C TYR D 440 -7.69 -47.41 12.64
N GLU D 441 -8.61 -48.41 12.65
CA GLU D 441 -9.87 -48.36 13.39
C GLU D 441 -9.60 -48.29 14.91
N GLU D 442 -8.73 -49.20 15.42
CA GLU D 442 -8.35 -49.23 16.83
C GLU D 442 -7.49 -48.02 17.18
N ALA D 443 -6.65 -47.55 16.24
CA ALA D 443 -5.81 -46.36 16.43
C ALA D 443 -6.67 -45.10 16.61
N ALA D 444 -7.81 -45.01 15.87
CA ALA D 444 -8.77 -43.91 15.96
C ALA D 444 -9.50 -43.95 17.31
N ALA D 445 -9.80 -45.17 17.80
CA ALA D 445 -10.46 -45.38 19.10
C ALA D 445 -9.52 -44.97 20.25
N VAL D 446 -8.20 -45.24 20.10
CA VAL D 446 -7.16 -44.86 21.07
C VAL D 446 -7.10 -43.32 21.14
N ALA D 447 -7.06 -42.65 19.98
CA ALA D 447 -7.02 -41.19 19.86
C ALA D 447 -8.24 -40.54 20.52
N LYS D 448 -9.43 -41.11 20.31
CA LYS D 448 -10.70 -40.63 20.86
C LYS D 448 -10.72 -40.75 22.41
N GLN D 449 -10.29 -41.90 22.96
CA GLN D 449 -10.25 -42.15 24.40
C GLN D 449 -9.20 -41.26 25.10
N ALA D 450 -8.03 -41.04 24.44
CA ALA D 450 -6.94 -40.22 24.98
C ALA D 450 -7.38 -38.79 25.23
N LEU D 451 -8.12 -38.17 24.27
CA LEU D 451 -8.63 -36.80 24.39
C LEU D 451 -9.65 -36.69 25.50
N LYS D 452 -10.57 -37.67 25.59
CA LYS D 452 -11.66 -37.75 26.56
C LYS D 452 -11.13 -37.85 28.00
N GLU D 453 -10.11 -38.68 28.23
CA GLU D 453 -9.54 -38.92 29.55
C GLU D 453 -8.33 -38.00 29.85
N ARG D 454 -7.92 -37.16 28.87
CA ARG D 454 -6.81 -36.21 28.94
C ARG D 454 -5.47 -36.93 29.26
N LYS D 455 -5.30 -38.12 28.65
CA LYS D 455 -4.15 -39.00 28.84
C LYS D 455 -3.24 -39.03 27.61
N THR D 456 -2.02 -39.56 27.78
CA THR D 456 -1.07 -39.74 26.69
C THR D 456 -1.56 -40.91 25.81
N ILE D 457 -1.10 -40.96 24.55
CA ILE D 457 -1.47 -42.05 23.64
C ILE D 457 -0.94 -43.38 24.20
N ARG D 458 0.28 -43.35 24.77
CA ARG D 458 0.95 -44.50 25.38
C ARG D 458 0.10 -45.13 26.48
N GLN D 459 -0.36 -44.31 27.46
CA GLN D 459 -1.17 -44.75 28.59
C GLN D 459 -2.53 -45.31 28.11
N THR D 460 -3.12 -44.69 27.08
CA THR D 460 -4.40 -45.10 26.50
C THR D 460 -4.27 -46.50 25.85
N VAL D 461 -3.17 -46.76 25.10
CA VAL D 461 -2.91 -48.06 24.46
C VAL D 461 -2.85 -49.15 25.56
N ILE D 462 -2.15 -48.87 26.69
CA ILE D 462 -2.03 -49.76 27.84
C ILE D 462 -3.42 -49.98 28.48
N ASP D 463 -4.14 -48.88 28.80
CA ASP D 463 -5.48 -48.90 29.42
C ASP D 463 -6.52 -49.70 28.61
N ARG D 464 -6.38 -49.72 27.26
CA ARG D 464 -7.30 -50.44 26.38
C ARG D 464 -6.91 -51.93 26.25
N GLY D 465 -5.86 -52.36 26.97
CA GLY D 465 -5.36 -53.74 26.99
C GLY D 465 -4.83 -54.23 25.67
N LEU D 466 -4.11 -53.35 24.93
CA LEU D 466 -3.57 -53.67 23.60
C LEU D 466 -2.13 -54.24 23.62
N ILE D 467 -1.47 -54.25 24.80
CA ILE D 467 -0.12 -54.81 24.93
C ILE D 467 -0.23 -56.34 25.02
N GLY D 468 0.41 -57.01 24.07
CA GLY D 468 0.41 -58.46 23.96
C GLY D 468 1.40 -58.96 22.94
N ASP D 469 1.04 -60.05 22.22
CA ASP D 469 1.87 -60.66 21.18
C ASP D 469 1.94 -59.76 19.95
N ARG D 470 0.81 -59.10 19.60
CA ARG D 470 0.68 -58.19 18.47
C ARG D 470 1.50 -56.88 18.67
N LEU D 471 1.68 -56.45 19.94
CA LEU D 471 2.42 -55.22 20.26
C LEU D 471 3.01 -55.28 21.68
N SER D 472 4.35 -55.21 21.79
CA SER D 472 5.04 -55.17 23.08
C SER D 472 5.21 -53.71 23.52
N ILE D 473 5.53 -53.48 24.80
CA ILE D 473 5.70 -52.12 25.36
C ILE D 473 6.96 -51.46 24.76
N GLU D 474 8.01 -52.26 24.44
CA GLU D 474 9.23 -51.75 23.81
C GLU D 474 8.92 -51.26 22.40
N ASP D 475 8.06 -52.02 21.68
CA ASP D 475 7.61 -51.70 20.32
C ASP D 475 6.72 -50.45 20.33
N LEU D 476 5.89 -50.28 21.39
CA LEU D 476 4.99 -49.13 21.58
C LEU D 476 5.79 -47.83 21.77
N ASP D 477 6.84 -47.86 22.62
CA ASP D 477 7.70 -46.72 22.92
C ASP D 477 8.51 -46.29 21.69
N ARG D 478 8.84 -47.25 20.81
CA ARG D 478 9.56 -47.03 19.57
C ARG D 478 8.63 -46.30 18.56
N ARG D 479 7.39 -46.82 18.39
CA ARG D 479 6.38 -46.26 17.49
C ARG D 479 5.90 -44.88 17.96
N LEU D 480 5.83 -44.66 19.29
CA LEU D 480 5.36 -43.37 19.83
C LEU D 480 6.49 -42.43 20.27
N ASP D 481 7.73 -42.64 19.79
CA ASP D 481 8.86 -41.78 20.10
C ASP D 481 8.65 -40.45 19.34
N VAL D 482 8.11 -39.43 20.05
CA VAL D 482 7.76 -38.13 19.47
C VAL D 482 8.99 -37.34 18.99
N LEU D 483 10.14 -37.46 19.69
CA LEU D 483 11.37 -36.77 19.29
C LEU D 483 11.86 -37.32 17.94
N ALA D 484 11.82 -38.66 17.78
CA ALA D 484 12.19 -39.34 16.52
C ALA D 484 11.24 -38.92 15.37
N MET D 485 9.94 -38.69 15.68
CA MET D 485 8.94 -38.23 14.70
C MET D 485 9.27 -36.83 14.16
N ALA D 486 9.87 -35.96 15.00
CA ALA D 486 10.29 -34.61 14.62
C ALA D 486 11.51 -34.66 13.68
N LYS D 487 12.23 -35.80 13.66
CA LYS D 487 13.41 -36.09 12.83
C LYS D 487 14.47 -34.99 12.96
N ALA D 488 14.92 -34.72 14.19
CA ALA D 488 15.95 -33.70 14.46
C ALA D 488 17.33 -34.17 13.95
N GLU D 489 18.14 -33.24 13.41
CA GLU D 489 19.48 -33.49 12.84
C GLU D 489 20.48 -34.04 13.86
C1 LMR E . -10.63 11.13 -25.97
O1A LMR E . -10.63 11.90 -25.03
O1B LMR E . -9.91 11.28 -27.04
C2 LMR E . -11.51 9.89 -25.98
O2 LMR E . -11.32 9.09 -24.81
C3 LMR E . -12.97 10.33 -26.08
C4 LMR E . -13.94 9.27 -26.53
O4A LMR E . -13.63 8.16 -26.89
O4B LMR E . -15.19 9.69 -26.52
C1 LMR F . -3.36 -4.53 29.67
O1A LMR F . -4.33 -4.82 28.98
O1B LMR F . -2.63 -5.41 30.31
C2 LMR F . -2.90 -3.08 29.84
O2 LMR F . -2.67 -2.50 28.56
C3 LMR F . -3.99 -2.31 30.58
C4 LMR F . -3.55 -1.03 31.26
O4A LMR F . -2.42 -0.60 31.24
O4B LMR F . -4.53 -0.42 31.89
#